data_9H28
#
_entry.id   9H28
#
loop_
_entity.id
_entity.type
_entity.pdbx_description
1 polymer 'Envelope protein E'
2 polymer 'Small envelope protein M'
3 branched 2-acetamido-2-deoxy-beta-D-glucopyranose-(1-4)-2-acetamido-2-deoxy-beta-D-glucopyranose
4 non-polymer 1-PALMITOYL-2-LINOLEOYL-SN-GLYCERO-3-PHOSPHOCHOLINE
#
loop_
_entity_poly.entity_id
_entity_poly.type
_entity_poly.pdbx_seq_one_letter_code
_entity_poly.pdbx_strand_id
1 'polypeptide(L)'
;SRCTHLENRDFVTGTQGTTRVTLVLELGGCVTITAEGKPSMDVWLDAIYQENPAKTREYCLHAKLSDTKVAARCPTMGPA
TLTEEHQGGTVCKRDQSDRGWGNHCGLFGKGSIVACVKAACEAKKKATGHVYDANKIVYTVKVEPHTGDYVAANETHSGR
KTASFTVSSEKTILTMGEYGDVSLLCRVASGVDLAQTVILELDKTVEHLPTAWQVHRDWFNDLALPWKHEGAQNWNNAER
LVEFGAPHAVKMDVYNLGDQTGVLLKALAGVPVAHIEGTKYHLKSGHVTCEVGLEKLKMKGLTYTMCDKTKFTWKRAPTD
SGHDTVVMEVTFSGTKPCRIPVRAVAHGSPDVNVAMLITPNPTIENNGGGFIEMQLPPGDNIIYVGELSHQWFQKGSSIG
RVFQKTKKGIERLTVIGEHAWDFGSAGGFMTSIGRAMHTVLGGAFNTLLGGVGFLPKILLGVAMAWLGLNMRNPTLSMGF
LLSGGLVLAMTLGVGA
;
A,B,C
2 'polypeptide(L)' SVLIPSHAQGELTGRGHKWLEGDSLRTHLTRVEGWVWKNKLLALAMVTVVWLTLESVVTRVAVLVVLLCLAPVYA D,E,F
#
loop_
_chem_comp.id
_chem_comp.type
_chem_comp.name
_chem_comp.formula
CPL non-polymer 1-PALMITOYL-2-LINOLEOYL-SN-GLYCERO-3-PHOSPHOCHOLINE 'C42 H80 N O8 P'
NAG D-saccharide, beta linking 2-acetamido-2-deoxy-beta-D-glucopyranose 'C8 H15 N O6'
#
# COMPACT_ATOMS: atom_id res chain seq x y z
N SER A 1 -52.05 -32.65 -20.43
CA SER A 1 -51.24 -33.15 -19.30
C SER A 1 -49.83 -32.57 -19.36
N ARG A 2 -49.69 -31.27 -19.14
CA ARG A 2 -48.45 -30.48 -19.21
C ARG A 2 -47.28 -31.12 -18.46
N CYS A 3 -47.51 -31.81 -17.36
CA CYS A 3 -46.44 -32.43 -16.59
C CYS A 3 -45.74 -33.59 -17.30
N THR A 4 -46.21 -34.07 -18.46
CA THR A 4 -45.46 -34.98 -19.34
C THR A 4 -44.40 -34.29 -20.18
N HIS A 5 -44.50 -32.97 -20.42
CA HIS A 5 -43.57 -32.25 -21.28
C HIS A 5 -42.18 -32.07 -20.65
N LEU A 6 -42.12 -31.83 -19.34
CA LEU A 6 -40.86 -31.60 -18.63
C LEU A 6 -40.05 -32.88 -18.46
N GLU A 7 -38.74 -32.72 -18.40
CA GLU A 7 -37.80 -33.77 -18.00
C GLU A 7 -37.99 -34.17 -16.53
N ASN A 8 -38.60 -33.28 -15.74
CA ASN A 8 -38.78 -33.39 -14.31
C ASN A 8 -40.28 -33.39 -13.93
N ARG A 9 -40.73 -34.48 -13.31
CA ARG A 9 -42.12 -34.75 -12.95
C ARG A 9 -42.15 -35.53 -11.64
N ASP A 10 -43.18 -35.36 -10.84
CA ASP A 10 -43.37 -36.14 -9.62
C ASP A 10 -44.83 -36.56 -9.42
N PHE A 11 -45.03 -37.61 -8.62
CA PHE A 11 -46.34 -38.20 -8.34
C PHE A 11 -46.59 -38.20 -6.84
N VAL A 12 -47.68 -37.60 -6.37
CA VAL A 12 -48.13 -37.69 -4.97
C VAL A 12 -49.46 -38.43 -4.87
N THR A 13 -49.50 -39.47 -4.05
CA THR A 13 -50.65 -40.38 -3.95
C THR A 13 -51.54 -40.01 -2.77
N GLY A 14 -52.81 -39.72 -3.05
CA GLY A 14 -53.81 -39.39 -2.04
C GLY A 14 -54.76 -40.55 -1.76
N THR A 15 -54.38 -41.48 -0.89
CA THR A 15 -55.24 -42.57 -0.40
C THR A 15 -56.44 -42.02 0.38
N GLN A 16 -57.57 -42.73 0.39
CA GLN A 16 -58.81 -42.24 1.02
C GLN A 16 -58.58 -41.77 2.46
N GLY A 17 -59.14 -40.60 2.81
CA GLY A 17 -58.78 -39.83 4.00
C GLY A 17 -57.85 -38.65 3.72
N THR A 18 -57.22 -38.60 2.54
CA THR A 18 -56.43 -37.46 2.06
C THR A 18 -57.33 -36.41 1.41
N THR A 19 -57.84 -35.47 2.20
CA THR A 19 -58.54 -34.27 1.71
C THR A 19 -57.60 -33.12 1.34
N ARG A 20 -56.35 -33.12 1.81
CA ARG A 20 -55.34 -32.08 1.53
C ARG A 20 -53.90 -32.62 1.50
N VAL A 21 -53.05 -32.00 0.68
CA VAL A 21 -51.66 -32.41 0.40
C VAL A 21 -50.73 -31.19 0.54
N THR A 22 -49.52 -31.39 1.07
CA THR A 22 -48.50 -30.32 1.18
C THR A 22 -47.39 -30.53 0.16
N LEU A 23 -47.11 -29.52 -0.65
CA LEU A 23 -46.14 -29.55 -1.73
C LEU A 23 -45.08 -28.48 -1.51
N VAL A 24 -43.87 -28.73 -2.00
CA VAL A 24 -42.85 -27.70 -2.20
C VAL A 24 -42.69 -27.57 -3.70
N LEU A 25 -43.50 -26.73 -4.33
CA LEU A 25 -43.41 -26.51 -5.77
C LEU A 25 -42.12 -25.75 -6.11
N GLU A 26 -41.46 -26.12 -7.21
CA GLU A 26 -40.19 -25.56 -7.68
C GLU A 26 -40.30 -25.07 -9.12
N LEU A 27 -39.61 -23.99 -9.48
CA LEU A 27 -39.39 -23.66 -10.89
C LEU A 27 -38.56 -24.77 -11.52
N GLY A 28 -38.81 -25.11 -12.78
CA GLY A 28 -38.15 -26.25 -13.43
C GLY A 28 -38.64 -27.61 -12.95
N GLY A 29 -39.89 -27.70 -12.49
CA GLY A 29 -40.51 -28.95 -12.03
C GLY A 29 -42.04 -28.92 -12.07
N CYS A 30 -42.63 -30.09 -11.91
CA CYS A 30 -44.07 -30.33 -11.97
C CYS A 30 -44.47 -31.44 -11.01
N VAL A 31 -45.67 -31.38 -10.44
CA VAL A 31 -46.20 -32.42 -9.55
C VAL A 31 -47.58 -32.83 -10.03
N THR A 32 -47.85 -34.13 -10.01
CA THR A 32 -49.17 -34.70 -10.31
C THR A 32 -49.76 -35.35 -9.07
N ILE A 33 -51.03 -35.04 -8.78
CA ILE A 33 -51.73 -35.59 -7.63
C ILE A 33 -52.64 -36.68 -8.17
N THR A 34 -52.52 -37.89 -7.63
CA THR A 34 -53.37 -39.03 -7.98
C THR A 34 -54.15 -39.46 -6.76
N ALA A 35 -55.38 -38.97 -6.60
CA ALA A 35 -56.21 -39.16 -5.43
C ALA A 35 -57.26 -40.25 -5.64
N GLU A 36 -57.42 -41.15 -4.68
CA GLU A 36 -58.30 -42.33 -4.77
C GLU A 36 -59.77 -41.91 -4.89
N GLY A 37 -60.37 -42.15 -6.06
CA GLY A 37 -61.76 -41.77 -6.35
C GLY A 37 -61.97 -40.36 -6.86
N LYS A 38 -60.90 -39.60 -7.15
CA LYS A 38 -60.94 -38.20 -7.62
C LYS A 38 -60.04 -37.97 -8.86
N PRO A 39 -60.34 -37.02 -9.76
CA PRO A 39 -59.54 -36.76 -10.95
C PRO A 39 -58.08 -36.47 -10.62
N SER A 40 -57.16 -36.89 -11.48
CA SER A 40 -55.75 -36.54 -11.32
C SER A 40 -55.51 -35.09 -11.75
N MET A 41 -54.65 -34.38 -11.02
CA MET A 41 -54.36 -32.96 -11.24
C MET A 41 -52.88 -32.76 -11.56
N ASP A 42 -52.55 -32.00 -12.60
CA ASP A 42 -51.23 -31.38 -12.77
C ASP A 42 -51.16 -30.08 -11.97
N VAL A 43 -50.10 -29.84 -11.19
CA VAL A 43 -49.87 -28.62 -10.39
C VAL A 43 -48.41 -28.18 -10.49
N TRP A 44 -48.13 -26.91 -10.77
CA TRP A 44 -46.74 -26.39 -10.83
C TRP A 44 -46.60 -24.88 -10.57
N LEU A 45 -45.38 -24.45 -10.23
CA LEU A 45 -44.99 -23.06 -10.02
C LEU A 45 -44.43 -22.49 -11.33
N ASP A 46 -45.03 -21.42 -11.84
CA ASP A 46 -44.86 -21.01 -13.24
C ASP A 46 -44.04 -19.73 -13.41
N ALA A 47 -44.03 -18.86 -12.40
CA ALA A 47 -43.21 -17.65 -12.34
C ALA A 47 -43.05 -17.15 -10.89
N ILE A 48 -41.95 -16.45 -10.62
CA ILE A 48 -41.73 -15.64 -9.42
C ILE A 48 -41.22 -14.28 -9.90
N TYR A 49 -41.95 -13.18 -9.72
CA TYR A 49 -41.55 -11.88 -10.29
C TYR A 49 -42.00 -10.65 -9.49
N GLN A 50 -41.39 -9.50 -9.77
CA GLN A 50 -41.84 -8.18 -9.33
C GLN A 50 -41.79 -7.19 -10.50
N GLU A 51 -42.77 -6.28 -10.60
CA GLU A 51 -42.67 -5.13 -11.48
C GLU A 51 -41.84 -4.04 -10.84
N ASN A 52 -40.77 -3.61 -11.53
CA ASN A 52 -39.86 -2.55 -11.11
C ASN A 52 -39.34 -2.68 -9.66
N PRO A 53 -38.46 -3.65 -9.35
CA PRO A 53 -37.78 -3.73 -8.06
C PRO A 53 -36.94 -2.49 -7.77
N ALA A 54 -36.58 -2.28 -6.49
CA ALA A 54 -35.84 -1.10 -6.07
C ALA A 54 -34.36 -1.19 -6.45
N LYS A 55 -33.78 -0.12 -7.02
CA LYS A 55 -32.34 -0.07 -7.30
C LYS A 55 -31.54 0.04 -6.02
N THR A 56 -30.45 -0.70 -5.95
CA THR A 56 -29.40 -0.55 -4.93
C THR A 56 -28.17 0.08 -5.61
N ARG A 57 -26.93 -0.29 -5.26
CA ARG A 57 -25.72 0.28 -5.88
C ARG A 57 -25.70 0.12 -7.40
N GLU A 58 -25.17 1.12 -8.07
CA GLU A 58 -24.66 1.02 -9.42
C GLU A 58 -23.14 1.06 -9.37
N TYR A 59 -22.49 0.14 -10.07
CA TYR A 59 -21.05 0.14 -10.28
C TYR A 59 -20.71 0.51 -11.73
N CYS A 60 -19.51 1.02 -11.96
CA CYS A 60 -18.96 1.31 -13.29
C CYS A 60 -17.84 0.33 -13.65
N LEU A 61 -17.94 -0.36 -14.80
CA LEU A 61 -16.97 -1.38 -15.22
C LEU A 61 -15.86 -0.85 -16.14
N HIS A 62 -15.97 0.35 -16.69
CA HIS A 62 -15.01 0.91 -17.66
C HIS A 62 -14.94 2.43 -17.56
N ALA A 63 -13.80 2.95 -17.09
CA ALA A 63 -13.61 4.38 -16.85
C ALA A 63 -13.34 5.18 -18.12
N LYS A 64 -13.97 6.34 -18.24
CA LYS A 64 -13.63 7.42 -19.16
C LYS A 64 -12.98 8.54 -18.38
N LEU A 65 -11.81 9.00 -18.84
CA LEU A 65 -10.99 10.00 -18.20
C LEU A 65 -10.77 11.20 -19.12
N SER A 66 -10.69 12.40 -18.57
CA SER A 66 -10.53 13.64 -19.35
C SER A 66 -9.92 14.78 -18.52
N ASP A 67 -9.43 15.81 -19.21
CA ASP A 67 -8.91 17.05 -18.61
C ASP A 67 -7.84 16.83 -17.53
N THR A 68 -6.80 16.04 -17.81
CA THR A 68 -5.73 15.84 -16.83
C THR A 68 -4.86 17.08 -16.65
N LYS A 69 -4.51 17.39 -15.40
CA LYS A 69 -3.77 18.60 -15.00
C LYS A 69 -2.72 18.26 -13.97
N VAL A 70 -1.64 19.03 -13.92
CA VAL A 70 -0.53 18.81 -12.99
C VAL A 70 0.10 20.12 -12.57
N ALA A 71 0.58 20.20 -11.34
CA ALA A 71 1.25 21.35 -10.76
C ALA A 71 2.34 20.88 -9.81
N ALA A 72 3.47 21.59 -9.74
CA ALA A 72 4.61 21.21 -8.93
C ALA A 72 5.33 22.44 -8.35
N ARG A 73 6.01 22.27 -7.21
CA ARG A 73 6.74 23.31 -6.49
C ARG A 73 8.12 22.83 -6.02
N CYS A 74 9.09 23.74 -6.06
CA CYS A 74 10.50 23.48 -5.80
C CYS A 74 10.75 23.01 -4.36
N PRO A 75 11.84 22.28 -4.07
CA PRO A 75 12.15 21.84 -2.72
C PRO A 75 12.20 23.02 -1.73
N THR A 76 11.63 22.84 -0.54
CA THR A 76 11.41 23.85 0.50
C THR A 76 10.43 24.99 0.18
N MET A 77 9.93 25.15 -1.04
CA MET A 77 8.95 26.20 -1.40
C MET A 77 7.49 25.83 -1.08
N GLY A 78 7.27 24.82 -0.25
CA GLY A 78 5.95 24.38 0.24
C GLY A 78 5.18 23.46 -0.71
N PRO A 79 4.23 22.65 -0.23
CA PRO A 79 3.53 21.65 -1.03
C PRO A 79 2.66 22.24 -2.16
N ALA A 80 2.55 21.54 -3.30
CA ALA A 80 1.73 21.96 -4.43
C ALA A 80 0.25 21.67 -4.20
N THR A 81 -0.66 22.50 -4.73
CA THR A 81 -2.11 22.26 -4.69
C THR A 81 -2.82 22.96 -5.84
N LEU A 82 -4.00 22.47 -6.24
CA LEU A 82 -4.70 22.85 -7.46
C LEU A 82 -6.23 22.81 -7.26
N THR A 83 -6.98 23.63 -7.99
CA THR A 83 -8.40 23.87 -7.69
C THR A 83 -9.30 22.63 -7.82
N GLU A 84 -9.04 21.72 -8.76
CA GLU A 84 -9.77 20.46 -8.88
C GLU A 84 -9.57 19.48 -7.70
N GLU A 85 -8.60 19.69 -6.80
CA GLU A 85 -8.28 18.76 -5.71
C GLU A 85 -9.40 18.58 -4.67
N HIS A 86 -10.33 19.54 -4.58
CA HIS A 86 -11.47 19.53 -3.64
C HIS A 86 -12.85 19.38 -4.30
N GLN A 87 -12.93 19.30 -5.63
CA GLN A 87 -14.19 19.09 -6.35
C GLN A 87 -14.68 17.63 -6.28
N GLY A 88 -15.96 17.41 -6.63
CA GLY A 88 -16.53 16.09 -6.85
C GLY A 88 -16.33 15.63 -8.29
N GLY A 89 -16.12 14.34 -8.50
CA GLY A 89 -15.83 13.78 -9.83
C GLY A 89 -14.40 14.03 -10.29
N THR A 90 -13.40 13.75 -9.45
CA THR A 90 -11.97 13.87 -9.76
C THR A 90 -11.16 12.88 -8.93
N VAL A 91 -10.06 12.37 -9.48
CA VAL A 91 -9.09 11.51 -8.77
C VAL A 91 -7.75 12.24 -8.68
N CYS A 92 -7.10 12.26 -7.51
CA CYS A 92 -5.82 12.94 -7.29
C CYS A 92 -4.79 12.15 -6.49
N LYS A 93 -3.52 12.39 -6.82
CA LYS A 93 -2.33 11.81 -6.21
C LYS A 93 -1.36 12.94 -5.86
N ARG A 94 -0.74 12.80 -4.70
CA ARG A 94 0.25 13.71 -4.12
C ARG A 94 1.56 12.98 -3.97
N ASP A 95 2.64 13.48 -4.56
CA ASP A 95 3.88 12.74 -4.65
C ASP A 95 5.12 13.63 -4.68
N GLN A 96 6.28 13.01 -4.48
CA GLN A 96 7.55 13.69 -4.28
C GLN A 96 8.49 13.50 -5.47
N SER A 97 8.44 14.41 -6.44
CA SER A 97 9.43 14.48 -7.52
C SER A 97 10.82 14.78 -7.00
N ASP A 98 11.83 14.09 -7.51
CA ASP A 98 13.23 14.51 -7.35
C ASP A 98 13.52 15.74 -8.23
N ARG A 99 14.08 16.81 -7.66
CA ARG A 99 14.43 18.04 -8.38
C ARG A 99 15.83 18.56 -8.01
N GLY A 100 16.35 19.47 -8.83
CA GLY A 100 17.72 19.99 -8.78
C GLY A 100 17.93 21.05 -9.87
N TRP A 101 19.16 21.55 -10.03
CA TRP A 101 19.44 22.67 -10.94
C TRP A 101 19.08 22.39 -12.39
N GLY A 102 19.21 21.14 -12.84
CA GLY A 102 18.84 20.74 -14.20
C GLY A 102 17.36 20.92 -14.52
N ASN A 103 16.50 20.90 -13.51
CA ASN A 103 15.04 21.00 -13.64
C ASN A 103 14.50 22.35 -13.17
N HIS A 104 15.32 23.41 -13.24
CA HIS A 104 15.03 24.80 -12.83
C HIS A 104 14.76 25.06 -11.34
N CYS A 105 15.17 24.17 -10.43
CA CYS A 105 15.13 24.43 -8.98
C CYS A 105 16.40 25.12 -8.47
N GLY A 106 16.30 25.77 -7.31
CA GLY A 106 17.44 26.41 -6.62
C GLY A 106 18.27 25.46 -5.76
N LEU A 107 17.71 24.32 -5.37
CA LEU A 107 18.31 23.32 -4.48
C LEU A 107 18.10 21.91 -5.04
N PHE A 108 18.91 20.95 -4.62
CA PHE A 108 18.77 19.54 -4.98
C PHE A 108 18.07 18.79 -3.85
N GLY A 109 16.95 18.13 -4.15
CA GLY A 109 16.14 17.43 -3.16
C GLY A 109 14.72 17.13 -3.64
N LYS A 110 13.92 16.50 -2.78
CA LYS A 110 12.53 16.14 -3.07
C LYS A 110 11.61 17.36 -2.99
N GLY A 111 10.89 17.61 -4.07
CA GLY A 111 9.91 18.67 -4.24
C GLY A 111 8.50 18.22 -3.90
N SER A 112 7.50 18.80 -4.53
CA SER A 112 6.10 18.36 -4.42
C SER A 112 5.39 18.45 -5.76
N ILE A 113 4.64 17.42 -6.14
CA ILE A 113 3.84 17.37 -7.36
C ILE A 113 2.43 16.87 -7.03
N VAL A 114 1.41 17.44 -7.67
CA VAL A 114 0.02 16.97 -7.57
C VAL A 114 -0.57 16.81 -8.96
N ALA A 115 -1.29 15.72 -9.19
CA ALA A 115 -1.90 15.37 -10.47
C ALA A 115 -3.41 15.13 -10.33
N CYS A 116 -4.20 15.55 -11.31
CA CYS A 116 -5.66 15.48 -11.32
C CYS A 116 -6.18 14.90 -12.64
N VAL A 117 -7.32 14.19 -12.62
CA VAL A 117 -8.07 13.78 -13.81
C VAL A 117 -9.55 13.56 -13.49
N LYS A 118 -10.47 13.95 -14.38
CA LYS A 118 -11.91 13.70 -14.22
C LYS A 118 -12.24 12.24 -14.56
N ALA A 119 -13.33 11.71 -14.01
CA ALA A 119 -13.77 10.33 -14.25
C ALA A 119 -15.28 10.22 -14.48
N ALA A 120 -15.68 9.36 -15.41
CA ALA A 120 -17.05 9.01 -15.75
C ALA A 120 -17.17 7.55 -16.24
N CYS A 121 -18.36 6.98 -16.30
CA CYS A 121 -18.61 5.65 -16.90
C CYS A 121 -18.96 5.82 -18.38
N GLU A 122 -18.43 4.98 -19.27
CA GLU A 122 -18.90 4.95 -20.66
C GLU A 122 -20.35 4.49 -20.75
N ALA A 123 -21.07 4.95 -21.78
CA ALA A 123 -22.53 5.10 -21.73
C ALA A 123 -23.33 3.82 -21.39
N LYS A 124 -22.84 2.65 -21.78
CA LYS A 124 -23.51 1.36 -21.59
C LYS A 124 -22.83 0.43 -20.57
N LYS A 125 -21.70 0.83 -19.98
CA LYS A 125 -20.80 -0.05 -19.23
C LYS A 125 -21.09 -0.18 -17.73
N LYS A 126 -22.30 0.17 -17.26
CA LYS A 126 -22.68 0.04 -15.84
C LYS A 126 -23.04 -1.40 -15.44
N ALA A 127 -22.96 -1.68 -14.14
CA ALA A 127 -23.63 -2.79 -13.48
C ALA A 127 -24.61 -2.26 -12.44
N THR A 128 -25.88 -2.60 -12.53
CA THR A 128 -26.94 -2.12 -11.63
C THR A 128 -27.46 -3.27 -10.80
N GLY A 129 -27.46 -3.14 -9.47
CA GLY A 129 -28.17 -4.08 -8.61
C GLY A 129 -29.63 -3.67 -8.40
N HIS A 130 -30.52 -4.66 -8.34
CA HIS A 130 -31.92 -4.53 -7.94
C HIS A 130 -32.27 -5.49 -6.82
N VAL A 131 -33.19 -5.11 -5.93
CA VAL A 131 -33.60 -5.89 -4.76
C VAL A 131 -35.12 -5.96 -4.65
N TYR A 132 -35.64 -7.15 -4.31
CA TYR A 132 -37.08 -7.46 -4.20
C TYR A 132 -37.73 -6.92 -2.93
N ASP A 133 -39.03 -6.59 -2.99
CA ASP A 133 -39.86 -6.21 -1.84
C ASP A 133 -40.90 -7.29 -1.55
N ALA A 134 -40.86 -7.88 -0.36
CA ALA A 134 -41.73 -9.01 -0.01
C ALA A 134 -43.23 -8.64 -0.03
N ASN A 135 -43.59 -7.37 0.08
CA ASN A 135 -44.98 -6.93 -0.01
C ASN A 135 -45.47 -6.72 -1.46
N LYS A 136 -44.59 -6.80 -2.48
CA LYS A 136 -44.94 -6.62 -3.90
C LYS A 136 -44.55 -7.77 -4.83
N ILE A 137 -43.81 -8.77 -4.37
CA ILE A 137 -43.52 -9.98 -5.14
C ILE A 137 -44.79 -10.75 -5.48
N VAL A 138 -44.83 -11.36 -6.66
CA VAL A 138 -45.92 -12.21 -7.15
C VAL A 138 -45.39 -13.62 -7.44
N TYR A 139 -45.98 -14.63 -6.85
CA TYR A 139 -45.74 -16.04 -7.17
C TYR A 139 -46.93 -16.57 -7.99
N THR A 140 -46.72 -17.21 -9.14
CA THR A 140 -47.81 -17.74 -9.97
C THR A 140 -47.83 -19.25 -9.96
N VAL A 141 -48.95 -19.86 -9.57
CA VAL A 141 -49.17 -21.31 -9.58
C VAL A 141 -50.23 -21.63 -10.61
N LYS A 142 -50.07 -22.73 -11.35
CA LYS A 142 -51.01 -23.21 -12.34
C LYS A 142 -51.45 -24.64 -12.05
N VAL A 143 -52.70 -24.93 -12.40
CA VAL A 143 -53.31 -26.27 -12.35
C VAL A 143 -53.95 -26.61 -13.69
N GLU A 144 -53.93 -27.89 -14.07
CA GLU A 144 -54.52 -28.40 -15.32
C GLU A 144 -55.15 -29.79 -15.07
N PRO A 145 -56.47 -29.96 -15.25
CA PRO A 145 -57.15 -31.21 -14.94
C PRO A 145 -56.95 -32.21 -16.08
N HIS A 146 -56.76 -33.50 -15.76
CA HIS A 146 -56.57 -34.57 -16.75
C HIS A 146 -57.84 -34.81 -17.57
N THR A 147 -58.04 -33.98 -18.58
CA THR A 147 -59.22 -33.98 -19.46
C THR A 147 -59.19 -35.16 -20.45
N GLY A 148 -58.11 -35.94 -20.47
CA GLY A 148 -57.93 -37.02 -21.44
C GLY A 148 -57.69 -36.50 -22.86
N ASP A 149 -57.11 -35.30 -22.99
CA ASP A 149 -56.89 -34.59 -24.25
C ASP A 149 -55.46 -34.03 -24.28
N TYR A 150 -54.73 -34.16 -25.40
CA TYR A 150 -53.31 -33.85 -25.49
C TYR A 150 -53.02 -32.70 -26.47
N VAL A 151 -52.43 -31.62 -25.96
CA VAL A 151 -52.07 -30.42 -26.73
C VAL A 151 -50.61 -30.04 -26.46
N ALA A 152 -49.88 -29.65 -27.49
CA ALA A 152 -48.43 -29.55 -27.47
C ALA A 152 -47.88 -28.41 -26.58
N ALA A 153 -46.57 -28.38 -26.35
CA ALA A 153 -45.93 -27.38 -25.50
C ALA A 153 -46.01 -25.95 -26.04
N ASN A 154 -46.42 -25.76 -27.30
CA ASN A 154 -46.56 -24.47 -27.95
C ASN A 154 -48.03 -24.11 -28.26
N GLU A 155 -49.00 -24.67 -27.54
CA GLU A 155 -50.43 -24.34 -27.67
C GLU A 155 -51.17 -24.40 -26.31
N THR A 156 -52.38 -23.85 -26.25
CA THR A 156 -53.09 -23.51 -25.00
C THR A 156 -54.13 -24.57 -24.63
N HIS A 157 -54.01 -25.17 -23.44
CA HIS A 157 -55.04 -26.05 -22.88
C HIS A 157 -56.20 -25.22 -22.32
N SER A 158 -57.43 -25.53 -22.71
CA SER A 158 -58.59 -24.71 -22.33
C SER A 158 -58.92 -24.78 -20.83
N GLY A 159 -58.69 -25.92 -20.19
CA GLY A 159 -58.99 -26.19 -18.79
C GLY A 159 -57.90 -25.77 -17.81
N ARG A 160 -56.79 -25.19 -18.28
CA ARG A 160 -55.70 -24.69 -17.44
C ARG A 160 -56.11 -23.43 -16.68
N LYS A 161 -55.89 -23.42 -15.36
CA LYS A 161 -56.27 -22.31 -14.47
C LYS A 161 -55.06 -21.75 -13.72
N THR A 162 -55.07 -20.43 -13.49
CA THR A 162 -54.01 -19.63 -12.89
C THR A 162 -54.40 -19.08 -11.52
N ALA A 163 -53.48 -19.11 -10.56
CA ALA A 163 -53.58 -18.35 -9.32
C ALA A 163 -52.31 -17.51 -9.10
N SER A 164 -52.48 -16.22 -8.84
CA SER A 164 -51.38 -15.28 -8.59
C SER A 164 -51.40 -14.88 -7.13
N PHE A 165 -50.35 -15.23 -6.41
CA PHE A 165 -50.25 -15.07 -4.96
C PHE A 165 -49.29 -13.96 -4.56
N THR A 166 -49.75 -13.10 -3.65
CA THR A 166 -48.97 -12.05 -2.98
C THR A 166 -49.10 -12.21 -1.47
N VAL A 167 -48.58 -11.31 -0.63
CA VAL A 167 -48.86 -11.34 0.82
C VAL A 167 -50.33 -11.09 1.16
N SER A 168 -51.09 -10.46 0.27
CA SER A 168 -52.53 -10.20 0.44
C SER A 168 -53.40 -11.47 0.34
N SER A 169 -53.00 -12.43 -0.48
CA SER A 169 -53.84 -13.58 -0.87
C SER A 169 -54.07 -14.58 0.26
N GLU A 170 -55.32 -14.93 0.53
CA GLU A 170 -55.71 -16.08 1.36
C GLU A 170 -55.93 -17.35 0.52
N LYS A 171 -56.44 -18.43 1.13
CA LYS A 171 -56.83 -19.66 0.43
C LYS A 171 -57.80 -19.34 -0.71
N THR A 172 -57.46 -19.72 -1.94
CA THR A 172 -58.18 -19.32 -3.16
C THR A 172 -58.66 -20.52 -3.95
N ILE A 173 -59.83 -20.40 -4.60
CA ILE A 173 -60.49 -21.52 -5.27
C ILE A 173 -60.50 -21.32 -6.79
N LEU A 174 -60.26 -22.39 -7.52
CA LEU A 174 -60.32 -22.44 -8.97
C LEU A 174 -61.42 -23.40 -9.41
N THR A 175 -62.40 -22.91 -10.16
CA THR A 175 -63.56 -23.69 -10.62
C THR A 175 -63.25 -24.36 -11.94
N MET A 176 -63.19 -25.69 -11.99
CA MET A 176 -62.72 -26.48 -13.13
C MET A 176 -63.84 -27.14 -13.92
N GLY A 177 -64.93 -26.42 -14.21
CA GLY A 177 -66.06 -26.96 -14.94
C GLY A 177 -66.67 -28.18 -14.24
N GLU A 178 -66.85 -29.28 -14.96
CA GLU A 178 -67.51 -30.47 -14.41
C GLU A 178 -66.68 -31.26 -13.39
N TYR A 179 -65.38 -31.02 -13.27
CA TYR A 179 -64.53 -31.71 -12.29
C TYR A 179 -64.70 -31.18 -10.85
N GLY A 180 -65.44 -30.08 -10.64
CA GLY A 180 -65.61 -29.41 -9.35
C GLY A 180 -64.63 -28.25 -9.13
N ASP A 181 -64.21 -28.02 -7.90
CA ASP A 181 -63.30 -26.93 -7.52
C ASP A 181 -62.03 -27.46 -6.84
N VAL A 182 -60.89 -26.79 -7.03
CA VAL A 182 -59.66 -27.03 -6.26
C VAL A 182 -59.33 -25.80 -5.41
N SER A 183 -58.98 -26.01 -4.14
CA SER A 183 -58.80 -24.96 -3.13
C SER A 183 -57.37 -24.93 -2.61
N LEU A 184 -56.69 -23.79 -2.73
CA LEU A 184 -55.24 -23.70 -2.85
C LEU A 184 -54.64 -22.56 -2.02
N LEU A 185 -53.56 -22.82 -1.27
CA LEU A 185 -52.91 -21.84 -0.38
C LEU A 185 -51.40 -21.76 -0.60
N CYS A 186 -50.88 -20.55 -0.86
CA CYS A 186 -49.46 -20.29 -1.10
C CYS A 186 -48.85 -19.44 0.02
N ARG A 187 -47.75 -19.87 0.63
CA ARG A 187 -47.11 -19.22 1.77
C ARG A 187 -45.90 -18.39 1.34
N VAL A 188 -46.08 -17.10 1.05
CA VAL A 188 -45.03 -16.22 0.53
C VAL A 188 -43.80 -16.10 1.45
N ALA A 189 -43.95 -16.20 2.76
CA ALA A 189 -42.86 -16.25 3.73
C ALA A 189 -42.08 -17.59 3.74
N SER A 190 -42.51 -18.60 2.99
CA SER A 190 -41.95 -19.97 2.97
C SER A 190 -41.47 -20.32 1.56
N GLY A 191 -40.49 -19.56 1.08
CA GLY A 191 -39.94 -19.66 -0.27
C GLY A 191 -38.54 -19.05 -0.37
N VAL A 192 -38.32 -18.20 -1.37
CA VAL A 192 -37.03 -17.54 -1.60
C VAL A 192 -36.71 -16.56 -0.46
N ASP A 193 -35.46 -16.49 -0.01
CA ASP A 193 -35.02 -15.46 0.93
C ASP A 193 -34.67 -14.15 0.19
N LEU A 194 -35.57 -13.18 0.28
CA LEU A 194 -35.44 -11.89 -0.41
C LEU A 194 -34.43 -10.95 0.26
N ALA A 195 -33.95 -11.24 1.47
CA ALA A 195 -32.93 -10.42 2.10
C ALA A 195 -31.55 -10.70 1.51
N GLN A 196 -31.19 -11.96 1.35
CA GLN A 196 -29.90 -12.41 0.83
C GLN A 196 -29.78 -12.39 -0.70
N THR A 197 -30.86 -12.21 -1.46
CA THR A 197 -30.85 -12.30 -2.94
C THR A 197 -30.83 -10.94 -3.61
N VAL A 198 -29.91 -10.72 -4.56
CA VAL A 198 -29.82 -9.52 -5.41
C VAL A 198 -29.90 -9.92 -6.89
N ILE A 199 -30.53 -9.09 -7.72
CA ILE A 199 -30.57 -9.27 -9.17
C ILE A 199 -29.62 -8.28 -9.82
N LEU A 200 -28.70 -8.77 -10.65
CA LEU A 200 -27.62 -8.01 -11.27
C LEU A 200 -27.90 -7.81 -12.75
N GLU A 201 -27.85 -6.58 -13.22
CA GLU A 201 -28.14 -6.20 -14.60
C GLU A 201 -26.97 -5.41 -15.19
N LEU A 202 -26.47 -5.79 -16.37
CA LEU A 202 -25.35 -5.14 -17.04
C LEU A 202 -25.84 -4.25 -18.18
N ASP A 203 -25.96 -4.77 -19.40
CA ASP A 203 -26.74 -4.16 -20.48
C ASP A 203 -27.66 -5.20 -21.14
N LYS A 204 -28.96 -4.91 -21.22
CA LYS A 204 -29.98 -5.80 -21.77
C LYS A 204 -29.88 -5.99 -23.28
N THR A 205 -29.35 -5.01 -24.00
CA THR A 205 -29.30 -4.98 -25.47
C THR A 205 -28.14 -5.79 -26.06
N VAL A 206 -27.18 -6.26 -25.24
CA VAL A 206 -26.10 -7.15 -25.69
C VAL A 206 -26.69 -8.48 -26.17
N GLU A 207 -26.53 -8.78 -27.46
CA GLU A 207 -27.30 -9.84 -28.13
C GLU A 207 -26.92 -11.26 -27.68
N HIS A 208 -25.72 -11.45 -27.14
CA HIS A 208 -25.15 -12.76 -26.79
C HIS A 208 -24.75 -12.87 -25.31
N LEU A 209 -25.59 -12.34 -24.42
CA LEU A 209 -25.52 -12.55 -22.96
C LEU A 209 -26.94 -12.67 -22.35
N PRO A 210 -27.13 -13.38 -21.23
CA PRO A 210 -28.40 -13.42 -20.54
C PRO A 210 -28.74 -12.08 -19.90
N THR A 211 -30.04 -11.80 -19.71
CA THR A 211 -30.45 -10.42 -19.44
C THR A 211 -30.23 -10.00 -17.99
N ALA A 212 -30.13 -10.94 -17.05
CA ALA A 212 -29.79 -10.69 -15.65
C ALA A 212 -29.23 -11.94 -14.97
N TRP A 213 -28.53 -11.76 -13.86
CA TRP A 213 -27.94 -12.81 -13.03
C TRP A 213 -28.44 -12.68 -11.59
N GLN A 214 -28.51 -13.76 -10.82
CA GLN A 214 -28.87 -13.73 -9.40
C GLN A 214 -27.63 -13.88 -8.53
N VAL A 215 -27.38 -12.98 -7.59
CA VAL A 215 -26.15 -12.96 -6.77
C VAL A 215 -26.47 -12.80 -5.29
N HIS A 216 -25.59 -13.29 -4.42
CA HIS A 216 -25.71 -13.18 -2.96
C HIS A 216 -25.35 -11.76 -2.47
N ARG A 217 -26.12 -11.16 -1.56
CA ARG A 217 -25.93 -9.74 -1.17
C ARG A 217 -24.57 -9.47 -0.54
N ASP A 218 -24.10 -10.33 0.36
CA ASP A 218 -22.77 -10.15 0.97
C ASP A 218 -21.58 -10.50 0.06
N TRP A 219 -21.81 -10.80 -1.23
CA TRP A 219 -20.82 -10.71 -2.30
C TRP A 219 -20.94 -9.40 -3.06
N PHE A 220 -22.15 -9.00 -3.48
CA PHE A 220 -22.36 -7.77 -4.23
C PHE A 220 -21.99 -6.50 -3.45
N ASN A 221 -22.17 -6.48 -2.13
CA ASN A 221 -21.89 -5.31 -1.28
C ASN A 221 -20.39 -5.05 -1.04
N ASP A 222 -19.47 -5.91 -1.46
CA ASP A 222 -18.04 -5.66 -1.25
C ASP A 222 -17.14 -5.98 -2.46
N LEU A 223 -17.64 -5.75 -3.67
CA LEU A 223 -16.80 -5.65 -4.86
C LEU A 223 -15.90 -4.39 -4.81
N ALA A 224 -14.66 -4.51 -5.26
CA ALA A 224 -13.71 -3.41 -5.32
C ALA A 224 -13.81 -2.62 -6.62
N LEU A 225 -14.86 -1.82 -6.79
CA LEU A 225 -15.13 -1.00 -7.98
C LEU A 225 -15.70 0.38 -7.62
N PRO A 226 -15.65 1.38 -8.52
CA PRO A 226 -16.39 2.62 -8.38
C PRO A 226 -17.89 2.39 -8.25
N TRP A 227 -18.56 3.07 -7.30
CA TRP A 227 -19.99 2.90 -7.05
C TRP A 227 -20.77 4.17 -6.77
N LYS A 228 -22.08 4.09 -6.89
CA LYS A 228 -23.05 5.20 -6.91
C LYS A 228 -24.45 4.69 -6.51
N HIS A 229 -25.37 5.60 -6.17
CA HIS A 229 -26.81 5.33 -6.09
C HIS A 229 -27.59 6.24 -7.04
N GLU A 230 -28.77 5.80 -7.48
CA GLU A 230 -29.50 6.39 -8.61
C GLU A 230 -29.60 7.92 -8.57
N GLY A 231 -29.40 8.56 -9.73
CA GLY A 231 -29.62 9.99 -9.92
C GLY A 231 -28.47 10.89 -9.45
N ALA A 232 -27.55 10.40 -8.63
CA ALA A 232 -26.33 11.13 -8.31
C ALA A 232 -25.44 11.30 -9.57
N GLN A 233 -24.73 12.43 -9.66
CA GLN A 233 -23.94 12.79 -10.85
C GLN A 233 -22.49 12.29 -10.80
N ASN A 234 -21.93 12.00 -9.62
CA ASN A 234 -20.52 11.74 -9.40
C ASN A 234 -20.27 10.36 -8.79
N TRP A 235 -19.12 9.73 -9.06
CA TRP A 235 -18.80 8.38 -8.57
C TRP A 235 -18.12 8.40 -7.20
N ASN A 236 -18.49 7.49 -6.30
CA ASN A 236 -18.34 7.66 -4.85
C ASN A 236 -17.46 6.60 -4.16
N ASN A 237 -16.44 6.07 -4.82
CA ASN A 237 -15.44 5.21 -4.16
C ASN A 237 -14.04 5.55 -4.64
N ALA A 238 -13.07 5.59 -3.72
CA ALA A 238 -11.69 6.01 -4.01
C ALA A 238 -11.14 5.20 -5.21
N GLU A 239 -10.78 5.89 -6.30
CA GLU A 239 -10.85 5.30 -7.63
C GLU A 239 -9.94 4.10 -7.85
N ARG A 240 -10.51 3.02 -8.38
CA ARG A 240 -9.87 1.71 -8.56
C ARG A 240 -9.62 1.32 -10.02
N LEU A 241 -10.20 2.06 -10.97
CA LEU A 241 -9.96 1.96 -12.42
C LEU A 241 -8.86 2.91 -12.92
N VAL A 242 -8.36 3.84 -12.11
CA VAL A 242 -7.34 4.83 -12.47
C VAL A 242 -6.07 4.60 -11.67
N GLU A 243 -4.91 4.80 -12.28
CA GLU A 243 -3.62 4.57 -11.65
C GLU A 243 -2.58 5.58 -12.15
N PHE A 244 -1.58 5.90 -11.32
CA PHE A 244 -0.67 7.02 -11.54
C PHE A 244 0.77 6.53 -11.73
N GLY A 245 1.41 6.95 -12.83
CA GLY A 245 2.79 6.60 -13.13
C GLY A 245 3.79 7.26 -12.19
N ALA A 246 4.99 6.68 -12.08
CA ALA A 246 6.06 7.24 -11.25
C ALA A 246 6.41 8.67 -11.69
N PRO A 247 6.63 9.62 -10.78
CA PRO A 247 6.72 11.02 -11.13
C PRO A 247 8.04 11.35 -11.80
N HIS A 248 8.00 12.17 -12.84
CA HIS A 248 9.17 12.89 -13.34
C HIS A 248 9.34 14.20 -12.54
N ALA A 249 10.29 15.04 -12.93
CA ALA A 249 10.55 16.30 -12.23
C ALA A 249 9.36 17.26 -12.24
N VAL A 250 8.63 17.38 -13.36
CA VAL A 250 7.58 18.38 -13.54
C VAL A 250 6.33 17.82 -14.23
N LYS A 251 6.23 16.48 -14.33
CA LYS A 251 5.17 15.75 -15.04
C LYS A 251 4.90 14.39 -14.42
N MET A 252 3.66 13.92 -14.54
CA MET A 252 3.19 12.64 -14.00
C MET A 252 2.04 12.17 -14.86
N ASP A 253 2.10 10.95 -15.37
CA ASP A 253 1.17 10.40 -16.36
C ASP A 253 0.09 9.53 -15.71
N VAL A 254 -1.15 9.65 -16.18
CA VAL A 254 -2.31 8.92 -15.64
C VAL A 254 -2.70 7.76 -16.56
N TYR A 255 -3.04 6.62 -15.97
CA TYR A 255 -3.37 5.38 -16.66
C TYR A 255 -4.80 4.93 -16.33
N ASN A 256 -5.43 4.29 -17.31
CA ASN A 256 -6.78 3.73 -17.24
C ASN A 256 -6.69 2.20 -17.32
N LEU A 257 -7.18 1.47 -16.32
CA LEU A 257 -7.13 0.00 -16.32
C LEU A 257 -8.19 -0.69 -17.20
N GLY A 258 -9.01 0.03 -17.96
CA GLY A 258 -9.88 -0.54 -18.99
C GLY A 258 -11.08 -1.34 -18.48
N ASP A 259 -11.80 -1.97 -19.41
CA ASP A 259 -13.06 -2.64 -19.15
C ASP A 259 -12.93 -3.94 -18.35
N GLN A 260 -13.58 -4.00 -17.19
CA GLN A 260 -13.58 -5.12 -16.25
C GLN A 260 -14.63 -6.21 -16.56
N THR A 261 -15.44 -6.05 -17.61
CA THR A 261 -16.55 -6.98 -17.92
C THR A 261 -16.09 -8.43 -17.96
N GLY A 262 -14.92 -8.71 -18.54
CA GLY A 262 -14.39 -10.06 -18.61
C GLY A 262 -14.06 -10.69 -17.26
N VAL A 263 -13.49 -9.92 -16.31
CA VAL A 263 -13.18 -10.45 -14.97
C VAL A 263 -14.42 -10.58 -14.10
N LEU A 264 -15.42 -9.73 -14.30
CA LEU A 264 -16.72 -9.88 -13.66
C LEU A 264 -17.44 -11.15 -14.13
N LEU A 265 -17.58 -11.36 -15.44
CA LEU A 265 -18.30 -12.52 -15.96
C LEU A 265 -17.61 -13.83 -15.56
N LYS A 266 -16.27 -13.87 -15.50
CA LYS A 266 -15.54 -15.02 -14.92
C LYS A 266 -15.89 -15.21 -13.44
N ALA A 267 -15.92 -14.16 -12.62
CA ALA A 267 -16.23 -14.28 -11.20
C ALA A 267 -17.68 -14.73 -10.91
N LEU A 268 -18.63 -14.42 -11.78
CA LEU A 268 -20.00 -14.91 -11.75
C LEU A 268 -20.17 -16.38 -12.20
N ALA A 269 -19.13 -17.10 -12.62
CA ALA A 269 -19.25 -18.50 -13.01
C ALA A 269 -19.73 -19.38 -11.84
N GLY A 270 -20.91 -19.97 -11.99
CA GLY A 270 -21.61 -20.78 -10.98
C GLY A 270 -22.97 -20.22 -10.52
N VAL A 271 -23.31 -18.95 -10.80
CA VAL A 271 -24.57 -18.34 -10.35
C VAL A 271 -25.77 -18.68 -11.24
N PRO A 272 -26.99 -18.75 -10.70
CA PRO A 272 -28.21 -18.87 -11.49
C PRO A 272 -28.45 -17.66 -12.39
N VAL A 273 -28.96 -17.91 -13.58
CA VAL A 273 -29.46 -16.90 -14.50
C VAL A 273 -30.85 -16.45 -14.07
N ALA A 274 -31.25 -15.24 -14.44
CA ALA A 274 -32.56 -14.66 -14.21
C ALA A 274 -33.11 -14.12 -15.53
N HIS A 275 -34.26 -13.46 -15.54
CA HIS A 275 -34.78 -12.87 -16.79
C HIS A 275 -35.52 -11.56 -16.54
N ILE A 276 -35.48 -10.65 -17.50
CA ILE A 276 -36.15 -9.35 -17.49
C ILE A 276 -37.07 -9.29 -18.70
N GLU A 277 -38.34 -8.96 -18.49
CA GLU A 277 -39.36 -8.99 -19.53
C GLU A 277 -40.20 -7.71 -19.45
N GLY A 278 -39.85 -6.72 -20.27
CA GLY A 278 -40.41 -5.37 -20.12
C GLY A 278 -40.03 -4.79 -18.75
N THR A 279 -41.04 -4.52 -17.92
CA THR A 279 -40.89 -4.01 -16.55
C THR A 279 -40.81 -5.10 -15.47
N LYS A 280 -40.91 -6.39 -15.82
CA LYS A 280 -40.97 -7.51 -14.87
C LYS A 280 -39.62 -8.19 -14.69
N TYR A 281 -39.18 -8.35 -13.45
CA TYR A 281 -37.93 -9.03 -13.10
C TYR A 281 -38.22 -10.42 -12.52
N HIS A 282 -37.84 -11.48 -13.23
CA HIS A 282 -38.16 -12.87 -12.90
C HIS A 282 -36.96 -13.57 -12.30
N LEU A 283 -37.14 -14.26 -11.19
CA LEU A 283 -36.24 -15.33 -10.81
C LEU A 283 -36.49 -16.55 -11.69
N LYS A 284 -35.45 -17.33 -11.96
CA LYS A 284 -35.48 -18.58 -12.74
C LYS A 284 -34.92 -19.76 -11.96
N SER A 285 -34.88 -19.66 -10.64
CA SER A 285 -34.63 -20.75 -9.70
C SER A 285 -35.23 -20.36 -8.35
N GLY A 286 -36.05 -21.21 -7.75
CA GLY A 286 -36.82 -20.85 -6.55
C GLY A 286 -38.02 -21.75 -6.31
N HIS A 287 -38.62 -21.66 -5.13
CA HIS A 287 -39.66 -22.56 -4.66
C HIS A 287 -40.61 -21.91 -3.67
N VAL A 288 -41.78 -22.50 -3.45
CA VAL A 288 -42.72 -22.09 -2.40
C VAL A 288 -43.43 -23.28 -1.79
N THR A 289 -43.56 -23.31 -0.47
CA THR A 289 -44.38 -24.33 0.20
C THR A 289 -45.85 -23.99 0.02
N CYS A 290 -46.65 -24.94 -0.44
CA CYS A 290 -47.99 -24.69 -0.91
C CYS A 290 -48.89 -25.87 -0.59
N GLU A 291 -50.15 -25.62 -0.25
CA GLU A 291 -51.06 -26.63 0.29
C GLU A 291 -52.33 -26.67 -0.55
N VAL A 292 -52.69 -27.86 -1.03
CA VAL A 292 -53.75 -28.08 -2.03
C VAL A 292 -54.82 -29.03 -1.49
N GLY A 293 -56.09 -28.61 -1.57
CA GLY A 293 -57.23 -29.29 -1.00
C GLY A 293 -58.23 -29.79 -2.05
N LEU A 294 -58.82 -30.96 -1.79
CA LEU A 294 -59.43 -31.83 -2.78
C LEU A 294 -60.90 -32.22 -2.50
N GLU A 295 -61.52 -31.89 -1.36
CA GLU A 295 -62.86 -32.41 -1.04
C GLU A 295 -63.94 -31.95 -2.05
N LYS A 296 -63.73 -30.84 -2.75
CA LYS A 296 -64.64 -30.33 -3.78
C LYS A 296 -64.48 -30.93 -5.18
N LEU A 297 -63.62 -31.93 -5.40
CA LEU A 297 -63.45 -32.58 -6.72
C LEU A 297 -64.40 -33.77 -6.98
N LYS A 298 -64.79 -33.93 -8.25
CA LYS A 298 -65.70 -34.95 -8.79
C LYS A 298 -65.08 -35.63 -10.02
N MET A 299 -65.26 -36.95 -10.19
CA MET A 299 -65.03 -37.60 -11.48
C MET A 299 -66.14 -37.22 -12.46
N LYS A 300 -65.80 -36.66 -13.62
CA LYS A 300 -66.78 -36.36 -14.68
C LYS A 300 -67.34 -37.65 -15.24
N GLY A 301 -68.63 -37.68 -15.54
CA GLY A 301 -69.19 -38.72 -16.41
C GLY A 301 -69.33 -40.12 -15.82
N LEU A 302 -69.37 -40.27 -14.50
CA LEU A 302 -69.54 -41.59 -13.86
C LEU A 302 -70.89 -42.26 -14.17
N THR A 303 -71.89 -41.47 -14.57
CA THR A 303 -73.20 -41.96 -15.02
C THR A 303 -73.28 -42.33 -16.51
N TYR A 304 -72.25 -42.04 -17.32
CA TYR A 304 -72.28 -42.27 -18.77
C TYR A 304 -72.32 -43.76 -19.14
N THR A 305 -72.83 -44.06 -20.33
CA THR A 305 -72.83 -45.40 -20.93
C THR A 305 -71.43 -45.87 -21.30
N MET A 306 -71.24 -47.19 -21.35
CA MET A 306 -70.04 -47.80 -21.93
C MET A 306 -69.99 -47.64 -23.45
N CYS A 307 -68.81 -47.81 -24.05
CA CYS A 307 -68.58 -47.72 -25.49
C CYS A 307 -68.92 -49.02 -26.24
N ASP A 308 -69.13 -48.94 -27.54
CA ASP A 308 -69.12 -50.11 -28.42
C ASP A 308 -67.69 -50.64 -28.52
N LYS A 309 -67.39 -51.78 -27.88
CA LYS A 309 -66.03 -52.35 -27.82
C LYS A 309 -65.32 -52.45 -29.17
N THR A 310 -66.08 -52.65 -30.24
CA THR A 310 -65.64 -52.92 -31.60
C THR A 310 -65.26 -51.68 -32.40
N LYS A 311 -65.63 -50.46 -31.98
CA LYS A 311 -65.51 -49.24 -32.80
C LYS A 311 -64.27 -48.37 -32.55
N PHE A 312 -63.32 -48.83 -31.74
CA PHE A 312 -62.05 -48.13 -31.51
C PHE A 312 -61.00 -48.40 -32.60
N THR A 313 -60.19 -47.38 -32.94
CA THR A 313 -59.01 -47.45 -33.81
C THR A 313 -57.90 -46.56 -33.25
N TRP A 314 -56.63 -46.95 -33.33
CA TRP A 314 -55.53 -46.15 -32.77
C TRP A 314 -55.36 -44.82 -33.51
N LYS A 315 -54.98 -43.76 -32.78
CA LYS A 315 -54.53 -42.47 -33.33
C LYS A 315 -53.07 -42.20 -33.04
N ARG A 316 -52.54 -42.73 -31.93
CA ARG A 316 -51.11 -42.83 -31.65
C ARG A 316 -50.85 -44.03 -30.75
N ALA A 317 -50.12 -45.02 -31.25
CA ALA A 317 -49.92 -46.30 -30.60
C ALA A 317 -49.08 -46.21 -29.31
N PRO A 318 -49.14 -47.20 -28.41
CA PRO A 318 -48.36 -47.22 -27.18
C PRO A 318 -46.87 -46.94 -27.37
N THR A 319 -46.33 -46.02 -26.57
CA THR A 319 -44.90 -45.70 -26.48
C THR A 319 -44.51 -45.29 -25.07
N ASP A 320 -43.24 -45.39 -24.72
CA ASP A 320 -42.74 -45.13 -23.37
C ASP A 320 -42.53 -43.63 -23.14
N SER A 321 -42.94 -43.09 -21.99
CA SER A 321 -42.87 -41.66 -21.67
C SER A 321 -41.54 -41.15 -21.14
N GLY A 322 -40.64 -42.04 -20.72
CA GLY A 322 -39.40 -41.71 -20.01
C GLY A 322 -39.56 -41.61 -18.49
N HIS A 323 -40.79 -41.60 -17.98
CA HIS A 323 -41.11 -41.55 -16.54
C HIS A 323 -41.53 -42.92 -15.95
N ASP A 324 -41.24 -44.03 -16.63
CA ASP A 324 -41.74 -45.38 -16.34
C ASP A 324 -43.27 -45.51 -16.50
N THR A 325 -43.82 -44.95 -17.58
CA THR A 325 -45.24 -45.09 -17.94
C THR A 325 -45.41 -45.25 -19.45
N VAL A 326 -46.55 -45.83 -19.85
CA VAL A 326 -46.95 -46.04 -21.24
C VAL A 326 -48.01 -45.02 -21.61
N VAL A 327 -47.87 -44.38 -22.77
CA VAL A 327 -48.81 -43.37 -23.27
C VAL A 327 -49.36 -43.71 -24.64
N MET A 328 -50.63 -43.39 -24.88
CA MET A 328 -51.37 -43.69 -26.11
C MET A 328 -52.52 -42.73 -26.37
N GLU A 329 -53.01 -42.69 -27.59
CA GLU A 329 -54.20 -41.94 -27.98
C GLU A 329 -55.09 -42.75 -28.93
N VAL A 330 -56.40 -42.82 -28.66
CA VAL A 330 -57.38 -43.63 -29.41
C VAL A 330 -58.48 -42.79 -30.04
N THR A 331 -59.09 -43.29 -31.10
CA THR A 331 -60.25 -42.68 -31.77
C THR A 331 -61.44 -43.64 -31.72
N PHE A 332 -62.65 -43.08 -31.65
CA PHE A 332 -63.90 -43.82 -31.54
C PHE A 332 -64.91 -43.32 -32.57
N SER A 333 -65.67 -44.23 -33.17
CA SER A 333 -66.62 -43.94 -34.26
C SER A 333 -68.10 -43.96 -33.85
N GLY A 334 -68.42 -44.34 -32.61
CA GLY A 334 -69.79 -44.41 -32.09
C GLY A 334 -70.35 -43.07 -31.58
N THR A 335 -71.51 -43.11 -30.90
CA THR A 335 -72.13 -41.92 -30.28
C THR A 335 -71.26 -41.44 -29.11
N LYS A 336 -70.74 -40.21 -29.20
CA LYS A 336 -69.48 -39.86 -28.53
C LYS A 336 -69.43 -39.85 -26.99
N PRO A 337 -70.41 -39.33 -26.23
CA PRO A 337 -70.26 -39.20 -24.78
C PRO A 337 -70.34 -40.56 -24.08
N CYS A 338 -69.21 -41.16 -23.69
CA CYS A 338 -69.16 -42.49 -23.10
C CYS A 338 -67.82 -42.81 -22.41
N ARG A 339 -67.77 -43.90 -21.63
CA ARG A 339 -66.59 -44.33 -20.84
C ARG A 339 -65.80 -45.43 -21.55
N ILE A 340 -64.48 -45.25 -21.69
CA ILE A 340 -63.61 -46.14 -22.46
C ILE A 340 -63.24 -47.39 -21.63
N PRO A 341 -63.45 -48.62 -22.14
CA PRO A 341 -63.14 -49.86 -21.44
C PRO A 341 -61.65 -50.23 -21.51
N VAL A 342 -60.80 -49.48 -20.83
CA VAL A 342 -59.35 -49.74 -20.75
C VAL A 342 -59.02 -50.86 -19.76
N ARG A 343 -58.16 -51.81 -20.12
CA ARG A 343 -57.60 -52.84 -19.22
C ARG A 343 -56.25 -53.34 -19.72
N ALA A 344 -55.44 -53.98 -18.89
CA ALA A 344 -54.18 -54.58 -19.29
C ALA A 344 -53.90 -55.87 -18.53
N VAL A 345 -53.22 -56.81 -19.16
CA VAL A 345 -53.13 -58.22 -18.75
C VAL A 345 -51.69 -58.69 -18.77
N ALA A 346 -51.24 -59.39 -17.73
CA ALA A 346 -49.95 -60.05 -17.76
C ALA A 346 -50.03 -61.25 -18.71
N HIS A 347 -49.07 -61.38 -19.62
CA HIS A 347 -49.19 -62.33 -20.73
C HIS A 347 -49.34 -63.77 -20.23
N GLY A 348 -50.46 -64.41 -20.57
CA GLY A 348 -50.82 -65.76 -20.13
C GLY A 348 -51.79 -65.86 -18.96
N SER A 349 -52.31 -64.75 -18.43
CA SER A 349 -53.25 -64.73 -17.30
C SER A 349 -54.32 -63.65 -17.44
N PRO A 350 -55.33 -63.84 -18.31
CA PRO A 350 -56.34 -62.82 -18.62
C PRO A 350 -57.36 -62.54 -17.51
N ASP A 351 -57.29 -63.26 -16.41
CA ASP A 351 -58.14 -63.08 -15.23
C ASP A 351 -57.85 -61.78 -14.45
N VAL A 352 -56.61 -61.31 -14.40
CA VAL A 352 -56.16 -60.18 -13.55
C VAL A 352 -55.84 -58.95 -14.37
N ASN A 353 -56.47 -57.82 -14.06
CA ASN A 353 -56.14 -56.52 -14.65
C ASN A 353 -54.95 -55.87 -13.90
N VAL A 354 -53.87 -55.53 -14.60
CA VAL A 354 -52.66 -54.88 -14.05
C VAL A 354 -52.48 -53.42 -14.46
N ALA A 355 -53.45 -52.80 -15.12
CA ALA A 355 -53.45 -51.37 -15.42
C ALA A 355 -53.63 -50.49 -14.18
N MET A 356 -52.54 -49.95 -13.64
CA MET A 356 -52.59 -48.79 -12.74
C MET A 356 -52.70 -47.51 -13.57
N LEU A 357 -53.90 -47.01 -13.83
CA LEU A 357 -54.10 -45.81 -14.63
C LEU A 357 -53.65 -44.54 -13.89
N ILE A 358 -53.11 -43.57 -14.63
CA ILE A 358 -52.89 -42.21 -14.12
C ILE A 358 -54.06 -41.29 -14.46
N THR A 359 -54.72 -41.47 -15.60
CA THR A 359 -56.02 -40.82 -15.91
C THR A 359 -57.16 -41.64 -15.31
N PRO A 360 -57.81 -41.21 -14.22
CA PRO A 360 -58.91 -41.99 -13.61
C PRO A 360 -60.16 -41.93 -14.50
N ASN A 361 -60.84 -43.05 -14.69
CA ASN A 361 -62.09 -43.16 -15.45
C ASN A 361 -62.07 -42.52 -16.86
N PRO A 362 -61.26 -42.97 -17.83
CA PRO A 362 -61.14 -42.36 -19.16
C PRO A 362 -62.46 -42.25 -19.94
N THR A 363 -62.64 -41.17 -20.70
CA THR A 363 -63.86 -40.93 -21.47
C THR A 363 -63.61 -40.36 -22.86
N ILE A 364 -64.61 -40.46 -23.73
CA ILE A 364 -64.73 -39.69 -24.97
C ILE A 364 -65.85 -38.66 -24.78
N GLU A 365 -65.67 -37.45 -25.30
CA GLU A 365 -66.66 -36.36 -25.26
C GLU A 365 -66.78 -35.76 -26.67
N ASN A 366 -67.87 -35.04 -26.97
CA ASN A 366 -68.16 -34.59 -28.35
C ASN A 366 -67.03 -33.74 -28.97
N ASN A 367 -66.33 -32.96 -28.15
CA ASN A 367 -65.26 -32.05 -28.57
C ASN A 367 -63.85 -32.69 -28.55
N GLY A 368 -63.66 -33.86 -27.93
CA GLY A 368 -62.33 -34.46 -27.75
C GLY A 368 -62.26 -35.53 -26.67
N GLY A 369 -61.11 -36.18 -26.54
CA GLY A 369 -60.83 -37.24 -25.57
C GLY A 369 -59.86 -38.30 -26.11
N GLY A 370 -59.61 -39.33 -25.31
CA GLY A 370 -58.92 -40.54 -25.77
C GLY A 370 -57.42 -40.62 -25.47
N PHE A 371 -56.79 -39.63 -24.85
CA PHE A 371 -55.45 -39.83 -24.30
C PHE A 371 -55.53 -40.71 -23.05
N ILE A 372 -54.65 -41.70 -22.94
CA ILE A 372 -54.56 -42.60 -21.80
C ILE A 372 -53.10 -42.72 -21.37
N GLU A 373 -52.85 -42.80 -20.06
CA GLU A 373 -51.55 -43.10 -19.48
C GLU A 373 -51.69 -44.13 -18.38
N MET A 374 -50.79 -45.11 -18.33
CA MET A 374 -50.81 -46.16 -17.33
C MET A 374 -49.41 -46.64 -16.97
N GLN A 375 -49.29 -47.24 -15.80
CA GLN A 375 -48.11 -47.95 -15.36
C GLN A 375 -48.42 -49.45 -15.30
N LEU A 376 -47.51 -50.26 -15.85
CA LEU A 376 -47.63 -51.71 -15.98
C LEU A 376 -46.44 -52.38 -15.30
N PRO A 377 -46.55 -53.62 -14.81
CA PRO A 377 -45.42 -54.34 -14.25
C PRO A 377 -44.39 -54.73 -15.32
N PRO A 378 -43.11 -54.91 -14.98
CA PRO A 378 -42.06 -55.30 -15.93
C PRO A 378 -42.38 -56.60 -16.69
N GLY A 379 -41.82 -56.74 -17.90
CA GLY A 379 -42.00 -57.94 -18.73
C GLY A 379 -43.16 -57.84 -19.74
N ASP A 380 -43.62 -58.98 -20.23
CA ASP A 380 -44.65 -59.06 -21.28
C ASP A 380 -46.05 -58.74 -20.76
N ASN A 381 -46.76 -57.86 -21.47
CA ASN A 381 -48.12 -57.45 -21.18
C ASN A 381 -48.94 -57.29 -22.46
N ILE A 382 -50.25 -57.40 -22.37
CA ILE A 382 -51.19 -56.98 -23.43
C ILE A 382 -52.00 -55.79 -22.93
N ILE A 383 -52.14 -54.76 -23.73
CA ILE A 383 -52.96 -53.57 -23.50
C ILE A 383 -54.22 -53.69 -24.33
N TYR A 384 -55.39 -53.44 -23.75
CA TYR A 384 -56.68 -53.48 -24.44
C TYR A 384 -57.43 -52.16 -24.36
N VAL A 385 -58.14 -51.82 -25.44
CA VAL A 385 -59.17 -50.77 -25.48
C VAL A 385 -60.34 -51.32 -26.29
N GLY A 386 -61.28 -51.95 -25.59
CA GLY A 386 -62.35 -52.73 -26.24
C GLY A 386 -61.80 -53.98 -26.92
N GLU A 387 -62.02 -54.11 -28.22
CA GLU A 387 -61.46 -55.17 -29.07
C GLU A 387 -60.11 -54.83 -29.69
N LEU A 388 -59.59 -53.60 -29.61
CA LEU A 388 -58.19 -53.32 -29.93
C LEU A 388 -57.27 -53.98 -28.92
N SER A 389 -56.14 -54.52 -29.38
CA SER A 389 -55.08 -55.02 -28.52
C SER A 389 -53.72 -54.65 -29.07
N HIS A 390 -52.74 -54.52 -28.18
CA HIS A 390 -51.33 -54.32 -28.53
C HIS A 390 -50.46 -54.98 -27.47
N GLN A 391 -49.30 -55.50 -27.86
CA GLN A 391 -48.42 -56.26 -26.98
C GLN A 391 -47.23 -55.39 -26.59
N TRP A 392 -46.99 -55.23 -25.30
CA TRP A 392 -46.02 -54.28 -24.76
C TRP A 392 -45.01 -54.99 -23.88
N PHE A 393 -43.72 -54.80 -24.15
CA PHE A 393 -42.66 -55.21 -23.25
C PHE A 393 -42.26 -54.03 -22.37
N GLN A 394 -42.60 -54.08 -21.09
CA GLN A 394 -42.23 -53.03 -20.15
C GLN A 394 -40.80 -53.25 -19.65
N LYS A 395 -39.90 -52.34 -19.99
CA LYS A 395 -38.51 -52.33 -19.52
C LYS A 395 -38.44 -52.02 -18.03
N GLY A 396 -37.40 -52.51 -17.37
CA GLY A 396 -37.09 -52.18 -15.98
C GLY A 396 -37.22 -53.35 -15.00
N SER A 397 -37.31 -53.03 -13.71
CA SER A 397 -37.49 -53.98 -12.62
C SER A 397 -38.09 -53.27 -11.41
N SER A 398 -38.61 -54.03 -10.44
CA SER A 398 -39.08 -53.47 -9.17
C SER A 398 -37.94 -52.80 -8.39
N ILE A 399 -36.72 -53.34 -8.43
CA ILE A 399 -35.55 -52.74 -7.77
C ILE A 399 -35.19 -51.42 -8.43
N GLY A 400 -35.20 -51.36 -9.76
CA GLY A 400 -34.90 -50.15 -10.53
C GLY A 400 -35.85 -48.99 -10.23
N ARG A 401 -37.13 -49.26 -9.99
CA ARG A 401 -38.10 -48.23 -9.61
C ARG A 401 -37.88 -47.71 -8.19
N VAL A 402 -37.59 -48.58 -7.22
CA VAL A 402 -37.22 -48.16 -5.87
C VAL A 402 -35.93 -47.32 -5.86
N PHE A 403 -34.92 -47.72 -6.65
CA PHE A 403 -33.70 -46.94 -6.83
C PHE A 403 -33.99 -45.56 -7.46
N GLN A 404 -34.85 -45.49 -8.46
CA GLN A 404 -35.21 -44.22 -9.10
C GLN A 404 -35.88 -43.25 -8.11
N LYS A 405 -36.82 -43.71 -7.29
CA LYS A 405 -37.44 -42.86 -6.25
C LYS A 405 -36.42 -42.46 -5.18
N THR A 406 -35.49 -43.35 -4.83
CA THR A 406 -34.40 -43.04 -3.90
C THR A 406 -33.54 -41.91 -4.44
N LYS A 407 -33.07 -42.01 -5.69
CA LYS A 407 -32.25 -40.99 -6.36
C LYS A 407 -32.96 -39.64 -6.42
N LYS A 408 -34.24 -39.63 -6.78
CA LYS A 408 -35.05 -38.41 -6.88
C LYS A 408 -35.24 -37.73 -5.53
N GLY A 409 -35.33 -38.49 -4.45
CA GLY A 409 -35.37 -37.96 -3.09
C GLY A 409 -34.08 -37.23 -2.72
N ILE A 410 -32.94 -37.88 -2.88
CA ILE A 410 -31.63 -37.28 -2.60
C ILE A 410 -31.40 -36.02 -3.44
N GLU A 411 -31.84 -36.00 -4.70
CA GLU A 411 -31.74 -34.81 -5.54
C GLU A 411 -32.51 -33.62 -4.96
N ARG A 412 -33.80 -33.78 -4.62
CA ARG A 412 -34.61 -32.69 -4.02
C ARG A 412 -34.07 -32.28 -2.65
N LEU A 413 -33.67 -33.23 -1.81
CA LEU A 413 -33.06 -32.96 -0.51
C LEU A 413 -31.74 -32.19 -0.65
N THR A 414 -30.96 -32.45 -1.70
CA THR A 414 -29.73 -31.71 -2.00
C THR A 414 -30.01 -30.31 -2.53
N VAL A 415 -30.96 -30.13 -3.46
CA VAL A 415 -31.26 -28.82 -4.05
C VAL A 415 -32.00 -27.89 -3.09
N ILE A 416 -33.07 -28.37 -2.45
CA ILE A 416 -34.01 -27.58 -1.64
C ILE A 416 -33.68 -27.57 -0.14
N GLY A 417 -32.93 -28.55 0.38
CA GLY A 417 -32.51 -28.58 1.78
C GLY A 417 -33.66 -28.84 2.75
N GLU A 418 -33.69 -28.13 3.88
CA GLU A 418 -34.57 -28.39 5.04
C GLU A 418 -36.05 -28.51 4.66
N HIS A 419 -36.53 -27.69 3.72
CA HIS A 419 -37.93 -27.71 3.29
C HIS A 419 -38.34 -29.02 2.59
N ALA A 420 -37.41 -29.82 2.09
CA ALA A 420 -37.70 -31.05 1.36
C ALA A 420 -38.47 -32.09 2.19
N TRP A 421 -38.35 -32.07 3.51
CA TRP A 421 -39.14 -32.93 4.39
C TRP A 421 -40.64 -32.63 4.37
N ASP A 422 -41.07 -31.42 3.99
CA ASP A 422 -42.47 -31.03 4.00
C ASP A 422 -43.26 -31.54 2.79
N PHE A 423 -42.59 -32.11 1.79
CA PHE A 423 -43.21 -32.62 0.56
C PHE A 423 -43.98 -33.93 0.81
N GLY A 424 -45.30 -33.95 0.64
CA GLY A 424 -46.09 -35.18 0.68
C GLY A 424 -47.56 -35.04 1.11
N SER A 425 -48.29 -36.14 0.98
CA SER A 425 -49.67 -36.30 1.47
C SER A 425 -49.78 -36.67 2.96
N ALA A 426 -48.66 -36.64 3.71
CA ALA A 426 -48.58 -37.00 5.12
C ALA A 426 -47.61 -36.10 5.91
N GLY A 427 -47.74 -36.15 7.25
CA GLY A 427 -46.94 -35.38 8.20
C GLY A 427 -46.65 -36.13 9.49
N GLY A 428 -46.53 -37.46 9.42
CA GLY A 428 -46.32 -38.35 10.58
C GLY A 428 -45.02 -38.08 11.36
N PHE A 429 -44.96 -38.63 12.57
CA PHE A 429 -43.99 -38.21 13.60
C PHE A 429 -42.52 -38.28 13.16
N MET A 430 -42.14 -39.28 12.36
CA MET A 430 -40.80 -39.42 11.78
C MET A 430 -40.34 -38.16 11.02
N THR A 431 -41.25 -37.46 10.32
CA THR A 431 -40.89 -36.22 9.58
C THR A 431 -40.37 -35.12 10.51
N SER A 432 -40.83 -35.07 11.77
CA SER A 432 -40.32 -34.14 12.77
C SER A 432 -38.90 -34.51 13.21
N ILE A 433 -38.57 -35.80 13.28
CA ILE A 433 -37.23 -36.28 13.60
C ILE A 433 -36.27 -35.91 12.47
N GLY A 434 -36.67 -36.17 11.22
CA GLY A 434 -35.91 -35.81 10.03
C GLY A 434 -35.60 -34.31 9.96
N ARG A 435 -36.63 -33.45 9.97
CA ARG A 435 -36.44 -32.01 9.88
C ARG A 435 -35.64 -31.45 11.07
N ALA A 436 -35.83 -31.95 12.28
CA ALA A 436 -35.02 -31.54 13.42
C ALA A 436 -33.54 -31.91 13.24
N MET A 437 -33.23 -33.16 12.91
CA MET A 437 -31.84 -33.60 12.77
C MET A 437 -31.13 -32.92 11.59
N HIS A 438 -31.82 -32.75 10.46
CA HIS A 438 -31.31 -31.96 9.34
C HIS A 438 -31.00 -30.53 9.75
N THR A 439 -31.87 -29.87 10.53
CA THR A 439 -31.66 -28.48 10.96
C THR A 439 -30.43 -28.36 11.85
N VAL A 440 -30.23 -29.26 12.80
CA VAL A 440 -29.08 -29.20 13.72
C VAL A 440 -27.78 -29.60 13.02
N LEU A 441 -27.70 -30.80 12.43
CA LEU A 441 -26.45 -31.32 11.87
C LEU A 441 -26.04 -30.57 10.59
N GLY A 442 -27.00 -30.15 9.76
CA GLY A 442 -26.74 -29.29 8.61
C GLY A 442 -26.41 -27.85 9.00
N GLY A 443 -27.07 -27.33 10.05
CA GLY A 443 -26.79 -26.00 10.59
C GLY A 443 -25.39 -25.87 11.17
N ALA A 444 -24.86 -26.92 11.80
CA ALA A 444 -23.48 -26.95 12.27
C ALA A 444 -22.47 -26.78 11.12
N PHE A 445 -22.62 -27.56 10.05
CA PHE A 445 -21.79 -27.44 8.84
C PHE A 445 -21.91 -26.04 8.21
N ASN A 446 -23.12 -25.52 8.03
CA ASN A 446 -23.36 -24.19 7.47
C ASN A 446 -22.76 -23.06 8.35
N THR A 447 -22.80 -23.22 9.67
CA THR A 447 -22.21 -22.23 10.60
C THR A 447 -20.68 -22.25 10.53
N LEU A 448 -20.07 -23.44 10.64
CA LEU A 448 -18.61 -23.56 10.76
C LEU A 448 -17.87 -23.37 9.44
N LEU A 449 -18.43 -23.82 8.31
CA LEU A 449 -17.78 -23.85 7.00
C LEU A 449 -18.52 -23.04 5.92
N GLY A 450 -19.49 -22.21 6.31
CA GLY A 450 -20.17 -21.31 5.38
C GLY A 450 -19.18 -20.38 4.68
N GLY A 451 -19.23 -20.33 3.35
CA GLY A 451 -18.34 -19.51 2.51
C GLY A 451 -16.95 -20.08 2.26
N VAL A 452 -16.54 -21.18 2.90
CA VAL A 452 -15.26 -21.84 2.55
C VAL A 452 -15.39 -22.56 1.21
N GLY A 453 -14.44 -22.37 0.29
CA GLY A 453 -14.50 -22.92 -1.07
C GLY A 453 -14.45 -24.45 -1.16
N PHE A 454 -14.82 -25.00 -2.33
CA PHE A 454 -14.91 -26.44 -2.56
C PHE A 454 -13.59 -27.18 -2.32
N LEU A 455 -12.50 -26.75 -2.99
CA LEU A 455 -11.16 -27.31 -2.79
C LEU A 455 -10.69 -27.20 -1.32
N PRO A 456 -10.67 -26.04 -0.65
CA PRO A 456 -10.21 -25.98 0.73
C PRO A 456 -11.10 -26.76 1.71
N LYS A 457 -12.42 -26.87 1.48
CA LYS A 457 -13.28 -27.78 2.26
C LYS A 457 -12.81 -29.22 2.15
N ILE A 458 -12.51 -29.69 0.94
CA ILE A 458 -11.99 -31.05 0.73
C ILE A 458 -10.64 -31.21 1.44
N LEU A 459 -9.69 -30.27 1.25
CA LEU A 459 -8.38 -30.36 1.88
C LEU A 459 -8.46 -30.37 3.41
N LEU A 460 -9.30 -29.52 4.02
CA LEU A 460 -9.49 -29.51 5.47
C LEU A 460 -10.16 -30.79 5.96
N GLY A 461 -11.21 -31.27 5.28
CA GLY A 461 -11.90 -32.51 5.65
C GLY A 461 -11.00 -33.73 5.57
N VAL A 462 -10.27 -33.90 4.45
CA VAL A 462 -9.28 -34.97 4.27
C VAL A 462 -8.18 -34.86 5.31
N ALA A 463 -7.63 -33.67 5.57
CA ALA A 463 -6.60 -33.48 6.59
C ALA A 463 -7.11 -33.85 8.00
N MET A 464 -8.33 -33.43 8.36
CA MET A 464 -8.91 -33.73 9.67
C MET A 464 -9.14 -35.23 9.89
N ALA A 465 -9.65 -35.92 8.87
CA ALA A 465 -9.79 -37.38 8.89
C ALA A 465 -8.41 -38.08 8.92
N TRP A 466 -7.45 -37.65 8.10
CA TRP A 466 -6.13 -38.28 8.02
C TRP A 466 -5.32 -38.11 9.32
N LEU A 467 -5.30 -36.91 9.92
CA LEU A 467 -4.75 -36.71 11.26
C LEU A 467 -5.51 -37.54 12.31
N GLY A 468 -6.82 -37.73 12.13
CA GLY A 468 -7.66 -38.60 12.95
C GLY A 468 -7.14 -40.05 13.07
N LEU A 469 -6.34 -40.54 12.13
CA LEU A 469 -5.71 -41.86 12.20
C LEU A 469 -4.62 -41.97 13.29
N ASN A 470 -4.08 -40.85 13.80
CA ASN A 470 -2.90 -40.85 14.69
C ASN A 470 -3.00 -39.89 15.90
N MET A 471 -4.22 -39.54 16.33
CA MET A 471 -4.45 -38.68 17.51
C MET A 471 -4.15 -39.38 18.85
N ARG A 472 -3.86 -38.59 19.89
CA ARG A 472 -3.37 -39.06 21.21
C ARG A 472 -4.40 -39.77 22.11
N ASN A 473 -5.67 -39.86 21.72
CA ASN A 473 -6.69 -40.65 22.41
C ASN A 473 -7.72 -41.21 21.39
N PRO A 474 -8.24 -42.44 21.56
CA PRO A 474 -9.17 -43.05 20.61
C PRO A 474 -10.51 -42.31 20.50
N THR A 475 -10.94 -41.60 21.55
CA THR A 475 -12.16 -40.77 21.54
C THR A 475 -12.02 -39.61 20.54
N LEU A 476 -10.86 -38.93 20.55
CA LEU A 476 -10.55 -37.84 19.62
C LEU A 476 -10.35 -38.38 18.20
N SER A 477 -9.62 -39.50 18.05
CA SER A 477 -9.44 -40.18 16.76
C SER A 477 -10.79 -40.48 16.09
N MET A 478 -11.72 -41.11 16.83
CA MET A 478 -13.08 -41.37 16.33
C MET A 478 -13.85 -40.07 16.03
N GLY A 479 -13.85 -39.10 16.94
CA GLY A 479 -14.59 -37.84 16.76
C GLY A 479 -14.13 -37.02 15.54
N PHE A 480 -12.83 -36.98 15.26
CA PHE A 480 -12.28 -36.28 14.09
C PHE A 480 -12.34 -37.12 12.79
N LEU A 481 -12.39 -38.45 12.86
CA LEU A 481 -12.77 -39.28 11.70
C LEU A 481 -14.26 -39.08 11.34
N LEU A 482 -15.18 -39.10 12.32
CA LEU A 482 -16.61 -38.89 12.08
C LEU A 482 -16.90 -37.48 11.55
N SER A 483 -16.43 -36.44 12.23
CA SER A 483 -16.65 -35.05 11.78
C SER A 483 -15.93 -34.73 10.47
N GLY A 484 -14.73 -35.25 10.23
CA GLY A 484 -14.05 -35.14 8.92
C GLY A 484 -14.84 -35.81 7.79
N GLY A 485 -15.36 -37.02 8.05
CA GLY A 485 -16.22 -37.74 7.11
C GLY A 485 -17.54 -36.99 6.80
N LEU A 486 -18.17 -36.40 7.82
CA LEU A 486 -19.36 -35.56 7.65
C LEU A 486 -19.07 -34.33 6.78
N VAL A 487 -17.96 -33.63 7.03
CA VAL A 487 -17.53 -32.47 6.22
C VAL A 487 -17.37 -32.85 4.75
N LEU A 488 -16.70 -33.96 4.45
CA LEU A 488 -16.58 -34.44 3.07
C LEU A 488 -17.94 -34.85 2.49
N ALA A 489 -18.79 -35.55 3.26
CA ALA A 489 -20.11 -35.97 2.79
C ALA A 489 -21.02 -34.78 2.40
N MET A 490 -21.03 -33.72 3.22
CA MET A 490 -21.75 -32.50 2.90
C MET A 490 -21.14 -31.77 1.70
N THR A 491 -19.80 -31.70 1.62
CA THR A 491 -19.10 -31.00 0.52
C THR A 491 -19.30 -31.68 -0.83
N LEU A 492 -19.17 -33.00 -0.88
CA LEU A 492 -19.24 -33.80 -2.11
C LEU A 492 -20.66 -34.04 -2.64
N GLY A 493 -21.70 -33.70 -1.87
CA GLY A 493 -23.06 -33.58 -2.37
C GLY A 493 -23.27 -32.26 -3.11
N VAL A 494 -23.46 -31.15 -2.39
CA VAL A 494 -23.52 -29.80 -2.98
C VAL A 494 -22.97 -28.68 -2.08
N GLY A 495 -22.40 -29.00 -0.91
CA GLY A 495 -21.93 -28.04 0.10
C GLY A 495 -20.63 -27.32 -0.25
N ALA A 496 -20.51 -26.79 -1.48
CA ALA A 496 -19.40 -25.99 -2.00
C ALA A 496 -19.51 -24.49 -1.59
N SER B 1 26.99 19.54 -17.43
CA SER B 1 27.06 18.07 -17.29
C SER B 1 25.68 17.46 -17.08
N ARG B 2 25.20 16.70 -18.07
CA ARG B 2 24.00 15.84 -18.01
C ARG B 2 24.03 14.83 -16.87
N CYS B 3 25.21 14.47 -16.39
CA CYS B 3 25.38 13.56 -15.26
C CYS B 3 24.77 14.11 -13.96
N THR B 4 24.69 15.44 -13.77
CA THR B 4 24.07 16.06 -12.58
C THR B 4 22.54 15.93 -12.55
N HIS B 5 21.89 15.69 -13.68
CA HIS B 5 20.43 15.65 -13.79
C HIS B 5 19.79 14.38 -13.22
N LEU B 6 20.50 13.26 -13.22
CA LEU B 6 19.96 11.95 -12.83
C LEU B 6 20.30 11.58 -11.38
N GLU B 7 19.37 10.92 -10.70
CA GLU B 7 19.65 10.32 -9.39
C GLU B 7 20.58 9.11 -9.50
N ASN B 8 20.47 8.34 -10.58
CA ASN B 8 21.25 7.14 -10.81
C ASN B 8 22.62 7.41 -11.46
N ARG B 9 23.37 8.36 -10.90
CA ARG B 9 24.73 8.74 -11.35
C ARG B 9 25.75 7.68 -10.98
N ASP B 10 26.82 7.57 -11.75
CA ASP B 10 27.97 6.72 -11.41
C ASP B 10 29.31 7.36 -11.79
N PHE B 11 30.36 6.98 -11.08
CA PHE B 11 31.73 7.50 -11.26
C PHE B 11 32.72 6.33 -11.28
N VAL B 12 33.64 6.36 -12.23
CA VAL B 12 34.78 5.43 -12.28
C VAL B 12 35.97 6.16 -12.87
N THR B 13 37.18 5.81 -12.44
CA THR B 13 38.37 6.62 -12.71
C THR B 13 39.56 5.80 -13.22
N GLY B 14 40.30 6.36 -14.19
CA GLY B 14 41.54 5.82 -14.72
C GLY B 14 42.75 6.26 -13.88
N THR B 15 43.51 5.29 -13.37
CA THR B 15 44.75 5.50 -12.61
C THR B 15 45.87 6.07 -13.48
N GLN B 16 46.98 6.49 -12.86
CA GLN B 16 48.15 7.03 -13.56
C GLN B 16 48.63 6.10 -14.69
N GLY B 17 48.61 6.60 -15.92
CA GLY B 17 49.02 5.88 -17.13
C GLY B 17 47.97 4.93 -17.73
N THR B 18 46.80 4.74 -17.12
CA THR B 18 45.76 3.85 -17.66
C THR B 18 45.02 4.53 -18.82
N THR B 19 45.20 4.01 -20.05
CA THR B 19 44.66 4.60 -21.29
C THR B 19 43.24 4.15 -21.66
N ARG B 20 42.73 3.04 -21.11
CA ARG B 20 41.42 2.46 -21.43
C ARG B 20 40.59 2.14 -20.20
N VAL B 21 39.27 2.28 -20.31
CA VAL B 21 38.29 1.94 -19.27
C VAL B 21 37.15 1.14 -19.90
N THR B 22 36.65 0.10 -19.21
CA THR B 22 35.47 -0.67 -19.66
C THR B 22 34.23 -0.28 -18.87
N LEU B 23 33.15 0.03 -19.56
CA LEU B 23 31.89 0.48 -19.00
C LEU B 23 30.75 -0.50 -19.34
N VAL B 24 29.76 -0.59 -18.46
CA VAL B 24 28.43 -1.05 -18.82
C VAL B 24 27.51 0.16 -18.80
N LEU B 25 26.81 0.42 -19.89
CA LEU B 25 25.95 1.59 -20.06
C LEU B 25 24.48 1.16 -20.10
N GLU B 26 23.62 1.89 -19.41
CA GLU B 26 22.20 1.52 -19.20
C GLU B 26 21.26 2.68 -19.49
N LEU B 27 20.03 2.40 -19.97
CA LEU B 27 19.13 3.45 -20.47
C LEU B 27 18.72 4.47 -19.41
N GLY B 28 18.75 4.09 -18.13
CA GLY B 28 18.45 4.94 -16.98
C GLY B 28 19.68 5.31 -16.16
N GLY B 29 20.86 5.39 -16.78
CA GLY B 29 22.13 5.64 -16.10
C GLY B 29 23.07 6.59 -16.85
N CYS B 30 24.14 7.01 -16.19
CA CYS B 30 25.08 7.99 -16.72
C CYS B 30 26.40 7.88 -15.96
N VAL B 31 27.53 7.77 -16.66
CA VAL B 31 28.85 7.57 -16.05
C VAL B 31 29.75 8.77 -16.33
N THR B 32 30.27 9.43 -15.29
CA THR B 32 31.39 10.37 -15.44
C THR B 32 32.69 9.60 -15.31
N ILE B 33 33.49 9.57 -16.37
CA ILE B 33 34.85 9.00 -16.35
C ILE B 33 35.87 10.14 -16.26
N THR B 34 36.77 10.01 -15.29
CA THR B 34 37.85 10.95 -15.02
C THR B 34 39.18 10.20 -14.99
N ALA B 35 40.25 10.78 -15.52
CA ALA B 35 41.59 10.19 -15.49
C ALA B 35 42.62 11.31 -15.36
N GLU B 36 43.76 11.03 -14.73
CA GLU B 36 44.72 12.09 -14.40
C GLU B 36 45.24 12.79 -15.66
N GLY B 37 45.00 14.10 -15.76
CA GLY B 37 45.46 14.91 -16.88
C GLY B 37 44.67 14.75 -18.18
N LYS B 38 43.45 14.18 -18.13
CA LYS B 38 42.49 14.16 -19.24
C LYS B 38 41.21 14.90 -18.85
N PRO B 39 40.52 15.58 -19.77
CA PRO B 39 39.27 16.26 -19.49
C PRO B 39 38.20 15.26 -19.04
N SER B 40 37.47 15.57 -17.97
CA SER B 40 36.39 14.71 -17.48
C SER B 40 35.29 14.58 -18.50
N MET B 41 34.77 13.36 -18.65
CA MET B 41 33.87 12.99 -19.74
C MET B 41 32.65 12.24 -19.22
N ASP B 42 31.45 12.54 -19.72
CA ASP B 42 30.22 11.81 -19.39
C ASP B 42 29.75 10.94 -20.55
N VAL B 43 29.38 9.68 -20.28
CA VAL B 43 28.98 8.69 -21.28
C VAL B 43 27.65 8.05 -20.85
N TRP B 44 26.71 7.87 -21.78
CA TRP B 44 25.43 7.19 -21.53
C TRP B 44 24.81 6.54 -22.77
N LEU B 45 23.92 5.57 -22.55
CA LEU B 45 23.13 4.89 -23.59
C LEU B 45 21.78 5.59 -23.72
N ASP B 46 21.49 6.19 -24.87
CA ASP B 46 20.30 7.01 -25.06
C ASP B 46 19.13 6.24 -25.67
N ALA B 47 19.37 5.20 -26.47
CA ALA B 47 18.33 4.37 -27.07
C ALA B 47 18.81 2.95 -27.41
N ILE B 48 17.88 1.99 -27.41
CA ILE B 48 17.98 0.70 -28.10
C ILE B 48 16.73 0.54 -28.96
N TYR B 49 16.84 0.41 -30.29
CA TYR B 49 15.68 0.32 -31.16
C TYR B 49 15.91 -0.46 -32.46
N GLN B 50 14.80 -0.79 -33.14
CA GLN B 50 14.73 -1.31 -34.49
C GLN B 50 13.55 -0.63 -35.20
N GLU B 51 13.58 -0.52 -36.52
CA GLU B 51 12.41 -0.03 -37.27
C GLU B 51 11.60 -1.19 -37.85
N ASN B 52 10.28 -1.16 -37.62
CA ASN B 52 9.31 -2.16 -38.08
C ASN B 52 9.72 -3.63 -37.81
N PRO B 53 9.92 -4.05 -36.56
CA PRO B 53 10.28 -5.43 -36.23
C PRO B 53 9.22 -6.45 -36.71
N ALA B 54 9.60 -7.72 -36.81
CA ALA B 54 8.74 -8.75 -37.38
C ALA B 54 7.56 -9.10 -36.47
N LYS B 55 6.33 -9.11 -37.03
CA LYS B 55 5.15 -9.63 -36.31
C LYS B 55 5.30 -11.13 -36.05
N THR B 56 4.87 -11.56 -34.88
CA THR B 56 4.71 -12.97 -34.51
C THR B 56 3.20 -13.25 -34.40
N ARG B 57 2.69 -13.88 -33.34
CA ARG B 57 1.25 -14.10 -33.17
C ARG B 57 0.46 -12.80 -33.00
N GLU B 58 -0.74 -12.80 -33.52
CA GLU B 58 -1.82 -11.92 -33.12
C GLU B 58 -2.83 -12.73 -32.29
N TYR B 59 -3.29 -12.15 -31.17
CA TYR B 59 -4.30 -12.70 -30.27
C TYR B 59 -5.53 -11.81 -30.25
N CYS B 60 -6.71 -12.38 -29.99
CA CYS B 60 -7.97 -11.64 -29.96
C CYS B 60 -8.47 -11.39 -28.53
N LEU B 61 -8.73 -10.14 -28.15
CA LEU B 61 -9.19 -9.74 -26.82
C LEU B 61 -10.72 -9.65 -26.68
N HIS B 62 -11.45 -9.47 -27.76
CA HIS B 62 -12.91 -9.31 -27.77
C HIS B 62 -13.54 -9.86 -29.05
N ALA B 63 -14.16 -11.04 -28.95
CA ALA B 63 -14.79 -11.71 -30.06
C ALA B 63 -16.10 -11.02 -30.50
N LYS B 64 -16.32 -10.90 -31.80
CA LYS B 64 -17.61 -10.58 -32.39
C LYS B 64 -18.22 -11.85 -32.94
N LEU B 65 -19.49 -12.08 -32.62
CA LEU B 65 -20.26 -13.24 -33.05
C LEU B 65 -21.43 -12.78 -33.92
N SER B 66 -21.79 -13.56 -34.94
CA SER B 66 -22.88 -13.24 -35.87
C SER B 66 -23.43 -14.47 -36.59
N ASP B 67 -24.60 -14.33 -37.21
CA ASP B 67 -25.21 -15.31 -38.12
C ASP B 67 -25.36 -16.72 -37.54
N THR B 68 -25.73 -16.83 -36.26
CA THR B 68 -25.94 -18.13 -35.61
C THR B 68 -27.06 -18.94 -36.27
N LYS B 69 -26.88 -20.27 -36.36
CA LYS B 69 -27.87 -21.23 -36.84
C LYS B 69 -27.83 -22.51 -36.02
N VAL B 70 -28.92 -23.26 -36.02
CA VAL B 70 -29.11 -24.51 -35.27
C VAL B 70 -29.92 -25.53 -36.08
N ALA B 71 -29.67 -26.82 -35.87
CA ALA B 71 -30.47 -27.89 -36.45
C ALA B 71 -30.64 -29.01 -35.40
N ALA B 72 -31.81 -29.65 -35.36
CA ALA B 72 -32.08 -30.73 -34.41
C ALA B 72 -32.96 -31.83 -35.00
N ARG B 73 -32.83 -33.06 -34.48
CA ARG B 73 -33.41 -34.30 -35.03
C ARG B 73 -34.11 -35.13 -33.96
N CYS B 74 -35.25 -35.73 -34.30
CA CYS B 74 -36.06 -36.49 -33.36
C CYS B 74 -35.34 -37.77 -32.89
N PRO B 75 -35.73 -38.36 -31.75
CA PRO B 75 -35.08 -39.57 -31.26
C PRO B 75 -35.07 -40.69 -32.31
N THR B 76 -33.93 -41.36 -32.48
CA THR B 76 -33.65 -42.38 -33.50
C THR B 76 -33.65 -41.93 -34.96
N MET B 77 -33.84 -40.66 -35.28
CA MET B 77 -33.63 -40.12 -36.63
C MET B 77 -32.15 -39.84 -36.98
N GLY B 78 -31.20 -40.25 -36.13
CA GLY B 78 -29.76 -40.05 -36.33
C GLY B 78 -29.29 -38.59 -36.11
N PRO B 79 -27.99 -38.33 -36.25
CA PRO B 79 -27.38 -37.05 -35.86
C PRO B 79 -27.74 -35.88 -36.79
N ALA B 80 -28.00 -34.71 -36.23
CA ALA B 80 -28.28 -33.47 -36.98
C ALA B 80 -27.00 -32.92 -37.64
N THR B 81 -27.13 -32.25 -38.80
CA THR B 81 -25.98 -31.84 -39.62
C THR B 81 -26.19 -30.48 -40.27
N LEU B 82 -25.14 -29.66 -40.30
CA LEU B 82 -25.09 -28.35 -40.95
C LEU B 82 -23.88 -28.23 -41.88
N THR B 83 -24.01 -27.46 -42.95
CA THR B 83 -22.88 -27.03 -43.79
C THR B 83 -21.79 -26.29 -43.00
N GLU B 84 -22.19 -25.49 -42.02
CA GLU B 84 -21.30 -24.62 -41.26
C GLU B 84 -20.29 -25.34 -40.37
N GLU B 85 -20.48 -26.64 -40.09
CA GLU B 85 -19.51 -27.44 -39.34
C GLU B 85 -18.19 -27.65 -40.10
N HIS B 86 -18.19 -27.45 -41.42
CA HIS B 86 -17.05 -27.72 -42.31
C HIS B 86 -16.27 -26.46 -42.72
N GLN B 87 -16.85 -25.28 -42.59
CA GLN B 87 -16.25 -24.01 -42.99
C GLN B 87 -15.13 -23.56 -42.04
N GLY B 88 -14.42 -22.50 -42.43
CA GLY B 88 -13.49 -21.80 -41.54
C GLY B 88 -14.18 -20.67 -40.77
N GLY B 89 -13.67 -20.34 -39.59
CA GLY B 89 -14.18 -19.21 -38.80
C GLY B 89 -15.52 -19.44 -38.11
N THR B 90 -15.97 -20.69 -37.98
CA THR B 90 -17.16 -21.07 -37.22
C THR B 90 -16.78 -21.80 -35.95
N VAL B 91 -17.46 -21.51 -34.84
CA VAL B 91 -17.43 -22.32 -33.61
C VAL B 91 -18.73 -23.09 -33.50
N CYS B 92 -18.67 -24.40 -33.22
CA CYS B 92 -19.85 -25.27 -33.11
C CYS B 92 -19.76 -26.26 -31.94
N LYS B 93 -20.92 -26.64 -31.42
CA LYS B 93 -21.07 -27.70 -30.42
C LYS B 93 -22.22 -28.63 -30.80
N ARG B 94 -22.01 -29.93 -30.59
CA ARG B 94 -22.95 -31.02 -30.81
C ARG B 94 -23.39 -31.60 -29.48
N ASP B 95 -24.69 -31.61 -29.21
CA ASP B 95 -25.25 -31.97 -27.90
C ASP B 95 -26.64 -32.60 -28.04
N GLN B 96 -27.17 -33.19 -26.97
CA GLN B 96 -28.43 -33.95 -26.97
C GLN B 96 -29.52 -33.24 -26.15
N SER B 97 -30.72 -33.07 -26.71
CA SER B 97 -31.87 -32.49 -26.03
C SER B 97 -32.92 -33.57 -25.76
N ASP B 98 -33.59 -33.51 -24.61
CA ASP B 98 -34.72 -34.39 -24.31
C ASP B 98 -35.92 -33.99 -25.16
N ARG B 99 -36.60 -34.96 -25.76
CA ARG B 99 -37.67 -34.79 -26.74
C ARG B 99 -38.86 -35.70 -26.44
N GLY B 100 -40.02 -35.39 -27.02
CA GLY B 100 -41.26 -36.15 -26.86
C GLY B 100 -42.42 -35.56 -27.64
N TRP B 101 -43.64 -36.04 -27.42
CA TRP B 101 -44.81 -35.57 -28.17
C TRP B 101 -45.08 -34.09 -27.96
N GLY B 102 -44.67 -33.53 -26.81
CA GLY B 102 -44.86 -32.11 -26.49
C GLY B 102 -44.06 -31.16 -27.39
N ASN B 103 -42.96 -31.62 -27.98
CA ASN B 103 -42.13 -30.89 -28.95
C ASN B 103 -42.05 -31.63 -30.29
N HIS B 104 -43.18 -32.23 -30.67
CA HIS B 104 -43.51 -32.79 -31.99
C HIS B 104 -42.68 -33.99 -32.47
N CYS B 105 -42.03 -34.71 -31.58
CA CYS B 105 -41.44 -36.02 -31.89
C CYS B 105 -42.47 -37.16 -31.82
N GLY B 106 -42.17 -38.29 -32.45
CA GLY B 106 -42.97 -39.52 -32.35
C GLY B 106 -42.65 -40.40 -31.14
N LEU B 107 -41.44 -40.30 -30.59
CA LEU B 107 -40.99 -41.04 -29.42
C LEU B 107 -40.45 -40.10 -28.34
N PHE B 108 -40.56 -40.47 -27.06
CA PHE B 108 -39.89 -39.77 -25.97
C PHE B 108 -38.48 -40.33 -25.80
N GLY B 109 -37.49 -39.47 -25.54
CA GLY B 109 -36.09 -39.87 -25.37
C GLY B 109 -35.14 -38.71 -25.60
N LYS B 110 -33.93 -39.00 -26.08
CA LYS B 110 -32.92 -37.99 -26.43
C LYS B 110 -32.76 -37.86 -27.93
N GLY B 111 -32.92 -36.65 -28.44
CA GLY B 111 -32.60 -36.27 -29.81
C GLY B 111 -31.14 -35.86 -29.95
N SER B 112 -30.80 -35.20 -31.05
CA SER B 112 -29.49 -34.59 -31.25
C SER B 112 -29.66 -33.20 -31.86
N ILE B 113 -28.88 -32.24 -31.39
CA ILE B 113 -28.91 -30.82 -31.76
C ILE B 113 -27.50 -30.30 -31.95
N VAL B 114 -27.28 -29.50 -33.00
CA VAL B 114 -26.00 -28.87 -33.30
C VAL B 114 -26.20 -27.38 -33.50
N ALA B 115 -25.38 -26.55 -32.88
CA ALA B 115 -25.48 -25.10 -32.92
C ALA B 115 -24.17 -24.49 -33.36
N CYS B 116 -24.23 -23.43 -34.16
CA CYS B 116 -23.05 -22.80 -34.76
C CYS B 116 -23.12 -21.27 -34.72
N VAL B 117 -21.96 -20.61 -34.75
CA VAL B 117 -21.86 -19.16 -34.84
C VAL B 117 -20.54 -18.75 -35.51
N LYS B 118 -20.55 -17.68 -36.30
CA LYS B 118 -19.33 -17.10 -36.90
C LYS B 118 -18.52 -16.38 -35.84
N ALA B 119 -17.20 -16.45 -35.89
CA ALA B 119 -16.30 -15.74 -34.98
C ALA B 119 -15.35 -14.79 -35.73
N ALA B 120 -15.23 -13.59 -35.20
CA ALA B 120 -14.38 -12.51 -35.68
C ALA B 120 -13.81 -11.70 -34.50
N CYS B 121 -12.91 -10.75 -34.75
CA CYS B 121 -12.38 -9.84 -33.75
C CYS B 121 -13.03 -8.46 -33.91
N GLU B 122 -13.37 -7.79 -32.80
CA GLU B 122 -13.79 -6.39 -32.85
C GLU B 122 -12.68 -5.44 -33.33
N ALA B 123 -13.08 -4.28 -33.84
CA ALA B 123 -12.31 -3.50 -34.80
C ALA B 123 -10.85 -3.19 -34.43
N LYS B 124 -10.55 -2.98 -33.15
CA LYS B 124 -9.21 -2.60 -32.66
C LYS B 124 -8.76 -3.40 -31.43
N LYS B 125 -9.26 -4.63 -31.27
CA LYS B 125 -9.14 -5.42 -30.03
C LYS B 125 -8.09 -6.54 -30.10
N LYS B 126 -6.96 -6.34 -30.78
CA LYS B 126 -5.92 -7.36 -30.99
C LYS B 126 -4.67 -7.09 -30.16
N ALA B 127 -4.12 -8.12 -29.53
CA ALA B 127 -2.78 -8.10 -28.94
C ALA B 127 -1.76 -8.65 -29.93
N THR B 128 -0.74 -7.87 -30.28
CA THR B 128 0.27 -8.23 -31.29
C THR B 128 1.65 -8.37 -30.64
N GLY B 129 2.32 -9.50 -30.83
CA GLY B 129 3.73 -9.65 -30.45
C GLY B 129 4.68 -9.30 -31.59
N HIS B 130 5.71 -8.51 -31.34
CA HIS B 130 6.80 -8.23 -32.25
C HIS B 130 8.14 -8.68 -31.69
N VAL B 131 9.07 -9.15 -32.52
CA VAL B 131 10.37 -9.68 -32.07
C VAL B 131 11.54 -9.01 -32.81
N TYR B 132 12.62 -8.70 -32.09
CA TYR B 132 13.83 -8.07 -32.61
C TYR B 132 14.70 -9.00 -33.48
N ASP B 133 15.41 -8.43 -34.45
CA ASP B 133 16.45 -9.10 -35.23
C ASP B 133 17.82 -8.53 -34.88
N ALA B 134 18.74 -9.36 -34.40
CA ALA B 134 20.07 -8.92 -34.00
C ALA B 134 20.82 -8.23 -35.14
N ASN B 135 20.55 -8.59 -36.39
CA ASN B 135 21.20 -8.00 -37.56
C ASN B 135 20.75 -6.57 -37.86
N LYS B 136 19.69 -6.06 -37.21
CA LYS B 136 19.11 -4.74 -37.50
C LYS B 136 18.87 -3.87 -36.28
N ILE B 137 19.19 -4.34 -35.07
CA ILE B 137 19.13 -3.51 -33.87
C ILE B 137 20.14 -2.37 -33.93
N VAL B 138 19.75 -1.18 -33.48
CA VAL B 138 20.59 0.00 -33.30
C VAL B 138 20.65 0.34 -31.82
N TYR B 139 21.83 0.29 -31.24
CA TYR B 139 22.15 0.93 -29.97
C TYR B 139 22.61 2.38 -30.23
N THR B 140 22.58 3.26 -29.23
CA THR B 140 22.95 4.67 -29.40
C THR B 140 23.64 5.22 -28.17
N VAL B 141 24.97 5.32 -28.20
CA VAL B 141 25.78 5.83 -27.09
C VAL B 141 26.14 7.28 -27.38
N LYS B 142 26.11 8.14 -26.37
CA LYS B 142 26.41 9.58 -26.48
C LYS B 142 27.50 9.99 -25.49
N VAL B 143 28.29 11.00 -25.83
CA VAL B 143 29.38 11.52 -24.99
C VAL B 143 29.32 13.04 -24.87
N GLU B 144 29.59 13.57 -23.67
CA GLU B 144 29.59 14.99 -23.33
C GLU B 144 30.83 15.36 -22.49
N PRO B 145 31.65 16.35 -22.87
CA PRO B 145 32.80 16.79 -22.10
C PRO B 145 32.39 17.79 -21.00
N HIS B 146 33.17 17.88 -19.92
CA HIS B 146 32.96 18.90 -18.88
C HIS B 146 33.49 20.27 -19.33
N THR B 147 32.71 21.02 -20.11
CA THR B 147 33.08 22.34 -20.66
C THR B 147 33.07 23.50 -19.64
N GLY B 148 32.85 23.24 -18.35
CA GLY B 148 32.84 24.28 -17.31
C GLY B 148 31.64 25.23 -17.38
N ASP B 149 30.55 24.80 -18.02
CA ASP B 149 29.33 25.57 -18.27
C ASP B 149 28.10 24.71 -17.96
N TYR B 150 26.94 25.33 -17.75
CA TYR B 150 25.73 24.63 -17.28
C TYR B 150 24.54 24.79 -18.22
N VAL B 151 23.71 23.74 -18.26
CA VAL B 151 22.53 23.63 -19.12
C VAL B 151 21.41 22.88 -18.38
N ALA B 152 20.16 23.27 -18.63
CA ALA B 152 19.00 22.57 -18.10
C ALA B 152 18.77 21.18 -18.76
N ALA B 153 17.72 20.48 -18.33
CA ALA B 153 17.23 19.29 -19.03
C ALA B 153 16.67 19.60 -20.42
N ASN B 154 16.20 20.84 -20.64
CA ASN B 154 15.57 21.31 -21.88
C ASN B 154 16.42 22.33 -22.64
N GLU B 155 17.74 22.18 -22.65
CA GLU B 155 18.68 23.02 -23.40
C GLU B 155 19.66 22.18 -24.23
N THR B 156 20.06 22.72 -25.39
CA THR B 156 20.90 22.05 -26.40
C THR B 156 22.38 22.35 -26.19
N HIS B 157 23.12 21.49 -25.49
CA HIS B 157 24.55 21.66 -25.25
C HIS B 157 25.38 21.33 -26.50
N SER B 158 26.13 22.30 -27.01
CA SER B 158 26.91 22.15 -28.24
C SER B 158 28.04 21.10 -28.15
N GLY B 159 28.44 20.68 -26.95
CA GLY B 159 29.48 19.68 -26.74
C GLY B 159 29.05 18.22 -26.87
N ARG B 160 27.75 17.91 -26.97
CA ARG B 160 27.26 16.54 -27.13
C ARG B 160 27.51 16.01 -28.54
N LYS B 161 28.15 14.84 -28.64
CA LYS B 161 28.37 14.08 -29.88
C LYS B 161 27.78 12.67 -29.75
N THR B 162 27.29 12.09 -30.84
CA THR B 162 26.50 10.84 -30.86
C THR B 162 27.11 9.74 -31.74
N ALA B 163 27.00 8.49 -31.32
CA ALA B 163 27.52 7.33 -32.05
C ALA B 163 26.53 6.16 -32.05
N SER B 164 25.99 5.83 -33.22
CA SER B 164 25.13 4.65 -33.41
C SER B 164 25.97 3.39 -33.51
N PHE B 165 25.50 2.28 -32.96
CA PHE B 165 26.18 1.00 -33.04
C PHE B 165 25.21 -0.12 -33.45
N THR B 166 25.69 -1.02 -34.30
CA THR B 166 24.99 -2.19 -34.81
C THR B 166 26.03 -3.23 -35.23
N VAL B 167 25.68 -4.49 -35.48
CA VAL B 167 26.68 -5.59 -35.59
C VAL B 167 27.72 -5.38 -36.70
N SER B 168 27.41 -4.61 -37.74
CA SER B 168 28.34 -4.24 -38.81
C SER B 168 29.26 -3.04 -38.50
N SER B 169 29.12 -2.41 -37.33
CA SER B 169 29.72 -1.09 -37.03
C SER B 169 30.09 -0.93 -35.56
N GLU B 170 30.96 -1.80 -35.02
CA GLU B 170 31.26 -1.85 -33.59
C GLU B 170 32.10 -0.67 -33.04
N LYS B 171 32.87 0.05 -33.86
CA LYS B 171 33.85 1.04 -33.38
C LYS B 171 33.68 2.41 -34.03
N THR B 172 33.89 3.50 -33.30
CA THR B 172 33.83 4.88 -33.84
C THR B 172 34.73 5.84 -33.06
N ILE B 173 35.25 6.85 -33.75
CA ILE B 173 36.07 7.94 -33.19
C ILE B 173 35.29 9.25 -33.27
N LEU B 174 35.13 9.95 -32.15
CA LEU B 174 34.41 11.23 -32.07
C LEU B 174 35.35 12.40 -31.78
N THR B 175 35.22 13.50 -32.52
CA THR B 175 35.98 14.75 -32.28
C THR B 175 35.24 15.69 -31.31
N MET B 176 35.69 15.78 -30.07
CA MET B 176 35.05 16.53 -28.98
C MET B 176 35.32 18.05 -29.01
N GLY B 177 35.54 18.66 -30.17
CA GLY B 177 36.04 20.04 -30.27
C GLY B 177 37.48 20.16 -29.76
N GLU B 178 37.82 21.27 -29.10
CA GLU B 178 39.19 21.54 -28.61
C GLU B 178 39.71 20.50 -27.60
N TYR B 179 38.84 19.64 -27.06
CA TYR B 179 39.17 18.59 -26.10
C TYR B 179 39.79 17.34 -26.75
N GLY B 180 39.90 17.28 -28.09
CA GLY B 180 40.57 16.19 -28.81
C GLY B 180 39.59 15.10 -29.27
N ASP B 181 40.04 13.84 -29.30
CA ASP B 181 39.28 12.72 -29.86
C ASP B 181 39.04 11.61 -28.82
N VAL B 182 37.89 10.93 -28.89
CA VAL B 182 37.54 9.79 -28.00
C VAL B 182 37.10 8.58 -28.81
N SER B 183 37.55 7.39 -28.42
CA SER B 183 37.32 6.15 -29.16
C SER B 183 36.43 5.18 -28.38
N LEU B 184 35.32 4.79 -29.01
CA LEU B 184 34.30 3.92 -28.44
C LEU B 184 34.29 2.59 -29.20
N LEU B 185 34.35 1.48 -28.48
CA LEU B 185 34.02 0.15 -29.02
C LEU B 185 32.81 -0.44 -28.30
N CYS B 186 31.71 -0.67 -29.02
CA CYS B 186 30.49 -1.29 -28.46
C CYS B 186 30.31 -2.69 -29.05
N ARG B 187 30.34 -3.72 -28.21
CA ARG B 187 29.89 -5.04 -28.64
C ARG B 187 28.36 -5.00 -28.70
N VAL B 188 27.76 -5.23 -29.87
CA VAL B 188 26.29 -5.33 -30.03
C VAL B 188 25.77 -6.75 -29.77
N ALA B 189 26.63 -7.76 -29.82
CA ALA B 189 26.41 -8.97 -29.03
C ALA B 189 26.49 -8.63 -27.53
N SER B 190 26.28 -9.58 -26.63
CA SER B 190 25.97 -9.31 -25.21
C SER B 190 24.68 -8.45 -25.09
N GLY B 191 24.56 -7.60 -24.08
CA GLY B 191 23.41 -6.68 -23.97
C GLY B 191 22.07 -7.38 -23.74
N VAL B 192 20.99 -6.83 -24.28
CA VAL B 192 19.64 -7.38 -24.10
C VAL B 192 19.55 -8.73 -24.79
N ASP B 193 19.01 -9.75 -24.13
CA ASP B 193 18.77 -11.04 -24.80
C ASP B 193 17.52 -10.99 -25.69
N LEU B 194 17.75 -10.74 -26.97
CA LEU B 194 16.73 -10.63 -28.01
C LEU B 194 16.04 -11.97 -28.34
N ALA B 195 16.52 -13.10 -27.84
CA ALA B 195 15.85 -14.39 -28.04
C ALA B 195 14.65 -14.56 -27.09
N GLN B 196 14.71 -14.00 -25.88
CA GLN B 196 13.68 -14.12 -24.84
C GLN B 196 12.65 -12.97 -24.83
N THR B 197 12.91 -11.87 -25.53
CA THR B 197 12.19 -10.62 -25.37
C THR B 197 11.22 -10.37 -26.51
N VAL B 198 9.97 -10.11 -26.20
CA VAL B 198 8.89 -9.78 -27.15
C VAL B 198 8.36 -8.39 -26.81
N ILE B 199 8.07 -7.57 -27.82
CA ILE B 199 7.43 -6.27 -27.63
C ILE B 199 5.94 -6.41 -27.95
N LEU B 200 5.08 -6.15 -26.97
CA LEU B 200 3.64 -6.38 -27.04
C LEU B 200 2.91 -5.05 -27.28
N GLU B 201 2.13 -4.98 -28.34
CA GLU B 201 1.39 -3.81 -28.80
C GLU B 201 -0.11 -4.11 -28.77
N LEU B 202 -0.92 -3.26 -28.14
CA LEU B 202 -2.38 -3.41 -28.05
C LEU B 202 -3.08 -2.43 -29.02
N ASP B 203 -3.18 -1.16 -28.66
CA ASP B 203 -3.64 -0.11 -29.59
C ASP B 203 -2.91 1.20 -29.27
N LYS B 204 -2.13 1.71 -30.23
CA LYS B 204 -1.35 2.95 -30.12
C LYS B 204 -2.23 4.18 -29.87
N THR B 205 -3.51 4.11 -30.21
CA THR B 205 -4.42 5.26 -30.21
C THR B 205 -4.96 5.60 -28.81
N VAL B 206 -4.86 4.70 -27.84
CA VAL B 206 -5.52 4.86 -26.53
C VAL B 206 -4.87 5.98 -25.72
N GLU B 207 -5.67 6.89 -25.19
CA GLU B 207 -5.18 8.13 -24.56
C GLU B 207 -4.40 7.91 -23.25
N HIS B 208 -4.73 6.84 -22.50
CA HIS B 208 -4.28 6.64 -21.12
C HIS B 208 -3.72 5.24 -20.87
N LEU B 209 -2.92 4.72 -21.81
CA LEU B 209 -2.14 3.49 -21.64
C LEU B 209 -0.73 3.66 -22.27
N PRO B 210 0.31 3.02 -21.74
CA PRO B 210 1.59 3.00 -22.40
C PRO B 210 1.50 2.24 -23.73
N THR B 211 2.31 2.61 -24.73
CA THR B 211 2.12 2.08 -26.09
C THR B 211 2.54 0.63 -26.25
N ALA B 212 3.45 0.12 -25.41
CA ALA B 212 3.90 -1.28 -25.47
C ALA B 212 4.48 -1.79 -24.15
N TRP B 213 4.55 -3.11 -24.01
CA TRP B 213 5.14 -3.82 -22.86
C TRP B 213 6.24 -4.79 -23.31
N GLN B 214 7.27 -5.00 -22.48
CA GLN B 214 8.44 -5.84 -22.77
C GLN B 214 8.30 -7.24 -22.16
N VAL B 215 7.50 -8.08 -22.80
CA VAL B 215 7.01 -9.38 -22.32
C VAL B 215 7.97 -10.53 -22.62
N HIS B 216 8.04 -11.54 -21.74
CA HIS B 216 8.86 -12.74 -21.96
C HIS B 216 8.23 -13.74 -22.95
N ARG B 217 9.03 -14.33 -23.83
CA ARG B 217 8.60 -15.21 -24.93
C ARG B 217 7.93 -16.50 -24.46
N ASP B 218 8.42 -17.12 -23.40
CA ASP B 218 7.78 -18.34 -22.88
C ASP B 218 6.40 -18.09 -22.28
N TRP B 219 6.14 -16.91 -21.72
CA TRP B 219 4.80 -16.50 -21.28
C TRP B 219 3.90 -16.21 -22.48
N PHE B 220 4.39 -15.47 -23.46
CA PHE B 220 3.58 -15.01 -24.59
C PHE B 220 3.09 -16.15 -25.47
N ASN B 221 3.83 -17.26 -25.55
CA ASN B 221 3.43 -18.47 -26.27
C ASN B 221 2.23 -19.21 -25.65
N ASP B 222 1.85 -18.93 -24.40
CA ASP B 222 0.85 -19.68 -23.64
C ASP B 222 -0.48 -18.94 -23.43
N LEU B 223 -0.68 -17.74 -23.99
CA LEU B 223 -1.93 -17.01 -23.84
C LEU B 223 -3.12 -17.81 -24.39
N ALA B 224 -4.09 -18.11 -23.53
CA ALA B 224 -5.26 -18.94 -23.81
C ALA B 224 -6.40 -18.18 -24.52
N LEU B 225 -6.06 -17.39 -25.53
CA LEU B 225 -6.97 -16.61 -26.36
C LEU B 225 -7.17 -17.30 -27.73
N PRO B 226 -8.11 -16.85 -28.58
CA PRO B 226 -8.03 -17.09 -30.01
C PRO B 226 -6.76 -16.46 -30.59
N TRP B 227 -6.15 -17.07 -31.61
CA TRP B 227 -4.90 -16.58 -32.18
C TRP B 227 -4.72 -16.87 -33.67
N LYS B 228 -3.83 -16.12 -34.32
CA LYS B 228 -3.43 -16.30 -35.73
C LYS B 228 -2.04 -15.72 -36.00
N HIS B 229 -1.44 -16.09 -37.13
CA HIS B 229 -0.32 -15.36 -37.73
C HIS B 229 -0.84 -14.32 -38.73
N GLU B 230 0.00 -13.36 -39.11
CA GLU B 230 -0.41 -12.25 -39.98
C GLU B 230 -1.04 -12.72 -41.30
N GLY B 231 -1.99 -11.94 -41.83
CA GLY B 231 -2.62 -12.15 -43.12
C GLY B 231 -3.76 -13.16 -43.13
N ALA B 232 -3.80 -14.13 -42.21
CA ALA B 232 -4.89 -15.10 -42.13
C ALA B 232 -6.25 -14.44 -41.80
N GLN B 233 -7.32 -14.91 -42.43
CA GLN B 233 -8.68 -14.37 -42.29
C GLN B 233 -9.51 -15.09 -41.18
N ASN B 234 -9.05 -16.24 -40.69
CA ASN B 234 -9.76 -17.07 -39.73
C ASN B 234 -8.91 -17.35 -38.48
N TRP B 235 -9.55 -17.50 -37.33
CA TRP B 235 -8.90 -17.53 -36.02
C TRP B 235 -8.75 -18.96 -35.49
N ASN B 236 -7.57 -19.36 -35.06
CA ASN B 236 -7.38 -20.61 -34.33
C ASN B 236 -8.00 -20.50 -32.92
N ASN B 237 -8.50 -21.62 -32.41
CA ASN B 237 -9.07 -21.76 -31.08
C ASN B 237 -10.18 -20.75 -30.70
N ALA B 238 -11.02 -20.31 -31.65
CA ALA B 238 -12.05 -19.31 -31.39
C ALA B 238 -13.09 -19.75 -30.34
N GLU B 239 -13.20 -21.04 -30.03
CA GLU B 239 -14.01 -21.55 -28.91
C GLU B 239 -13.59 -21.00 -27.54
N ARG B 240 -12.38 -20.47 -27.40
CA ARG B 240 -11.91 -19.91 -26.12
C ARG B 240 -12.58 -18.59 -25.73
N LEU B 241 -13.45 -18.01 -26.55
CA LEU B 241 -14.28 -16.85 -26.21
C LEU B 241 -15.79 -17.06 -26.47
N VAL B 242 -16.23 -18.30 -26.70
CA VAL B 242 -17.66 -18.63 -26.85
C VAL B 242 -18.05 -19.76 -25.93
N GLU B 243 -19.19 -19.64 -25.25
CA GLU B 243 -19.81 -20.73 -24.50
C GLU B 243 -21.27 -20.93 -24.90
N PHE B 244 -21.71 -22.19 -24.81
CA PHE B 244 -22.99 -22.66 -25.32
C PHE B 244 -23.95 -23.02 -24.17
N GLY B 245 -25.18 -22.53 -24.22
CA GLY B 245 -26.19 -22.82 -23.20
C GLY B 245 -26.61 -24.29 -23.21
N ALA B 246 -27.19 -24.77 -22.10
CA ALA B 246 -27.80 -26.09 -22.08
C ALA B 246 -28.93 -26.17 -23.12
N PRO B 247 -29.09 -27.27 -23.85
CA PRO B 247 -30.01 -27.33 -24.99
C PRO B 247 -31.45 -27.52 -24.52
N HIS B 248 -32.41 -26.79 -25.10
CA HIS B 248 -33.83 -26.98 -24.78
C HIS B 248 -34.67 -27.18 -26.04
N ALA B 249 -35.26 -28.37 -26.16
CA ALA B 249 -36.00 -28.80 -27.34
C ALA B 249 -35.23 -28.57 -28.65
N VAL B 250 -35.64 -27.58 -29.44
CA VAL B 250 -35.12 -27.24 -30.77
C VAL B 250 -34.29 -25.93 -30.79
N LYS B 251 -33.93 -25.38 -29.62
CA LYS B 251 -33.15 -24.13 -29.48
C LYS B 251 -31.95 -24.30 -28.55
N MET B 252 -30.91 -23.50 -28.77
CA MET B 252 -29.68 -23.50 -27.99
C MET B 252 -29.03 -22.12 -28.05
N ASP B 253 -28.76 -21.51 -26.90
CA ASP B 253 -28.17 -20.16 -26.82
C ASP B 253 -26.66 -20.17 -27.02
N VAL B 254 -26.12 -19.11 -27.64
CA VAL B 254 -24.68 -18.83 -27.73
C VAL B 254 -24.31 -17.57 -26.93
N TYR B 255 -23.22 -17.61 -26.16
CA TYR B 255 -22.79 -16.50 -25.29
C TYR B 255 -21.32 -16.13 -25.49
N ASN B 256 -20.98 -14.84 -25.47
CA ASN B 256 -19.60 -14.36 -25.31
C ASN B 256 -19.09 -14.59 -23.88
N LEU B 257 -17.78 -14.52 -23.68
CA LEU B 257 -17.18 -14.31 -22.35
C LEU B 257 -16.70 -12.86 -22.10
N GLY B 258 -16.71 -11.99 -23.09
CA GLY B 258 -16.78 -10.53 -22.89
C GLY B 258 -15.62 -9.69 -23.43
N ASP B 259 -15.84 -8.37 -23.48
CA ASP B 259 -14.86 -7.35 -23.86
C ASP B 259 -13.60 -7.38 -22.98
N GLN B 260 -12.44 -7.17 -23.59
CA GLN B 260 -11.10 -7.25 -23.01
C GLN B 260 -10.92 -8.50 -22.12
N THR B 261 -11.45 -9.66 -22.50
CA THR B 261 -11.16 -10.90 -21.79
C THR B 261 -9.77 -11.40 -22.17
N GLY B 262 -8.74 -10.70 -21.71
CA GLY B 262 -7.37 -10.88 -22.18
C GLY B 262 -6.31 -10.23 -21.27
N VAL B 263 -5.30 -9.65 -21.91
CA VAL B 263 -3.95 -9.50 -21.33
C VAL B 263 -3.75 -8.33 -20.37
N LEU B 264 -4.52 -7.24 -20.45
CA LEU B 264 -4.22 -6.01 -19.69
C LEU B 264 -4.34 -6.25 -18.17
N LEU B 265 -3.89 -5.30 -17.36
CA LEU B 265 -3.94 -5.37 -15.91
C LEU B 265 -3.24 -6.61 -15.36
N LYS B 266 -3.83 -7.30 -14.38
CA LYS B 266 -3.12 -8.10 -13.37
C LYS B 266 -2.16 -9.17 -13.90
N ALA B 267 -2.24 -9.57 -15.15
CA ALA B 267 -1.27 -10.47 -15.76
C ALA B 267 0.10 -9.80 -16.01
N LEU B 268 0.12 -8.56 -16.52
CA LEU B 268 1.33 -7.82 -16.92
C LEU B 268 1.95 -6.99 -15.78
N ALA B 269 1.40 -6.99 -14.58
CA ALA B 269 1.93 -6.22 -13.46
C ALA B 269 3.38 -6.60 -13.14
N GLY B 270 4.29 -5.64 -13.24
CA GLY B 270 5.74 -5.81 -13.04
C GLY B 270 6.57 -5.87 -14.33
N VAL B 271 5.94 -5.95 -15.49
CA VAL B 271 6.63 -5.95 -16.79
C VAL B 271 7.16 -4.56 -17.14
N PRO B 272 8.41 -4.41 -17.61
CA PRO B 272 8.92 -3.13 -18.09
C PRO B 272 8.12 -2.56 -19.26
N VAL B 273 7.97 -1.25 -19.32
CA VAL B 273 7.30 -0.56 -20.43
C VAL B 273 8.25 -0.36 -21.61
N ALA B 274 7.71 -0.27 -22.82
CA ALA B 274 8.39 0.04 -24.07
C ALA B 274 7.63 1.12 -24.84
N HIS B 275 8.23 1.73 -25.86
CA HIS B 275 7.68 2.91 -26.51
C HIS B 275 7.78 2.82 -28.03
N ILE B 276 6.72 3.20 -28.74
CA ILE B 276 6.65 3.17 -30.21
C ILE B 276 6.51 4.59 -30.74
N GLU B 277 7.39 4.98 -31.66
CA GLU B 277 7.52 6.35 -32.15
C GLU B 277 7.63 6.34 -33.67
N GLY B 278 6.49 6.45 -34.37
CA GLY B 278 6.42 6.21 -35.81
C GLY B 278 6.84 4.79 -36.16
N THR B 279 7.88 4.63 -36.96
CA THR B 279 8.44 3.32 -37.34
C THR B 279 9.30 2.67 -36.25
N LYS B 280 9.78 3.40 -35.23
CA LYS B 280 10.76 2.90 -34.24
C LYS B 280 10.07 2.19 -33.07
N TYR B 281 10.60 1.04 -32.67
CA TYR B 281 10.15 0.24 -31.54
C TYR B 281 11.22 0.19 -30.45
N HIS B 282 11.23 1.14 -29.50
CA HIS B 282 12.28 1.28 -28.48
C HIS B 282 12.06 0.37 -27.28
N LEU B 283 13.11 -0.28 -26.79
CA LEU B 283 13.13 -0.76 -25.42
C LEU B 283 13.34 0.42 -24.48
N LYS B 284 12.90 0.29 -23.23
CA LYS B 284 13.08 1.28 -22.16
C LYS B 284 13.58 0.67 -20.86
N SER B 285 14.28 -0.46 -20.96
CA SER B 285 15.03 -1.12 -19.88
C SER B 285 16.04 -2.10 -20.46
N GLY B 286 17.34 -1.79 -20.43
CA GLY B 286 18.37 -2.55 -21.15
C GLY B 286 19.75 -1.88 -21.21
N HIS B 287 20.76 -2.60 -21.71
CA HIS B 287 22.18 -2.25 -21.56
C HIS B 287 23.09 -2.71 -22.70
N VAL B 288 24.32 -2.17 -22.74
CA VAL B 288 25.44 -2.56 -23.62
C VAL B 288 26.77 -2.48 -22.88
N THR B 289 27.76 -3.30 -23.25
CA THR B 289 29.12 -3.24 -22.68
C THR B 289 30.06 -2.58 -23.66
N CYS B 290 30.79 -1.57 -23.23
CA CYS B 290 31.47 -0.62 -24.10
C CYS B 290 32.85 -0.25 -23.55
N GLU B 291 33.89 -0.22 -24.41
CA GLU B 291 35.26 0.16 -24.03
C GLU B 291 35.59 1.57 -24.54
N VAL B 292 36.06 2.45 -23.65
CA VAL B 292 36.39 3.83 -23.99
C VAL B 292 37.91 4.05 -23.93
N GLY B 293 38.51 4.57 -24.99
CA GLY B 293 39.92 4.93 -25.04
C GLY B 293 40.16 6.42 -24.78
N LEU B 294 41.05 6.72 -23.83
CA LEU B 294 41.37 8.06 -23.31
C LEU B 294 42.75 8.56 -23.74
N GLU B 295 43.35 7.98 -24.78
CA GLU B 295 44.66 8.37 -25.30
C GLU B 295 44.69 9.78 -25.93
N LYS B 296 43.72 10.08 -26.80
CA LYS B 296 43.78 11.22 -27.73
C LYS B 296 43.04 12.47 -27.23
N LEU B 297 42.93 12.64 -25.92
CA LEU B 297 42.26 13.77 -25.26
C LEU B 297 43.23 14.85 -24.78
N LYS B 298 42.80 16.12 -24.89
CA LYS B 298 43.58 17.33 -24.58
C LYS B 298 42.86 18.16 -23.52
N MET B 299 43.60 18.88 -22.67
CA MET B 299 42.99 19.83 -21.71
C MET B 299 43.15 21.26 -22.21
N LYS B 300 42.06 22.01 -22.25
CA LYS B 300 42.02 23.39 -22.75
C LYS B 300 42.69 24.37 -21.78
N GLY B 301 43.38 25.39 -22.32
CA GLY B 301 43.71 26.61 -21.56
C GLY B 301 44.82 26.50 -20.52
N LEU B 302 45.68 25.47 -20.54
CA LEU B 302 46.86 25.40 -19.66
C LEU B 302 47.86 26.57 -19.88
N THR B 303 47.73 27.31 -20.99
CA THR B 303 48.54 28.50 -21.33
C THR B 303 47.95 29.82 -20.83
N TYR B 304 46.73 29.85 -20.29
CA TYR B 304 46.09 31.08 -19.82
C TYR B 304 46.72 31.66 -18.54
N THR B 305 46.57 32.98 -18.37
CA THR B 305 46.75 33.68 -17.08
C THR B 305 45.65 33.31 -16.08
N MET B 306 45.96 33.35 -14.78
CA MET B 306 44.96 33.22 -13.71
C MET B 306 44.21 34.54 -13.51
N CYS B 307 42.96 34.48 -13.05
CA CYS B 307 42.12 35.65 -12.81
C CYS B 307 42.73 36.65 -11.82
N ASP B 308 42.40 37.93 -12.01
CA ASP B 308 42.64 38.97 -11.01
C ASP B 308 41.71 38.75 -9.80
N LYS B 309 42.27 38.37 -8.65
CA LYS B 309 41.54 37.69 -7.56
C LYS B 309 40.32 38.44 -7.01
N THR B 310 40.29 39.76 -7.07
CA THR B 310 39.21 40.57 -6.48
C THR B 310 37.94 40.60 -7.33
N LYS B 311 37.99 40.20 -8.60
CA LYS B 311 36.94 40.57 -9.58
C LYS B 311 35.84 39.53 -9.81
N PHE B 312 35.75 38.50 -8.97
CA PHE B 312 34.64 37.54 -8.98
C PHE B 312 33.39 38.01 -8.20
N THR B 313 32.23 37.44 -8.54
CA THR B 313 31.01 37.40 -7.70
C THR B 313 30.28 36.06 -7.91
N TRP B 314 29.50 35.57 -6.92
CA TRP B 314 28.74 34.33 -7.11
C TRP B 314 27.53 34.51 -8.03
N LYS B 315 27.32 33.56 -8.94
CA LYS B 315 26.10 33.41 -9.75
C LYS B 315 25.18 32.33 -9.18
N ARG B 316 25.76 31.27 -8.62
CA ARG B 316 25.08 30.22 -7.86
C ARG B 316 25.98 29.83 -6.69
N ALA B 317 25.63 30.25 -5.48
CA ALA B 317 26.40 29.92 -4.27
C ALA B 317 26.43 28.41 -4.04
N PRO B 318 27.45 27.84 -3.38
CA PRO B 318 27.60 26.40 -3.22
C PRO B 318 26.35 25.66 -2.74
N THR B 319 26.04 24.53 -3.38
CA THR B 319 24.97 23.59 -2.97
C THR B 319 25.39 22.15 -3.18
N ASP B 320 24.71 21.23 -2.51
CA ASP B 320 25.03 19.81 -2.48
C ASP B 320 24.26 19.10 -3.60
N SER B 321 24.97 18.42 -4.51
CA SER B 321 24.38 17.81 -5.71
C SER B 321 23.47 16.62 -5.41
N GLY B 322 23.64 15.98 -4.26
CA GLY B 322 23.04 14.70 -3.92
C GLY B 322 23.94 13.50 -4.21
N HIS B 323 25.03 13.67 -4.98
CA HIS B 323 25.96 12.60 -5.36
C HIS B 323 27.25 12.56 -4.50
N ASP B 324 27.20 13.11 -3.29
CA ASP B 324 28.38 13.39 -2.43
C ASP B 324 29.38 14.40 -3.04
N THR B 325 28.88 15.44 -3.72
CA THR B 325 29.70 16.50 -4.33
C THR B 325 29.07 17.87 -4.16
N VAL B 326 29.89 18.92 -4.26
CA VAL B 326 29.49 20.33 -4.17
C VAL B 326 29.50 20.94 -5.54
N VAL B 327 28.47 21.70 -5.90
CA VAL B 327 28.39 22.45 -7.16
C VAL B 327 28.19 23.95 -6.90
N MET B 328 28.82 24.77 -7.73
CA MET B 328 28.84 26.24 -7.62
C MET B 328 29.09 26.91 -8.97
N GLU B 329 28.68 28.17 -9.11
CA GLU B 329 28.97 28.97 -10.30
C GLU B 329 29.38 30.41 -9.97
N VAL B 330 30.44 30.91 -10.61
CA VAL B 330 30.99 32.27 -10.46
C VAL B 330 30.88 33.11 -11.72
N THR B 331 30.52 34.37 -11.56
CA THR B 331 30.70 35.44 -12.55
C THR B 331 32.05 36.13 -12.33
N PHE B 332 32.66 36.64 -13.40
CA PHE B 332 33.91 37.41 -13.39
C PHE B 332 33.80 38.66 -14.26
N SER B 333 34.65 39.66 -14.00
CA SER B 333 34.81 40.85 -14.86
C SER B 333 36.28 41.22 -15.05
N GLY B 334 36.75 41.39 -16.29
CA GLY B 334 38.14 41.74 -16.59
C GLY B 334 38.64 41.26 -17.96
N THR B 335 39.92 40.88 -18.04
CA THR B 335 40.51 40.21 -19.22
C THR B 335 39.91 38.82 -19.39
N LYS B 336 39.28 38.55 -20.54
CA LYS B 336 38.33 37.44 -20.72
C LYS B 336 38.92 36.03 -20.54
N PRO B 337 39.81 35.51 -21.40
CA PRO B 337 40.25 34.11 -21.30
C PRO B 337 41.16 33.90 -20.09
N CYS B 338 40.72 33.14 -19.09
CA CYS B 338 41.47 32.98 -17.83
C CYS B 338 41.22 31.66 -17.10
N ARG B 339 42.22 31.20 -16.34
CA ARG B 339 42.09 30.11 -15.35
C ARG B 339 41.45 30.63 -14.07
N ILE B 340 40.64 29.80 -13.41
CA ILE B 340 40.01 30.13 -12.12
C ILE B 340 40.85 29.51 -10.99
N PRO B 341 41.33 30.28 -10.00
CA PRO B 341 42.25 29.81 -8.95
C PRO B 341 41.54 29.08 -7.79
N VAL B 342 40.80 28.00 -8.08
CA VAL B 342 39.92 27.32 -7.11
C VAL B 342 40.70 26.44 -6.13
N ARG B 343 40.32 26.45 -4.84
CA ARG B 343 40.84 25.55 -3.80
C ARG B 343 39.89 25.50 -2.60
N ALA B 344 40.04 24.52 -1.71
CA ALA B 344 39.32 24.46 -0.43
C ALA B 344 40.18 23.85 0.67
N VAL B 345 39.91 24.17 1.93
CA VAL B 345 40.80 23.88 3.08
C VAL B 345 40.02 23.51 4.35
N ALA B 346 40.55 22.60 5.16
CA ALA B 346 39.97 22.18 6.44
C ALA B 346 40.53 22.98 7.63
N HIS B 347 40.02 22.76 8.85
CA HIS B 347 40.58 23.33 10.08
C HIS B 347 41.87 22.63 10.60
N GLY B 348 42.50 21.75 9.83
CA GLY B 348 43.86 21.22 10.05
C GLY B 348 44.96 22.17 9.57
N SER B 349 46.00 21.65 8.93
CA SER B 349 47.07 22.48 8.34
C SER B 349 46.57 23.26 7.12
N PRO B 350 46.77 24.59 7.03
CA PRO B 350 46.11 25.44 6.03
C PRO B 350 46.71 25.37 4.63
N ASP B 351 47.95 24.89 4.46
CA ASP B 351 48.60 24.80 3.14
C ASP B 351 47.97 23.74 2.23
N VAL B 352 47.27 22.76 2.80
CA VAL B 352 46.73 21.61 2.07
C VAL B 352 45.40 21.99 1.41
N ASN B 353 45.41 22.22 0.10
CA ASN B 353 44.17 22.22 -0.69
C ASN B 353 43.60 20.79 -0.73
N VAL B 354 42.41 20.56 -0.17
CA VAL B 354 41.76 19.25 -0.11
C VAL B 354 40.79 18.97 -1.26
N ALA B 355 40.48 19.95 -2.12
CA ALA B 355 39.49 19.77 -3.16
C ALA B 355 39.97 18.85 -4.29
N MET B 356 39.25 17.74 -4.51
CA MET B 356 39.32 17.01 -5.78
C MET B 356 38.39 17.69 -6.79
N LEU B 357 38.94 18.41 -7.76
CA LEU B 357 38.11 18.98 -8.82
C LEU B 357 37.62 17.88 -9.77
N ILE B 358 36.31 17.82 -10.02
CA ILE B 358 35.73 16.96 -11.06
C ILE B 358 35.77 17.68 -12.41
N THR B 359 35.65 19.01 -12.46
CA THR B 359 36.02 19.79 -13.64
C THR B 359 37.52 20.10 -13.61
N PRO B 360 38.36 19.47 -14.46
CA PRO B 360 39.80 19.69 -14.39
C PRO B 360 40.16 21.02 -15.05
N ASN B 361 41.08 21.78 -14.44
CA ASN B 361 41.55 23.08 -14.91
C ASN B 361 40.41 24.05 -15.33
N PRO B 362 39.53 24.49 -14.43
CA PRO B 362 38.38 25.31 -14.75
C PRO B 362 38.78 26.70 -15.28
N THR B 363 37.96 27.23 -16.18
CA THR B 363 38.21 28.50 -16.88
C THR B 363 36.94 29.34 -17.05
N ILE B 364 37.12 30.63 -17.34
CA ILE B 364 36.14 31.47 -18.02
C ILE B 364 36.65 31.75 -19.43
N GLU B 365 35.83 31.46 -20.44
CA GLU B 365 36.08 31.80 -21.85
C GLU B 365 35.26 33.03 -22.25
N ASN B 366 35.44 33.56 -23.46
CA ASN B 366 34.75 34.77 -23.91
C ASN B 366 33.21 34.67 -23.83
N ASN B 367 32.64 33.52 -24.15
CA ASN B 367 31.18 33.33 -24.20
C ASN B 367 30.58 32.78 -22.89
N GLY B 368 31.35 32.09 -22.06
CA GLY B 368 30.86 31.45 -20.83
C GLY B 368 31.88 30.58 -20.12
N GLY B 369 31.50 30.05 -18.95
CA GLY B 369 32.35 29.22 -18.10
C GLY B 369 32.01 29.40 -16.62
N GLY B 370 32.93 29.03 -15.74
CA GLY B 370 32.83 29.35 -14.30
C GLY B 370 31.91 28.45 -13.46
N PHE B 371 31.40 27.34 -14.01
CA PHE B 371 30.80 26.28 -13.20
C PHE B 371 31.89 25.32 -12.73
N ILE B 372 31.83 24.86 -11.49
CA ILE B 372 32.77 23.90 -10.92
C ILE B 372 31.99 22.82 -10.15
N GLU B 373 32.48 21.60 -10.18
CA GLU B 373 32.07 20.50 -9.31
C GLU B 373 33.31 19.96 -8.62
N MET B 374 33.21 19.71 -7.31
CA MET B 374 34.32 19.22 -6.50
C MET B 374 33.85 18.28 -5.40
N GLN B 375 34.77 17.47 -4.90
CA GLN B 375 34.56 16.56 -3.80
C GLN B 375 35.52 16.89 -2.65
N LEU B 376 35.03 16.77 -1.42
CA LEU B 376 35.69 17.23 -0.20
C LEU B 376 35.71 16.14 0.88
N PRO B 377 36.64 16.19 1.84
CA PRO B 377 36.61 15.31 2.99
C PRO B 377 35.43 15.65 3.90
N PRO B 378 34.94 14.70 4.73
CA PRO B 378 33.89 14.98 5.71
C PRO B 378 34.25 16.13 6.65
N GLY B 379 33.24 16.76 7.23
CA GLY B 379 33.42 17.81 8.22
C GLY B 379 33.54 19.20 7.62
N ASP B 380 34.28 20.08 8.30
CA ASP B 380 34.13 21.53 8.16
C ASP B 380 35.26 22.10 7.31
N ASN B 381 34.93 22.78 6.22
CA ASN B 381 35.85 23.27 5.20
C ASN B 381 35.50 24.71 4.80
N ILE B 382 36.46 25.46 4.28
CA ILE B 382 36.23 26.74 3.61
C ILE B 382 36.63 26.60 2.12
N ILE B 383 35.74 27.03 1.21
CA ILE B 383 35.92 26.98 -0.25
C ILE B 383 36.30 28.36 -0.76
N TYR B 384 37.28 28.44 -1.66
CA TYR B 384 37.83 29.69 -2.19
C TYR B 384 37.82 29.77 -3.72
N VAL B 385 37.53 30.95 -4.24
CA VAL B 385 37.68 31.33 -5.65
C VAL B 385 38.22 32.75 -5.72
N GLY B 386 39.54 32.90 -5.70
CA GLY B 386 40.19 34.21 -5.53
C GLY B 386 39.88 34.80 -4.15
N GLU B 387 39.34 36.02 -4.11
CA GLU B 387 38.89 36.66 -2.85
C GLU B 387 37.45 36.31 -2.44
N LEU B 388 36.66 35.55 -3.23
CA LEU B 388 35.43 34.95 -2.73
C LEU B 388 35.76 33.76 -1.83
N SER B 389 35.15 33.73 -0.65
CA SER B 389 35.33 32.66 0.31
C SER B 389 34.00 32.31 0.99
N HIS B 390 33.73 31.03 1.20
CA HIS B 390 32.42 30.55 1.66
C HIS B 390 32.61 29.31 2.52
N GLN B 391 32.10 29.33 3.74
CA GLN B 391 32.18 28.17 4.64
C GLN B 391 31.33 27.02 4.11
N TRP B 392 31.68 25.78 4.43
CA TRP B 392 30.95 24.60 3.99
C TRP B 392 31.02 23.48 5.01
N PHE B 393 29.90 22.78 5.22
CA PHE B 393 29.84 21.60 6.07
C PHE B 393 29.46 20.37 5.25
N GLN B 394 30.32 19.36 5.26
CA GLN B 394 30.13 18.15 4.46
C GLN B 394 29.57 17.01 5.31
N LYS B 395 28.44 16.47 4.88
CA LYS B 395 27.70 15.40 5.56
C LYS B 395 28.46 14.06 5.53
N GLY B 396 27.99 13.11 6.33
CA GLY B 396 28.50 11.74 6.33
C GLY B 396 29.87 11.59 6.98
N SER B 397 30.54 10.47 6.66
CA SER B 397 31.81 10.05 7.23
C SER B 397 32.53 9.11 6.28
N SER B 398 33.82 8.84 6.51
CA SER B 398 34.61 7.94 5.67
C SER B 398 34.04 6.52 5.60
N ILE B 399 33.34 6.06 6.63
CA ILE B 399 32.61 4.78 6.62
C ILE B 399 31.30 4.90 5.84
N GLY B 400 30.56 6.00 5.99
CA GLY B 400 29.28 6.21 5.31
C GLY B 400 29.41 6.22 3.79
N ARG B 401 30.48 6.82 3.26
CA ARG B 401 30.82 6.80 1.82
C ARG B 401 30.92 5.37 1.28
N VAL B 402 31.58 4.50 2.01
CA VAL B 402 31.81 3.11 1.62
C VAL B 402 30.50 2.33 1.61
N PHE B 403 29.65 2.46 2.63
CA PHE B 403 28.37 1.74 2.64
C PHE B 403 27.48 2.14 1.45
N GLN B 404 27.47 3.42 1.06
CA GLN B 404 26.76 3.87 -0.14
C GLN B 404 27.36 3.26 -1.42
N LYS B 405 28.69 3.28 -1.59
CA LYS B 405 29.33 2.64 -2.75
C LYS B 405 29.11 1.13 -2.79
N THR B 406 29.06 0.44 -1.65
CA THR B 406 28.69 -0.98 -1.61
C THR B 406 27.25 -1.21 -2.05
N LYS B 407 26.26 -0.43 -1.59
CA LYS B 407 24.87 -0.61 -2.04
C LYS B 407 24.71 -0.39 -3.55
N LYS B 408 25.36 0.61 -4.13
CA LYS B 408 25.35 0.83 -5.59
C LYS B 408 25.92 -0.40 -6.32
N GLY B 409 26.99 -0.97 -5.80
CA GLY B 409 27.61 -2.19 -6.31
C GLY B 409 26.67 -3.41 -6.32
N ILE B 410 26.07 -3.72 -5.18
CA ILE B 410 25.11 -4.83 -5.09
C ILE B 410 23.92 -4.58 -6.01
N GLU B 411 23.43 -3.35 -6.11
CA GLU B 411 22.29 -3.06 -6.98
C GLU B 411 22.62 -3.37 -8.44
N ARG B 412 23.81 -2.98 -8.94
CA ARG B 412 24.20 -3.29 -10.32
C ARG B 412 24.28 -4.79 -10.57
N LEU B 413 24.71 -5.60 -9.61
CA LEU B 413 24.63 -7.06 -9.72
C LEU B 413 23.17 -7.52 -9.84
N THR B 414 22.28 -7.09 -8.95
CA THR B 414 20.88 -7.54 -8.96
C THR B 414 20.11 -7.13 -10.21
N VAL B 415 20.44 -6.01 -10.85
CA VAL B 415 19.85 -5.60 -12.12
C VAL B 415 20.48 -6.32 -13.32
N ILE B 416 21.81 -6.25 -13.47
CA ILE B 416 22.50 -6.66 -14.70
C ILE B 416 22.80 -8.17 -14.76
N GLY B 417 23.01 -8.83 -13.62
CA GLY B 417 23.52 -10.21 -13.57
C GLY B 417 25.02 -10.28 -13.87
N GLU B 418 25.47 -11.35 -14.55
CA GLU B 418 26.90 -11.65 -14.68
C GLU B 418 27.71 -10.57 -15.40
N HIS B 419 27.12 -9.82 -16.35
CA HIS B 419 27.83 -8.73 -17.02
C HIS B 419 28.29 -7.60 -16.08
N ALA B 420 27.78 -7.52 -14.85
CA ALA B 420 28.15 -6.48 -13.89
C ALA B 420 29.67 -6.43 -13.60
N TRP B 421 30.36 -7.56 -13.74
CA TRP B 421 31.80 -7.65 -13.54
C TRP B 421 32.63 -6.89 -14.58
N ASP B 422 32.08 -6.58 -15.75
CA ASP B 422 32.80 -5.83 -16.79
C ASP B 422 32.82 -4.31 -16.55
N PHE B 423 32.07 -3.78 -15.58
CA PHE B 423 32.15 -2.37 -15.19
C PHE B 423 33.45 -2.11 -14.39
N GLY B 424 34.43 -1.42 -14.96
CA GLY B 424 35.65 -1.07 -14.25
C GLY B 424 36.79 -0.51 -15.12
N SER B 425 37.68 0.27 -14.51
CA SER B 425 38.95 0.71 -15.10
C SER B 425 40.06 -0.36 -15.01
N ALA B 426 39.69 -1.62 -14.75
CA ALA B 426 40.57 -2.78 -14.72
C ALA B 426 39.84 -4.04 -15.22
N GLY B 427 40.62 -5.03 -15.66
CA GLY B 427 40.16 -6.34 -16.16
C GLY B 427 41.03 -7.50 -15.67
N GLY B 428 41.60 -7.38 -14.48
CA GLY B 428 42.55 -8.35 -13.92
C GLY B 428 41.96 -9.73 -13.62
N PHE B 429 42.83 -10.71 -13.37
CA PHE B 429 42.48 -12.13 -13.31
C PHE B 429 41.31 -12.48 -12.38
N MET B 430 41.15 -11.78 -11.25
CA MET B 430 40.05 -12.03 -10.30
C MET B 430 38.65 -11.79 -10.91
N THR B 431 38.54 -10.96 -11.95
CA THR B 431 37.29 -10.81 -12.70
C THR B 431 36.87 -12.11 -13.41
N SER B 432 37.82 -12.98 -13.78
CA SER B 432 37.51 -14.25 -14.45
C SER B 432 36.87 -15.27 -13.51
N ILE B 433 37.32 -15.39 -12.25
CA ILE B 433 36.66 -16.22 -11.25
C ILE B 433 35.31 -15.61 -10.83
N GLY B 434 35.23 -14.29 -10.71
CA GLY B 434 33.96 -13.58 -10.46
C GLY B 434 32.89 -13.93 -11.49
N ARG B 435 33.20 -13.77 -12.80
CA ARG B 435 32.29 -14.17 -13.88
C ARG B 435 32.06 -15.67 -13.97
N ALA B 436 33.06 -16.51 -13.69
CA ALA B 436 32.89 -17.96 -13.73
C ALA B 436 31.87 -18.46 -12.69
N MET B 437 31.98 -18.02 -11.43
CA MET B 437 31.02 -18.38 -10.39
C MET B 437 29.62 -17.84 -10.72
N HIS B 438 29.53 -16.59 -11.20
CA HIS B 438 28.24 -16.00 -11.57
C HIS B 438 27.59 -16.71 -12.75
N THR B 439 28.38 -17.18 -13.72
CA THR B 439 27.90 -17.92 -14.90
C THR B 439 27.30 -19.26 -14.49
N VAL B 440 28.00 -20.02 -13.64
CA VAL B 440 27.52 -21.34 -13.18
C VAL B 440 26.28 -21.21 -12.30
N LEU B 441 26.35 -20.43 -11.21
CA LEU B 441 25.24 -20.35 -10.25
C LEU B 441 24.03 -19.63 -10.83
N GLY B 442 24.24 -18.59 -11.65
CA GLY B 442 23.15 -17.89 -12.34
C GLY B 442 22.45 -18.80 -13.35
N GLY B 443 23.21 -19.55 -14.14
CA GLY B 443 22.66 -20.54 -15.07
C GLY B 443 21.90 -21.66 -14.37
N ALA B 444 22.40 -22.17 -13.24
CA ALA B 444 21.71 -23.20 -12.45
C ALA B 444 20.37 -22.70 -11.88
N PHE B 445 20.36 -21.54 -11.22
CA PHE B 445 19.14 -20.97 -10.66
C PHE B 445 18.11 -20.64 -11.75
N ASN B 446 18.54 -20.06 -12.88
CA ASN B 446 17.67 -19.83 -14.04
C ASN B 446 17.11 -21.14 -14.62
N THR B 447 17.93 -22.20 -14.72
CA THR B 447 17.52 -23.47 -15.34
C THR B 447 16.41 -24.14 -14.54
N LEU B 448 16.58 -24.28 -13.23
CA LEU B 448 15.62 -24.96 -12.37
C LEU B 448 14.37 -24.10 -12.11
N LEU B 449 14.53 -22.81 -11.80
CA LEU B 449 13.50 -22.00 -11.15
C LEU B 449 13.03 -20.77 -11.94
N GLY B 450 13.42 -20.60 -13.20
CA GLY B 450 13.24 -19.35 -13.95
C GLY B 450 11.80 -18.83 -14.07
N GLY B 451 10.80 -19.73 -14.13
CA GLY B 451 9.38 -19.36 -14.23
C GLY B 451 8.60 -19.39 -12.89
N VAL B 452 9.25 -19.76 -11.79
CA VAL B 452 8.60 -19.91 -10.48
C VAL B 452 8.36 -18.53 -9.82
N GLY B 453 7.18 -18.35 -9.23
CA GLY B 453 6.81 -17.12 -8.51
C GLY B 453 7.62 -16.87 -7.23
N PHE B 454 7.64 -15.63 -6.73
CA PHE B 454 8.45 -15.23 -5.58
C PHE B 454 8.16 -16.07 -4.33
N LEU B 455 6.88 -16.21 -4.00
CA LEU B 455 6.43 -16.98 -2.83
C LEU B 455 6.79 -18.47 -2.96
N PRO B 456 6.47 -19.19 -4.05
CA PRO B 456 6.88 -20.60 -4.16
C PRO B 456 8.40 -20.80 -4.23
N LYS B 457 9.20 -19.84 -4.74
CA LYS B 457 10.66 -19.90 -4.57
C LYS B 457 11.07 -19.85 -3.10
N ILE B 458 10.43 -19.01 -2.28
CA ILE B 458 10.66 -19.01 -0.82
C ILE B 458 10.20 -20.32 -0.20
N LEU B 459 9.03 -20.85 -0.56
CA LEU B 459 8.56 -22.14 -0.01
C LEU B 459 9.53 -23.29 -0.33
N LEU B 460 10.05 -23.34 -1.56
CA LEU B 460 11.06 -24.33 -1.94
C LEU B 460 12.34 -24.15 -1.11
N GLY B 461 12.81 -22.92 -0.94
CA GLY B 461 14.00 -22.64 -0.13
C GLY B 461 13.83 -23.06 1.34
N VAL B 462 12.67 -22.77 1.93
CA VAL B 462 12.34 -23.20 3.30
C VAL B 462 12.25 -24.73 3.39
N ALA B 463 11.63 -25.39 2.42
CA ALA B 463 11.59 -26.85 2.36
C ALA B 463 13.01 -27.44 2.26
N MET B 464 13.88 -26.92 1.40
CA MET B 464 15.27 -27.39 1.29
C MET B 464 16.02 -27.24 2.63
N ALA B 465 15.91 -26.09 3.28
CA ALA B 465 16.58 -25.87 4.57
C ALA B 465 16.06 -26.82 5.66
N TRP B 466 14.73 -26.96 5.80
CA TRP B 466 14.11 -27.83 6.80
C TRP B 466 14.38 -29.31 6.56
N LEU B 467 14.35 -29.78 5.31
CA LEU B 467 14.80 -31.13 4.96
C LEU B 467 16.28 -31.31 5.31
N GLY B 468 17.13 -30.31 5.05
CA GLY B 468 18.54 -30.32 5.44
C GLY B 468 18.77 -30.50 6.94
N LEU B 469 17.93 -29.91 7.81
CA LEU B 469 17.98 -30.15 9.26
C LEU B 469 17.52 -31.57 9.63
N ASN B 470 16.54 -32.13 8.92
CA ASN B 470 15.94 -33.44 9.23
C ASN B 470 16.70 -34.65 8.63
N MET B 471 17.54 -34.45 7.61
CA MET B 471 18.37 -35.51 7.02
C MET B 471 19.36 -36.10 8.04
N ARG B 472 19.44 -37.44 8.05
CA ARG B 472 20.36 -38.21 8.92
C ARG B 472 21.80 -38.27 8.39
N ASN B 473 21.96 -38.28 7.06
CA ASN B 473 23.26 -38.22 6.39
C ASN B 473 23.85 -36.79 6.45
N PRO B 474 25.07 -36.58 6.96
CA PRO B 474 25.63 -35.24 7.15
C PRO B 474 26.04 -34.55 5.84
N THR B 475 26.45 -35.31 4.81
CA THR B 475 26.80 -34.74 3.51
C THR B 475 25.56 -34.20 2.78
N LEU B 476 24.48 -34.97 2.74
CA LEU B 476 23.19 -34.51 2.17
C LEU B 476 22.58 -33.38 3.02
N SER B 477 22.60 -33.50 4.34
CA SER B 477 22.15 -32.45 5.27
C SER B 477 22.84 -31.11 4.98
N MET B 478 24.17 -31.09 4.94
CA MET B 478 24.93 -29.86 4.69
C MET B 478 24.68 -29.29 3.28
N GLY B 479 24.61 -30.13 2.25
CA GLY B 479 24.28 -29.68 0.89
C GLY B 479 22.90 -29.05 0.79
N PHE B 480 21.90 -29.62 1.45
CA PHE B 480 20.55 -29.05 1.51
C PHE B 480 20.49 -27.76 2.34
N LEU B 481 21.24 -27.66 3.43
CA LEU B 481 21.36 -26.40 4.19
C LEU B 481 22.00 -25.28 3.36
N LEU B 482 23.11 -25.56 2.67
CA LEU B 482 23.81 -24.58 1.82
C LEU B 482 22.96 -24.15 0.62
N SER B 483 22.40 -25.10 -0.13
CA SER B 483 21.56 -24.80 -1.30
C SER B 483 20.24 -24.12 -0.91
N GLY B 484 19.59 -24.52 0.20
CA GLY B 484 18.37 -23.87 0.68
C GLY B 484 18.59 -22.41 1.08
N GLY B 485 19.67 -22.13 1.83
CA GLY B 485 20.03 -20.75 2.21
C GLY B 485 20.38 -19.88 1.01
N LEU B 486 21.11 -20.42 0.04
CA LEU B 486 21.43 -19.71 -1.20
C LEU B 486 20.17 -19.41 -2.01
N VAL B 487 19.27 -20.40 -2.20
CA VAL B 487 18.00 -20.21 -2.92
C VAL B 487 17.16 -19.10 -2.30
N LEU B 488 17.06 -19.04 -0.97
CA LEU B 488 16.39 -17.94 -0.27
C LEU B 488 17.07 -16.60 -0.53
N ALA B 489 18.39 -16.51 -0.33
CA ALA B 489 19.14 -15.27 -0.52
C ALA B 489 19.02 -14.72 -1.95
N MET B 490 19.19 -15.56 -2.98
CA MET B 490 19.11 -15.11 -4.37
C MET B 490 17.67 -14.98 -4.90
N THR B 491 16.67 -15.56 -4.22
CA THR B 491 15.25 -15.22 -4.46
C THR B 491 14.92 -13.81 -3.97
N LEU B 492 15.36 -13.47 -2.76
CA LEU B 492 15.16 -12.16 -2.13
C LEU B 492 15.96 -11.01 -2.79
N GLY B 493 16.82 -11.31 -3.78
CA GLY B 493 17.72 -10.36 -4.45
C GLY B 493 17.04 -9.39 -5.43
N VAL B 494 15.83 -8.92 -5.15
CA VAL B 494 15.10 -7.92 -5.97
C VAL B 494 15.49 -6.46 -5.67
N GLY B 495 16.33 -6.20 -4.66
CA GLY B 495 16.78 -4.86 -4.29
C GLY B 495 17.83 -4.83 -3.16
N ALA B 496 18.19 -3.63 -2.72
CA ALA B 496 19.16 -3.34 -1.65
C ALA B 496 18.82 -2.05 -0.88
N SER C 1 34.12 47.94 31.10
CA SER C 1 34.35 46.53 31.47
C SER C 1 33.03 45.78 31.56
N ARG C 2 32.42 45.44 30.42
CA ARG C 2 31.09 44.84 30.29
C ARG C 2 30.97 43.51 31.03
N CYS C 3 32.04 42.74 31.14
CA CYS C 3 32.02 41.51 31.92
C CYS C 3 31.61 41.68 33.39
N THR C 4 31.77 42.87 33.99
CA THR C 4 31.33 43.12 35.37
C THR C 4 29.83 43.32 35.52
N HIS C 5 29.09 43.57 34.44
CA HIS C 5 27.64 43.78 34.47
C HIS C 5 26.83 42.48 34.51
N LEU C 6 27.46 41.32 34.33
CA LEU C 6 26.78 40.06 34.02
C LEU C 6 27.04 38.99 35.08
N GLU C 7 26.06 38.12 35.31
CA GLU C 7 26.13 37.06 36.32
C GLU C 7 27.01 35.88 35.90
N ASN C 8 27.18 35.67 34.59
CA ASN C 8 28.10 34.69 34.00
C ASN C 8 29.32 35.40 33.40
N ARG C 9 30.51 34.92 33.76
CA ARG C 9 31.81 35.40 33.31
C ARG C 9 32.80 34.25 33.38
N ASP C 10 33.59 34.03 32.34
CA ASP C 10 34.71 33.09 32.33
C ASP C 10 36.02 33.84 32.10
N PHE C 11 37.10 33.41 32.77
CA PHE C 11 38.44 33.97 32.61
C PHE C 11 39.34 33.01 31.83
N VAL C 12 40.07 33.53 30.84
CA VAL C 12 41.06 32.75 30.07
C VAL C 12 42.43 33.41 30.13
N THR C 13 43.49 32.60 30.13
CA THR C 13 44.88 32.98 30.46
C THR C 13 45.86 32.47 29.39
N GLY C 14 47.10 32.94 29.40
CA GLY C 14 48.15 32.41 28.51
C GLY C 14 49.52 33.08 28.64
N THR C 15 50.59 32.37 28.29
CA THR C 15 51.96 32.91 28.21
C THR C 15 52.19 33.75 26.93
N GLN C 16 53.28 34.53 26.87
CA GLN C 16 53.66 35.38 25.72
C GLN C 16 53.59 34.63 24.37
N GLY C 17 54.01 33.35 24.35
CA GLY C 17 54.07 32.51 23.16
C GLY C 17 52.76 31.87 22.70
N THR C 18 51.63 32.09 23.41
CA THR C 18 50.33 31.47 23.06
C THR C 18 49.75 32.00 21.74
N THR C 19 49.72 33.32 21.53
CA THR C 19 49.25 34.04 20.31
C THR C 19 47.78 33.90 19.94
N ARG C 20 47.16 32.71 20.08
CA ARG C 20 45.77 32.42 19.69
C ARG C 20 45.01 31.73 20.83
N VAL C 21 43.72 32.04 20.98
CA VAL C 21 42.82 31.42 21.96
C VAL C 21 41.57 30.89 21.27
N THR C 22 41.09 29.71 21.65
CA THR C 22 39.83 29.12 21.17
C THR C 22 38.76 29.24 22.25
N LEU C 23 37.62 29.85 21.91
CA LEU C 23 36.52 30.14 22.82
C LEU C 23 35.21 29.56 22.26
N VAL C 24 34.29 29.19 23.15
CA VAL C 24 32.87 29.04 22.78
C VAL C 24 32.10 30.17 23.42
N LEU C 25 31.50 31.04 22.62
CA LEU C 25 30.77 32.20 23.07
C LEU C 25 29.28 31.89 23.09
N GLU C 26 28.57 32.34 24.11
CA GLU C 26 27.17 31.96 24.37
C GLU C 26 26.32 33.19 24.62
N LEU C 27 25.06 33.19 24.18
CA LEU C 27 24.13 34.26 24.51
C LEU C 27 23.92 34.32 26.02
N GLY C 28 24.08 35.50 26.60
CA GLY C 28 24.07 35.72 28.05
C GLY C 28 25.36 35.34 28.80
N GLY C 29 26.36 34.78 28.12
CA GLY C 29 27.70 34.54 28.65
C GLY C 29 28.66 35.69 28.33
N CYS C 30 29.88 35.63 28.86
CA CYS C 30 30.90 36.66 28.67
C CYS C 30 32.30 36.15 29.02
N VAL C 31 33.33 36.55 28.28
CA VAL C 31 34.71 36.05 28.48
C VAL C 31 35.69 37.20 28.58
N THR C 32 36.59 37.17 29.56
CA THR C 32 37.72 38.11 29.67
C THR C 32 39.04 37.37 29.42
N ILE C 33 39.85 37.89 28.50
CA ILE C 33 41.13 37.29 28.07
C ILE C 33 42.31 38.02 28.73
N THR C 34 43.24 37.29 29.33
CA THR C 34 44.28 37.82 30.23
C THR C 34 45.68 37.28 29.91
N ALA C 35 46.00 37.17 28.61
CA ALA C 35 47.32 36.73 28.18
C ALA C 35 48.45 37.67 28.64
N GLU C 36 49.59 37.08 29.00
CA GLU C 36 50.78 37.73 29.54
C GLU C 36 51.24 38.93 28.69
N GLY C 37 51.23 40.12 29.28
CA GLY C 37 51.76 41.34 28.67
C GLY C 37 50.91 41.95 27.54
N LYS C 38 49.70 41.45 27.28
CA LYS C 38 48.76 41.99 26.28
C LYS C 38 47.63 42.79 26.97
N PRO C 39 47.07 43.85 26.36
CA PRO C 39 45.92 44.55 26.92
C PRO C 39 44.71 43.62 26.94
N SER C 40 44.07 43.47 28.11
CA SER C 40 42.94 42.57 28.28
C SER C 40 41.68 43.04 27.58
N MET C 41 40.93 42.06 27.08
CA MET C 41 39.71 42.25 26.29
C MET C 41 38.54 41.49 26.90
N ASP C 42 37.34 42.06 26.78
CA ASP C 42 36.07 41.35 26.95
C ASP C 42 35.45 41.01 25.60
N VAL C 43 34.98 39.78 25.43
CA VAL C 43 34.38 39.26 24.21
C VAL C 43 33.05 38.57 24.52
N TRP C 44 32.00 38.86 23.75
CA TRP C 44 30.69 38.20 23.89
C TRP C 44 29.89 38.17 22.59
N LEU C 45 28.97 37.21 22.48
CA LEU C 45 27.99 37.10 21.41
C LEU C 45 26.76 37.92 21.79
N ASP C 46 26.42 38.92 20.99
CA ASP C 46 25.34 39.86 21.29
C ASP C 46 23.99 39.46 20.68
N ALA C 47 24.00 38.89 19.48
CA ALA C 47 22.79 38.50 18.75
C ALA C 47 23.04 37.37 17.73
N ILE C 48 22.07 36.47 17.59
CA ILE C 48 21.94 35.51 16.49
C ILE C 48 20.60 35.80 15.81
N TYR C 49 20.58 36.19 14.54
CA TYR C 49 19.32 36.56 13.87
C TYR C 49 19.32 36.38 12.35
N GLN C 50 18.13 36.38 11.77
CA GLN C 50 17.89 36.55 10.33
C GLN C 50 16.83 37.63 10.13
N GLU C 51 16.85 38.34 9.01
CA GLU C 51 15.71 39.15 8.59
C GLU C 51 14.75 38.33 7.74
N ASN C 52 13.45 38.35 8.07
CA ASN C 52 12.38 37.67 7.35
C ASN C 52 12.65 36.17 7.02
N PRO C 53 12.74 35.27 8.01
CA PRO C 53 12.81 33.84 7.77
C PRO C 53 11.55 33.32 7.06
N ALA C 54 11.67 32.21 6.33
CA ALA C 54 10.57 31.65 5.56
C ALA C 54 9.53 30.94 6.44
N LYS C 55 8.24 31.12 6.15
CA LYS C 55 7.16 30.42 6.87
C LYS C 55 7.09 28.95 6.52
N THR C 56 7.03 28.10 7.52
CA THR C 56 6.52 26.73 7.40
C THR C 56 5.00 26.77 7.60
N ARG C 57 4.37 25.80 8.27
CA ARG C 57 2.92 25.74 8.49
C ARG C 57 2.36 26.94 9.26
N GLU C 58 1.13 27.31 8.94
CA GLU C 58 0.19 27.98 9.81
C GLU C 58 -0.79 26.98 10.42
N TYR C 59 -1.13 27.17 11.70
CA TYR C 59 -2.15 26.40 12.43
C TYR C 59 -3.24 27.32 12.96
N CYS C 60 -4.46 26.81 13.07
CA CYS C 60 -5.61 27.57 13.58
C CYS C 60 -5.93 27.17 15.03
N LEU C 61 -6.01 28.14 15.93
CA LEU C 61 -6.31 27.92 17.35
C LEU C 61 -7.78 28.13 17.72
N HIS C 62 -8.58 28.82 16.90
CA HIS C 62 -9.99 29.07 17.17
C HIS C 62 -10.82 28.96 15.89
N ALA C 63 -11.48 27.83 15.70
CA ALA C 63 -12.38 27.63 14.58
C ALA C 63 -13.59 28.57 14.65
N LYS C 64 -13.88 29.25 13.54
CA LYS C 64 -15.14 29.95 13.29
C LYS C 64 -15.98 29.09 12.35
N LEU C 65 -17.22 28.83 12.72
CA LEU C 65 -18.15 27.98 11.99
C LEU C 65 -19.37 28.79 11.57
N SER C 66 -19.92 28.52 10.39
CA SER C 66 -21.08 29.26 9.88
C SER C 66 -21.88 28.45 8.86
N ASP C 67 -23.11 28.88 8.60
CA ASP C 67 -23.97 28.36 7.52
C ASP C 67 -24.10 26.83 7.52
N THR C 68 -24.45 26.23 8.66
CA THR C 68 -24.67 24.79 8.71
C THR C 68 -25.93 24.37 7.95
N LYS C 69 -25.86 23.23 7.26
CA LYS C 69 -26.98 22.63 6.51
C LYS C 69 -27.01 21.12 6.75
N VAL C 70 -28.19 20.51 6.69
CA VAL C 70 -28.40 19.09 6.99
C VAL C 70 -29.41 18.47 6.02
N ALA C 71 -29.24 17.21 5.64
CA ALA C 71 -30.17 16.48 4.77
C ALA C 71 -30.30 15.01 5.20
N ALA C 72 -31.49 14.41 5.07
CA ALA C 72 -31.79 13.07 5.57
C ALA C 72 -32.80 12.27 4.74
N ARG C 73 -32.69 10.94 4.77
CA ARG C 73 -33.42 9.95 3.96
C ARG C 73 -34.07 8.85 4.80
N CYS C 74 -35.24 8.38 4.39
CA CYS C 74 -36.00 7.32 5.04
C CYS C 74 -35.25 5.98 4.97
N PRO C 75 -35.55 4.99 5.83
CA PRO C 75 -34.97 3.66 5.71
C PRO C 75 -35.22 3.06 4.32
N THR C 76 -34.24 2.35 3.76
CA THR C 76 -34.22 1.79 2.40
C THR C 76 -34.21 2.80 1.24
N MET C 77 -34.27 4.12 1.47
CA MET C 77 -34.20 5.14 0.42
C MET C 77 -32.77 5.60 0.07
N GLY C 78 -31.75 4.79 0.36
CA GLY C 78 -30.36 5.07 0.04
C GLY C 78 -29.70 6.14 0.91
N PRO C 79 -28.47 6.54 0.58
CA PRO C 79 -27.71 7.53 1.34
C PRO C 79 -28.27 8.94 1.14
N ALA C 80 -28.18 9.79 2.16
CA ALA C 80 -28.37 11.23 2.01
C ALA C 80 -27.16 11.87 1.32
N THR C 81 -27.37 12.87 0.46
CA THR C 81 -26.30 13.53 -0.30
C THR C 81 -26.56 15.02 -0.45
N LEU C 82 -25.52 15.85 -0.34
CA LEU C 82 -25.64 17.31 -0.28
C LEU C 82 -24.47 18.03 -0.98
N THR C 83 -24.70 19.20 -1.56
CA THR C 83 -23.71 19.92 -2.40
C THR C 83 -22.42 20.29 -1.65
N GLU C 84 -22.54 20.74 -0.41
CA GLU C 84 -21.41 21.18 0.44
C GLU C 84 -20.40 20.07 0.77
N GLU C 85 -20.69 18.80 0.49
CA GLU C 85 -19.72 17.71 0.64
C GLU C 85 -18.52 17.84 -0.32
N HIS C 86 -18.69 18.59 -1.42
CA HIS C 86 -17.73 18.70 -2.53
C HIS C 86 -17.31 20.14 -2.75
N GLN C 87 -16.84 20.79 -1.68
CA GLN C 87 -16.30 22.15 -1.71
C GLN C 87 -15.09 22.27 -0.79
N GLY C 88 -14.29 23.32 -0.99
CA GLY C 88 -13.23 23.72 -0.06
C GLY C 88 -13.79 24.60 1.05
N GLY C 89 -13.29 24.44 2.27
CA GLY C 89 -13.73 25.24 3.42
C GLY C 89 -15.00 24.73 4.10
N THR C 90 -15.41 23.48 3.86
CA THR C 90 -16.51 22.79 4.54
C THR C 90 -16.01 21.55 5.28
N VAL C 91 -16.66 21.18 6.37
CA VAL C 91 -16.44 19.92 7.10
C VAL C 91 -17.77 19.21 7.30
N CYS C 92 -17.77 17.89 7.13
CA CYS C 92 -18.99 17.09 7.04
C CYS C 92 -18.83 15.72 7.71
N LYS C 93 -19.95 15.18 8.19
CA LYS C 93 -20.08 13.84 8.74
C LYS C 93 -21.42 13.27 8.31
N ARG C 94 -21.48 11.94 8.10
CA ARG C 94 -22.72 11.21 7.83
C ARG C 94 -22.93 10.10 8.85
N ASP C 95 -24.18 9.87 9.21
CA ASP C 95 -24.58 8.92 10.25
C ASP C 95 -25.97 8.33 9.96
N GLN C 96 -26.33 7.28 10.65
CA GLN C 96 -27.62 6.60 10.54
C GLN C 96 -28.55 6.98 11.70
N SER C 97 -29.49 7.90 11.48
CA SER C 97 -30.54 8.24 12.45
C SER C 97 -31.65 7.17 12.53
N ASP C 98 -32.36 7.08 13.65
CA ASP C 98 -33.53 6.22 13.80
C ASP C 98 -34.78 6.88 13.20
N ARG C 99 -35.60 6.12 12.47
CA ARG C 99 -36.79 6.62 11.76
C ARG C 99 -38.00 5.70 11.93
N GLY C 100 -39.21 6.21 11.68
CA GLY C 100 -40.47 5.45 11.76
C GLY C 100 -41.71 6.30 11.46
N TRP C 101 -42.91 5.80 11.78
CA TRP C 101 -44.17 6.53 11.54
C TRP C 101 -44.17 7.93 12.16
N GLY C 102 -43.53 8.08 13.32
CA GLY C 102 -43.52 9.32 14.10
C GLY C 102 -42.67 10.46 13.53
N ASN C 103 -41.90 10.20 12.47
CA ASN C 103 -41.13 11.22 11.76
C ASN C 103 -41.24 11.06 10.23
N HIS C 104 -42.43 10.66 9.79
CA HIS C 104 -42.86 10.58 8.40
C HIS C 104 -42.08 9.60 7.51
N CYS C 105 -41.79 8.41 8.02
CA CYS C 105 -41.23 7.30 7.24
C CYS C 105 -42.18 6.08 7.20
N GLY C 106 -42.15 5.34 6.10
CA GLY C 106 -43.01 4.17 5.89
C GLY C 106 -42.58 2.92 6.65
N LEU C 107 -41.28 2.80 6.94
CA LEU C 107 -40.69 1.65 7.62
C LEU C 107 -39.97 2.10 8.89
N PHE C 108 -39.90 1.23 9.90
CA PHE C 108 -39.15 1.47 11.13
C PHE C 108 -37.75 0.89 10.99
N GLY C 109 -36.72 1.72 11.16
CA GLY C 109 -35.33 1.31 11.00
C GLY C 109 -34.37 2.49 10.89
N LYS C 110 -33.10 2.17 10.64
CA LYS C 110 -32.02 3.13 10.49
C LYS C 110 -32.09 3.81 9.13
N GLY C 111 -32.20 5.13 9.10
CA GLY C 111 -32.17 5.97 7.90
C GLY C 111 -30.77 6.44 7.57
N SER C 112 -30.64 7.58 6.90
CA SER C 112 -29.33 8.19 6.62
C SER C 112 -29.40 9.71 6.73
N ILE C 113 -28.40 10.35 7.34
CA ILE C 113 -28.32 11.81 7.53
C ILE C 113 -26.89 12.28 7.29
N VAL C 114 -26.72 13.45 6.67
CA VAL C 114 -25.43 14.12 6.47
C VAL C 114 -25.55 15.56 6.97
N ALA C 115 -24.52 16.06 7.66
CA ALA C 115 -24.49 17.40 8.22
C ALA C 115 -23.21 18.13 7.81
N CYS C 116 -23.34 19.37 7.35
CA CYS C 116 -22.27 20.16 6.77
C CYS C 116 -22.17 21.52 7.46
N VAL C 117 -20.95 22.06 7.60
CA VAL C 117 -20.73 23.42 8.11
C VAL C 117 -19.47 24.01 7.50
N LYS C 118 -19.43 25.32 7.27
CA LYS C 118 -18.23 26.04 6.81
C LYS C 118 -17.26 26.25 7.95
N ALA C 119 -15.96 26.26 7.67
CA ALA C 119 -14.89 26.41 8.66
C ALA C 119 -13.84 27.45 8.25
N ALA C 120 -13.38 28.25 9.22
CA ALA C 120 -12.40 29.32 9.05
C ALA C 120 -11.64 29.58 10.37
N CYS C 121 -10.61 30.44 10.37
CA CYS C 121 -9.90 30.86 11.56
C CYS C 121 -10.32 32.27 11.99
N GLU C 122 -10.57 32.50 13.28
CA GLU C 122 -10.82 33.86 13.79
C GLU C 122 -9.61 34.79 13.59
N ALA C 123 -9.87 36.09 13.57
CA ALA C 123 -9.04 37.09 12.90
C ALA C 123 -7.55 37.11 13.28
N LYS C 124 -7.21 36.82 14.53
CA LYS C 124 -5.82 36.85 15.04
C LYS C 124 -5.42 35.54 15.73
N LYS C 125 -6.16 34.46 15.51
CA LYS C 125 -6.04 33.20 16.27
C LYS C 125 -5.20 32.13 15.56
N LYS C 126 -4.20 32.51 14.78
CA LYS C 126 -3.23 31.58 14.15
C LYS C 126 -1.96 31.40 14.99
N ALA C 127 -1.32 30.26 14.84
CA ALA C 127 0.11 30.07 15.12
C ALA C 127 0.85 29.95 13.78
N THR C 128 1.95 30.68 13.60
CA THR C 128 2.81 30.59 12.41
C THR C 128 4.18 30.09 12.81
N GLY C 129 4.69 29.04 12.15
CA GLY C 129 6.07 28.61 12.34
C GLY C 129 7.01 29.25 11.31
N HIS C 130 8.21 29.66 11.72
CA HIS C 130 9.25 30.19 10.86
C HIS C 130 10.53 29.36 10.98
N VAL C 131 11.26 29.15 9.87
CA VAL C 131 12.54 28.42 9.86
C VAL C 131 13.68 29.24 9.26
N TYR C 132 14.88 29.09 9.80
CA TYR C 132 16.07 29.83 9.36
C TYR C 132 16.70 29.24 8.09
N ASP C 133 17.42 30.07 7.34
CA ASP C 133 18.28 29.66 6.21
C ASP C 133 19.75 29.89 6.57
N ALA C 134 20.56 28.82 6.62
CA ALA C 134 21.95 28.93 7.02
C ALA C 134 22.78 29.91 6.17
N ASN C 135 22.37 30.22 4.94
CA ASN C 135 23.04 31.19 4.08
C ASN C 135 22.77 32.65 4.47
N LYS C 136 21.79 32.94 5.34
CA LYS C 136 21.38 34.32 5.67
C LYS C 136 21.47 34.70 7.15
N ILE C 137 21.81 33.79 8.06
CA ILE C 137 21.94 34.10 9.49
C ILE C 137 23.12 35.03 9.73
N VAL C 138 22.91 36.04 10.57
CA VAL C 138 23.93 36.95 11.09
C VAL C 138 24.21 36.63 12.55
N TYR C 139 25.46 36.38 12.90
CA TYR C 139 25.97 36.33 14.27
C TYR C 139 26.71 37.63 14.55
N THR C 140 26.42 38.34 15.65
CA THR C 140 27.15 39.57 16.02
C THR C 140 28.01 39.33 17.24
N VAL C 141 29.32 39.49 17.10
CA VAL C 141 30.29 39.40 18.18
C VAL C 141 30.81 40.80 18.48
N LYS C 142 30.93 41.15 19.75
CA LYS C 142 31.42 42.46 20.21
C LYS C 142 32.69 42.30 21.02
N VAL C 143 33.59 43.28 20.92
CA VAL C 143 34.84 43.32 21.69
C VAL C 143 34.98 44.67 22.38
N GLU C 144 35.47 44.65 23.62
CA GLU C 144 35.71 45.84 24.45
C GLU C 144 37.08 45.76 25.16
N PRO C 145 37.93 46.80 25.07
CA PRO C 145 39.20 46.84 25.77
C PRO C 145 39.04 47.32 27.21
N HIS C 146 39.86 46.82 28.12
CA HIS C 146 39.94 47.28 29.51
C HIS C 146 40.64 48.64 29.59
N THR C 147 39.97 49.70 29.17
CA THR C 147 40.57 51.05 29.06
C THR C 147 40.85 51.73 30.40
N GLY C 148 40.41 51.16 31.51
CA GLY C 148 40.62 51.73 32.85
C GLY C 148 39.63 52.84 33.21
N ASP C 149 38.53 52.95 32.48
CA ASP C 149 37.39 53.83 32.76
C ASP C 149 36.13 52.99 32.94
N TYR C 150 35.18 53.44 33.76
CA TYR C 150 33.93 52.72 33.99
C TYR C 150 32.74 53.40 33.32
N VAL C 151 32.09 52.65 32.43
CA VAL C 151 30.82 53.01 31.80
C VAL C 151 29.79 51.98 32.25
N ALA C 152 28.66 52.44 32.79
CA ALA C 152 27.65 51.57 33.36
C ALA C 152 26.88 50.78 32.29
N ALA C 153 26.15 49.74 32.70
CA ALA C 153 25.08 49.20 31.87
C ALA C 153 24.06 50.31 31.60
N ASN C 154 23.41 50.29 30.45
CA ASN C 154 22.42 51.30 30.07
C ASN C 154 23.00 52.70 29.79
N GLU C 155 24.29 52.78 29.45
CA GLU C 155 24.94 53.91 28.79
C GLU C 155 26.06 53.42 27.85
N THR C 156 26.52 54.25 26.92
CA THR C 156 27.33 53.82 25.76
C THR C 156 28.83 54.06 25.94
N HIS C 157 29.65 53.05 25.62
CA HIS C 157 31.11 53.09 25.72
C HIS C 157 31.75 53.27 24.35
N SER C 158 32.62 54.26 24.19
CA SER C 158 33.21 54.63 22.90
C SER C 158 34.15 53.55 22.32
N GLY C 159 34.74 52.70 23.16
CA GLY C 159 35.72 51.70 22.75
C GLY C 159 35.16 50.40 22.18
N ARG C 160 33.84 50.17 22.16
CA ARG C 160 33.26 48.92 21.64
C ARG C 160 33.28 48.87 20.11
N LYS C 161 33.66 47.71 19.57
CA LYS C 161 33.68 47.40 18.12
C LYS C 161 32.82 46.18 17.80
N THR C 162 32.17 46.19 16.64
CA THR C 162 31.21 45.17 16.19
C THR C 162 31.71 44.40 14.97
N ALA C 163 31.71 43.08 15.03
CA ALA C 163 31.91 42.21 13.87
C ALA C 163 30.64 41.41 13.58
N SER C 164 30.17 41.47 12.34
CA SER C 164 28.99 40.74 11.89
C SER C 164 29.43 39.57 11.01
N PHE C 165 29.10 38.35 11.42
CA PHE C 165 29.48 37.12 10.74
C PHE C 165 28.29 36.45 10.05
N THR C 166 28.50 36.08 8.79
CA THR C 166 27.60 35.33 7.91
C THR C 166 28.43 34.27 7.19
N VAL C 167 27.79 33.33 6.48
CA VAL C 167 28.51 32.17 5.92
C VAL C 167 29.65 32.55 4.95
N SER C 168 29.59 33.72 4.33
CA SER C 168 30.66 34.30 3.52
C SER C 168 31.60 35.20 4.35
N SER C 169 32.32 34.65 5.32
CA SER C 169 33.42 35.37 5.99
C SER C 169 34.52 34.45 6.54
N GLU C 170 35.75 34.96 6.48
CA GLU C 170 36.97 34.37 7.06
C GLU C 170 37.33 35.10 8.37
N LYS C 171 38.62 35.20 8.71
CA LYS C 171 39.13 36.13 9.72
C LYS C 171 38.69 37.55 9.40
N THR C 172 38.29 38.31 10.42
CA THR C 172 38.13 39.77 10.34
C THR C 172 39.04 40.45 11.35
N ILE C 173 39.48 41.67 11.06
CA ILE C 173 40.38 42.45 11.92
C ILE C 173 39.70 43.74 12.37
N LEU C 174 39.61 43.92 13.68
CA LEU C 174 39.02 45.11 14.32
C LEU C 174 40.15 45.97 14.89
N THR C 175 40.20 47.25 14.52
CA THR C 175 41.14 48.20 15.12
C THR C 175 40.59 48.69 16.46
N MET C 176 41.11 48.20 17.58
CA MET C 176 40.67 48.57 18.94
C MET C 176 41.29 49.91 19.40
N GLY C 177 41.27 50.93 18.54
CA GLY C 177 41.92 52.21 18.81
C GLY C 177 43.43 52.08 19.02
N GLU C 178 43.98 52.81 19.98
CA GLU C 178 45.41 52.82 20.32
C GLU C 178 45.93 51.48 20.85
N TYR C 179 45.05 50.56 21.23
CA TYR C 179 45.40 49.21 21.68
C TYR C 179 45.71 48.24 20.53
N GLY C 180 45.78 48.71 19.29
CA GLY C 180 46.11 47.89 18.13
C GLY C 180 44.94 47.02 17.63
N ASP C 181 45.23 45.93 16.93
CA ASP C 181 44.21 45.17 16.20
C ASP C 181 43.98 43.77 16.77
N VAL C 182 42.72 43.32 16.82
CA VAL C 182 42.35 41.95 17.19
C VAL C 182 41.81 41.19 15.98
N SER C 183 42.26 39.95 15.77
CA SER C 183 41.83 39.13 14.63
C SER C 183 40.94 37.98 15.09
N LEU C 184 39.78 37.83 14.45
CA LEU C 184 38.67 36.99 14.95
C LEU C 184 38.05 36.17 13.81
N LEU C 185 37.84 34.87 14.03
CA LEU C 185 37.24 33.93 13.06
C LEU C 185 36.09 33.15 13.69
N CYS C 186 34.92 33.14 13.05
CA CYS C 186 33.73 32.41 13.52
C CYS C 186 33.39 31.22 12.62
N ARG C 187 33.21 30.03 13.19
CA ARG C 187 32.61 28.89 12.48
C ARG C 187 31.09 29.02 12.53
N VAL C 188 30.46 29.44 11.44
CA VAL C 188 29.01 29.72 11.37
C VAL C 188 28.18 28.43 11.29
N ALA C 189 28.73 27.35 10.76
CA ALA C 189 28.13 26.03 10.86
C ALA C 189 28.38 25.38 12.24
N SER C 190 27.59 24.35 12.58
CA SER C 190 27.64 23.58 13.84
C SER C 190 27.29 24.34 15.13
N GLY C 191 27.14 23.60 16.23
CA GLY C 191 26.73 24.11 17.54
C GLY C 191 25.20 24.15 17.67
N VAL C 192 24.59 25.27 17.29
CA VAL C 192 23.14 25.33 17.04
C VAL C 192 22.84 24.50 15.78
N ASP C 193 21.86 23.59 15.83
CA ASP C 193 21.45 22.80 14.67
C ASP C 193 20.21 23.44 14.01
N LEU C 194 20.43 24.32 13.04
CA LEU C 194 19.37 25.15 12.48
C LEU C 194 18.26 24.35 11.78
N ALA C 195 18.49 23.08 11.47
CA ALA C 195 17.48 22.20 10.89
C ALA C 195 16.44 21.69 11.89
N GLN C 196 16.65 21.86 13.20
CA GLN C 196 15.80 21.32 14.27
C GLN C 196 15.01 22.39 15.05
N THR C 197 15.11 23.67 14.69
CA THR C 197 14.50 24.80 15.39
C THR C 197 13.44 25.48 14.56
N VAL C 198 12.26 25.75 15.14
CA VAL C 198 11.22 26.59 14.54
C VAL C 198 10.95 27.77 15.46
N ILE C 199 11.02 28.99 14.97
CA ILE C 199 10.58 30.17 15.71
C ILE C 199 9.07 30.29 15.56
N LEU C 200 8.31 30.16 16.64
CA LEU C 200 6.85 30.11 16.64
C LEU C 200 6.27 31.47 17.00
N GLU C 201 5.40 32.02 16.17
CA GLU C 201 4.75 33.32 16.35
C GLU C 201 3.24 33.14 16.56
N LEU C 202 2.66 33.69 17.63
CA LEU C 202 1.20 33.72 17.82
C LEU C 202 0.62 35.08 17.41
N ASP C 203 0.77 36.12 18.24
CA ASP C 203 0.37 37.49 17.92
C ASP C 203 1.28 38.50 18.61
N LYS C 204 2.00 39.30 17.82
CA LYS C 204 2.95 40.31 18.30
C LYS C 204 2.29 41.50 19.00
N THR C 205 0.99 41.71 18.80
CA THR C 205 0.25 42.85 19.35
C THR C 205 -0.27 42.62 20.78
N VAL C 206 -0.31 41.37 21.25
CA VAL C 206 -0.71 41.01 22.62
C VAL C 206 0.32 41.55 23.63
N GLU C 207 -0.14 42.28 24.65
CA GLU C 207 0.75 43.03 25.55
C GLU C 207 1.49 42.16 26.58
N HIS C 208 1.01 40.96 26.89
CA HIS C 208 1.44 40.18 28.06
C HIS C 208 1.99 38.78 27.76
N LEU C 209 2.52 38.55 26.56
CA LEU C 209 3.22 37.32 26.18
C LEU C 209 4.53 37.64 25.47
N PRO C 210 5.54 36.74 25.51
CA PRO C 210 6.69 36.84 24.64
C PRO C 210 6.27 36.87 23.17
N THR C 211 7.04 37.53 22.29
CA THR C 211 6.66 37.62 20.89
C THR C 211 6.83 36.30 20.13
N ALA C 212 7.73 35.41 20.57
CA ALA C 212 7.97 34.13 19.91
C ALA C 212 8.60 33.09 20.84
N TRP C 213 8.56 31.82 20.44
CA TRP C 213 9.11 30.67 21.17
C TRP C 213 10.03 29.83 20.29
N GLN C 214 11.06 29.22 20.86
CA GLN C 214 12.04 28.40 20.12
C GLN C 214 11.66 26.91 20.15
N VAL C 215 10.60 26.50 19.45
CA VAL C 215 10.09 25.12 19.50
C VAL C 215 10.92 24.13 18.69
N HIS C 216 10.92 22.86 19.08
CA HIS C 216 11.55 21.76 18.34
C HIS C 216 10.74 21.34 17.12
N ARG C 217 11.39 21.04 16.00
CA ARG C 217 10.74 20.73 14.72
C ARG C 217 9.93 19.43 14.73
N ASP C 218 10.44 18.37 15.35
CA ASP C 218 9.71 17.08 15.42
C ASP C 218 8.41 17.20 16.23
N TRP C 219 8.37 18.06 17.24
CA TRP C 219 7.14 18.39 17.96
C TRP C 219 6.18 19.22 17.12
N PHE C 220 6.64 20.26 16.42
CA PHE C 220 5.77 21.16 15.67
C PHE C 220 5.08 20.51 14.47
N ASN C 221 5.67 19.47 13.87
CA ASN C 221 5.02 18.70 12.81
C ASN C 221 3.86 17.80 13.30
N ASP C 222 3.82 17.47 14.59
CA ASP C 222 2.84 16.57 15.21
C ASP C 222 1.72 17.28 15.98
N LEU C 223 1.56 18.60 15.84
CA LEU C 223 0.43 19.31 16.44
C LEU C 223 -0.89 18.86 15.80
N ALA C 224 -1.77 18.26 16.58
CA ALA C 224 -3.08 17.81 16.14
C ALA C 224 -4.09 18.97 16.07
N LEU C 225 -3.90 19.89 15.12
CA LEU C 225 -4.77 21.04 14.84
C LEU C 225 -5.00 21.23 13.33
N PRO C 226 -5.99 22.03 12.89
CA PRO C 226 -6.13 22.43 11.49
C PRO C 226 -4.92 23.21 10.99
N TRP C 227 -4.51 23.01 9.74
CA TRP C 227 -3.27 23.58 9.20
C TRP C 227 -3.32 23.95 7.72
N LYS C 228 -2.42 24.83 7.29
CA LYS C 228 -2.17 25.21 5.89
C LYS C 228 -0.78 25.82 5.71
N HIS C 229 -0.28 25.97 4.48
CA HIS C 229 0.86 26.85 4.16
C HIS C 229 0.39 28.18 3.56
N GLU C 230 1.25 29.20 3.58
CA GLU C 230 0.91 30.59 3.24
C GLU C 230 0.22 30.75 1.88
N GLY C 231 -0.73 31.68 1.79
CA GLY C 231 -1.40 32.06 0.54
C GLY C 231 -2.59 31.18 0.15
N ALA C 232 -2.67 29.94 0.66
CA ALA C 232 -3.85 29.09 0.48
C ALA C 232 -5.06 29.63 1.29
N GLN C 233 -6.28 29.48 0.78
CA GLN C 233 -7.49 29.91 1.48
C GLN C 233 -8.16 28.82 2.34
N ASN C 234 -8.10 27.56 1.93
CA ASN C 234 -8.68 26.43 2.65
C ASN C 234 -7.78 25.94 3.79
N TRP C 235 -8.37 25.32 4.82
CA TRP C 235 -7.67 24.69 5.94
C TRP C 235 -7.75 23.17 5.81
N ASN C 236 -6.64 22.48 5.95
CA ASN C 236 -6.60 21.03 6.07
C ASN C 236 -6.94 20.59 7.50
N ASN C 237 -7.48 19.38 7.65
CA ASN C 237 -7.87 18.78 8.92
C ASN C 237 -8.79 19.64 9.82
N ALA C 238 -9.75 20.37 9.26
CA ALA C 238 -10.71 21.19 10.03
C ALA C 238 -11.57 20.35 11.00
N GLU C 239 -11.72 19.05 10.77
CA GLU C 239 -12.43 18.13 11.64
C GLU C 239 -11.79 17.94 13.01
N ARG C 240 -10.61 18.52 13.26
CA ARG C 240 -9.97 18.49 14.59
C ARG C 240 -10.62 19.44 15.61
N LEU C 241 -11.38 20.46 15.18
CA LEU C 241 -12.04 21.43 16.05
C LEU C 241 -13.58 21.46 15.99
N VAL C 242 -14.20 20.73 15.07
CA VAL C 242 -15.64 20.46 15.09
C VAL C 242 -15.88 19.07 15.61
N GLU C 243 -16.82 18.91 16.53
CA GLU C 243 -17.34 17.59 16.90
C GLU C 243 -18.87 17.62 16.93
N PHE C 244 -19.49 16.54 16.46
CA PHE C 244 -20.90 16.50 16.09
C PHE C 244 -21.73 15.79 17.15
N GLY C 245 -22.93 16.29 17.42
CA GLY C 245 -23.86 15.66 18.35
C GLY C 245 -24.39 14.32 17.81
N ALA C 246 -24.93 13.48 18.70
CA ALA C 246 -25.68 12.31 18.25
C ALA C 246 -26.90 12.75 17.42
N PRO C 247 -27.29 11.98 16.38
CA PRO C 247 -28.30 12.43 15.43
C PRO C 247 -29.71 12.31 16.00
N HIS C 248 -30.56 13.27 15.66
CA HIS C 248 -32.02 13.14 15.77
C HIS C 248 -32.61 12.68 14.42
N ALA C 249 -33.93 12.63 14.27
CA ALA C 249 -34.55 12.14 13.05
C ALA C 249 -34.13 12.92 11.79
N VAL C 250 -34.22 14.25 11.83
CA VAL C 250 -33.99 15.15 10.68
C VAL C 250 -33.10 16.36 11.01
N LYS C 251 -32.38 16.32 12.14
CA LYS C 251 -31.41 17.33 12.61
C LYS C 251 -30.21 16.67 13.29
N MET C 252 -29.08 17.35 13.35
CA MET C 252 -27.84 16.90 13.97
C MET C 252 -27.00 18.12 14.35
N ASP C 253 -26.63 18.26 15.63
CA ASP C 253 -25.91 19.45 16.10
C ASP C 253 -24.43 19.47 15.69
N VAL C 254 -23.89 20.67 15.43
CA VAL C 254 -22.46 20.94 15.27
C VAL C 254 -21.93 21.69 16.49
N TYR C 255 -20.94 21.14 17.19
CA TYR C 255 -20.31 21.77 18.34
C TYR C 255 -18.87 22.17 18.03
N ASN C 256 -18.46 23.34 18.52
CA ASN C 256 -17.15 23.94 18.35
C ASN C 256 -16.31 23.73 19.62
N LEU C 257 -15.12 23.14 19.52
CA LEU C 257 -14.24 22.89 20.68
C LEU C 257 -13.51 24.13 21.21
N GLY C 258 -13.74 25.31 20.65
CA GLY C 258 -13.35 26.60 21.23
C GLY C 258 -11.86 26.95 21.08
N ASP C 259 -11.49 28.12 21.60
CA ASP C 259 -10.14 28.67 21.51
C ASP C 259 -9.11 27.81 22.27
N GLN C 260 -8.17 27.22 21.55
CA GLN C 260 -7.10 26.36 22.05
C GLN C 260 -5.87 27.11 22.59
N THR C 261 -5.83 28.44 22.57
CA THR C 261 -4.64 29.24 22.93
C THR C 261 -4.03 28.82 24.26
N GLY C 262 -4.86 28.64 25.29
CA GLY C 262 -4.40 28.28 26.63
C GLY C 262 -3.76 26.89 26.70
N VAL C 263 -4.25 25.93 25.90
CA VAL C 263 -3.68 24.57 25.90
C VAL C 263 -2.30 24.57 25.27
N LEU C 264 -2.09 25.37 24.24
CA LEU C 264 -0.79 25.53 23.58
C LEU C 264 0.22 26.21 24.52
N LEU C 265 -0.15 27.32 25.17
CA LEU C 265 0.73 28.00 26.11
C LEU C 265 1.11 27.13 27.31
N LYS C 266 0.28 26.18 27.71
CA LYS C 266 0.63 25.18 28.73
C LYS C 266 1.58 24.12 28.17
N ALA C 267 1.36 23.64 26.94
CA ALA C 267 2.23 22.64 26.31
C ALA C 267 3.66 23.14 26.06
N LEU C 268 3.84 24.45 25.82
CA LEU C 268 5.14 25.10 25.64
C LEU C 268 5.93 25.35 26.94
N ALA C 269 5.43 25.00 28.12
CA ALA C 269 6.16 25.20 29.36
C ALA C 269 7.50 24.42 29.37
N GLY C 270 8.61 25.14 29.44
CA GLY C 270 9.97 24.58 29.35
C GLY C 270 10.70 24.85 28.01
N VAL C 271 10.10 25.61 27.09
CA VAL C 271 10.71 26.01 25.81
C VAL C 271 11.26 27.45 25.90
N PRO C 272 12.53 27.69 25.54
CA PRO C 272 13.12 29.03 25.52
C PRO C 272 12.37 30.08 24.69
N VAL C 273 12.48 31.33 25.10
CA VAL C 273 11.86 32.50 24.45
C VAL C 273 12.69 32.96 23.24
N ALA C 274 12.05 33.61 22.28
CA ALA C 274 12.67 34.27 21.14
C ALA C 274 12.03 35.64 20.91
N HIS C 275 12.68 36.53 20.17
CA HIS C 275 12.27 37.94 20.09
C HIS C 275 12.18 38.44 18.65
N ILE C 276 11.12 39.17 18.33
CA ILE C 276 10.85 39.72 17.00
C ILE C 276 10.88 41.24 17.08
N GLU C 277 11.56 41.88 16.15
CA GLU C 277 11.86 43.31 16.18
C GLU C 277 11.85 43.85 14.75
N GLY C 278 10.72 44.42 14.32
CA GLY C 278 10.52 44.83 12.94
C GLY C 278 10.63 43.64 11.98
N THR C 279 11.68 43.63 11.16
CA THR C 279 12.03 42.54 10.26
C THR C 279 12.93 41.45 10.88
N LYS C 280 13.51 41.65 12.07
CA LYS C 280 14.49 40.73 12.68
C LYS C 280 13.86 39.67 13.57
N TYR C 281 14.39 38.45 13.54
CA TYR C 281 13.92 37.30 14.31
C TYR C 281 15.08 36.70 15.11
N HIS C 282 15.30 37.18 16.33
CA HIS C 282 16.41 36.79 17.19
C HIS C 282 16.14 35.50 17.97
N LEU C 283 17.13 34.62 18.03
CA LEU C 283 17.24 33.64 19.10
C LEU C 283 17.75 34.32 20.38
N LYS C 284 17.36 33.79 21.55
CA LYS C 284 17.89 34.14 22.87
C LYS C 284 18.42 32.94 23.64
N SER C 285 18.89 31.95 22.90
CA SER C 285 19.76 30.86 23.32
C SER C 285 20.61 30.41 22.13
N GLY C 286 21.82 29.93 22.37
CA GLY C 286 22.72 29.46 21.31
C GLY C 286 24.18 29.77 21.58
N HIS C 287 25.05 29.24 20.74
CA HIS C 287 26.49 29.39 20.87
C HIS C 287 27.21 29.39 19.52
N VAL C 288 28.44 29.89 19.50
CA VAL C 288 29.35 29.89 18.34
C VAL C 288 30.77 29.61 18.81
N THR C 289 31.58 28.94 17.99
CA THR C 289 33.00 28.69 18.32
C THR C 289 33.87 29.67 17.56
N CYS C 290 34.73 30.38 18.28
CA CYS C 290 35.63 31.37 17.70
C CYS C 290 37.09 31.11 18.04
N GLU C 291 37.97 31.47 17.12
CA GLU C 291 39.41 31.58 17.36
C GLU C 291 39.82 33.03 17.31
N VAL C 292 40.40 33.54 18.40
CA VAL C 292 40.77 34.95 18.56
C VAL C 292 42.29 35.09 18.72
N GLY C 293 42.90 35.96 17.92
CA GLY C 293 44.35 36.15 17.81
C GLY C 293 44.77 37.51 18.36
N LEU C 294 45.74 37.48 19.27
CA LEU C 294 46.15 38.60 20.10
C LEU C 294 47.42 39.31 19.59
N GLU C 295 48.03 38.85 18.49
CA GLU C 295 49.41 39.16 18.14
C GLU C 295 49.64 40.64 17.80
N LYS C 296 48.63 41.30 17.24
CA LYS C 296 48.71 42.70 16.78
C LYS C 296 48.30 43.72 17.86
N LEU C 297 47.92 43.28 19.05
CA LEU C 297 47.54 44.17 20.16
C LEU C 297 48.74 44.89 20.80
N LYS C 298 48.57 46.17 21.10
CA LYS C 298 49.60 47.08 21.63
C LYS C 298 49.30 47.50 23.07
N MET C 299 50.28 47.41 23.96
CA MET C 299 50.18 47.98 25.30
C MET C 299 50.21 49.50 25.24
N LYS C 300 49.17 50.18 25.74
CA LYS C 300 49.14 51.64 25.82
C LYS C 300 49.95 52.13 27.03
N GLY C 301 50.59 53.29 26.89
CA GLY C 301 51.11 54.07 28.02
C GLY C 301 52.27 53.43 28.78
N LEU C 302 53.12 52.62 28.13
CA LEU C 302 54.34 52.11 28.75
C LEU C 302 55.44 53.17 28.92
N THR C 303 55.41 54.22 28.09
CA THR C 303 56.43 55.29 28.07
C THR C 303 56.24 56.34 29.19
N TYR C 304 55.05 56.46 29.76
CA TYR C 304 54.68 57.51 30.71
C TYR C 304 55.41 57.41 32.07
N THR C 305 55.49 58.54 32.77
CA THR C 305 56.03 58.67 34.13
C THR C 305 55.04 58.25 35.23
N MET C 306 55.55 58.00 36.43
CA MET C 306 54.75 57.69 37.62
C MET C 306 53.95 58.90 38.13
N CYS C 307 52.80 58.65 38.74
CA CYS C 307 52.05 59.67 39.49
C CYS C 307 52.81 60.14 40.74
N ASP C 308 52.49 61.32 41.25
CA ASP C 308 52.87 61.72 42.61
C ASP C 308 52.11 60.86 43.62
N LYS C 309 52.83 60.04 44.39
CA LYS C 309 52.26 59.09 45.35
C LYS C 309 51.30 59.73 46.35
N THR C 310 51.42 61.03 46.61
CA THR C 310 50.66 61.73 47.65
C THR C 310 49.29 62.25 47.18
N LYS C 311 49.04 62.38 45.87
CA LYS C 311 47.91 63.17 45.35
C LYS C 311 46.67 62.36 44.92
N PHE C 312 46.52 61.12 45.38
CA PHE C 312 45.32 60.31 45.18
C PHE C 312 44.25 60.47 46.26
N THR C 313 42.98 60.26 45.89
CA THR C 313 41.81 60.08 46.79
C THR C 313 40.88 59.02 46.21
N TRP C 314 40.13 58.29 47.03
CA TRP C 314 39.18 57.29 46.52
C TRP C 314 37.92 57.95 45.94
N LYS C 315 37.32 57.32 44.93
CA LYS C 315 36.00 57.66 44.36
C LYS C 315 34.99 56.53 44.58
N ARG C 316 35.41 55.28 44.36
CA ARG C 316 34.75 54.05 44.81
C ARG C 316 35.74 53.28 45.68
N ALA C 317 35.43 53.04 46.96
CA ALA C 317 36.29 52.25 47.82
C ALA C 317 36.29 50.77 47.42
N PRO C 318 37.37 50.02 47.67
CA PRO C 318 37.45 48.59 47.38
C PRO C 318 36.19 47.82 47.78
N THR C 319 35.59 47.13 46.80
CA THR C 319 34.31 46.42 46.92
C THR C 319 34.38 45.10 46.17
N ASP C 320 33.68 44.09 46.66
CA ASP C 320 33.72 42.74 46.12
C ASP C 320 32.89 42.66 44.83
N SER C 321 33.48 42.20 43.72
CA SER C 321 32.79 42.11 42.43
C SER C 321 31.76 40.97 42.38
N GLY C 322 31.90 39.98 43.25
CA GLY C 322 31.14 38.72 43.19
C GLY C 322 31.75 37.67 42.25
N HIS C 323 32.80 38.02 41.52
CA HIS C 323 33.54 37.15 40.60
C HIS C 323 34.95 36.81 41.13
N ASP C 324 35.13 36.79 42.45
CA ASP C 324 36.42 36.59 43.12
C ASP C 324 37.47 37.67 42.82
N THR C 325 37.06 38.90 42.50
CA THR C 325 37.93 40.04 42.26
C THR C 325 37.51 41.26 43.08
N VAL C 326 38.45 42.16 43.33
CA VAL C 326 38.25 43.42 44.03
C VAL C 326 38.18 44.54 43.01
N VAL C 327 37.21 45.42 43.13
CA VAL C 327 36.97 46.56 42.24
C VAL C 327 37.11 47.87 43.00
N MET C 328 37.75 48.86 42.39
CA MET C 328 37.99 50.16 43.01
C MET C 328 38.18 51.29 41.99
N GLU C 329 37.96 52.53 42.41
CA GLU C 329 38.17 53.70 41.56
C GLU C 329 38.83 54.86 42.32
N VAL C 330 39.82 55.52 41.72
CA VAL C 330 40.63 56.60 42.30
C VAL C 330 40.56 57.90 41.49
N THR C 331 40.71 59.02 42.16
CA THR C 331 40.78 60.37 41.59
C THR C 331 42.12 60.99 41.92
N PHE C 332 42.71 61.73 40.99
CA PHE C 332 44.09 62.22 41.04
C PHE C 332 44.21 63.69 40.60
N SER C 333 45.13 64.43 41.22
CA SER C 333 45.28 65.88 41.04
C SER C 333 46.62 66.33 40.45
N GLY C 334 47.52 65.40 40.09
CA GLY C 334 48.84 65.73 39.53
C GLY C 334 48.86 66.02 38.03
N THR C 335 50.06 66.03 37.44
CA THR C 335 50.26 66.18 35.98
C THR C 335 49.83 64.91 35.23
N LYS C 336 49.22 65.06 34.05
CA LYS C 336 48.61 63.99 33.25
C LYS C 336 49.11 64.02 31.79
N PRO C 337 49.16 62.89 31.07
CA PRO C 337 48.88 61.52 31.52
C PRO C 337 50.04 60.90 32.32
N CYS C 338 49.75 59.85 33.07
CA CYS C 338 50.69 59.20 34.01
C CYS C 338 50.21 57.80 34.46
N ARG C 339 51.12 57.02 35.08
CA ARG C 339 50.89 55.63 35.51
C ARG C 339 50.60 55.53 37.00
N ILE C 340 49.60 54.74 37.38
CA ILE C 340 49.14 54.60 38.78
C ILE C 340 49.99 53.56 39.52
N PRO C 341 50.71 53.90 40.61
CA PRO C 341 51.56 52.97 41.35
C PRO C 341 50.73 52.09 42.30
N VAL C 342 50.06 51.08 41.75
CA VAL C 342 49.15 50.17 42.48
C VAL C 342 49.79 48.83 42.81
N ARG C 343 49.63 48.36 44.05
CA ARG C 343 50.18 47.10 44.58
C ARG C 343 49.36 46.58 45.75
N ALA C 344 49.47 45.31 46.09
CA ALA C 344 48.80 44.76 47.27
C ALA C 344 49.67 43.73 47.98
N VAL C 345 49.49 43.55 49.28
CA VAL C 345 50.44 42.84 50.14
C VAL C 345 49.73 42.05 51.24
N ALA C 346 50.39 41.05 51.79
CA ALA C 346 49.91 40.21 52.88
C ALA C 346 50.82 40.37 54.09
N HIS C 347 50.28 40.26 55.31
CA HIS C 347 51.01 40.59 56.55
C HIS C 347 52.32 39.81 56.75
N GLY C 348 52.46 38.65 56.12
CA GLY C 348 53.66 37.81 56.21
C GLY C 348 54.93 38.39 55.58
N SER C 349 54.84 39.35 54.65
CA SER C 349 56.02 40.06 54.11
C SER C 349 55.65 41.36 53.40
N PRO C 350 56.22 42.51 53.78
CA PRO C 350 55.84 43.81 53.22
C PRO C 350 56.39 44.06 51.82
N ASP C 351 57.36 43.27 51.36
CA ASP C 351 58.06 43.46 50.07
C ASP C 351 57.35 42.80 48.87
N VAL C 352 56.72 41.65 49.07
CA VAL C 352 56.14 40.82 47.99
C VAL C 352 54.78 41.35 47.55
N ASN C 353 54.68 41.86 46.33
CA ASN C 353 53.41 42.28 45.73
C ASN C 353 52.60 41.06 45.28
N VAL C 354 51.39 40.87 45.82
CA VAL C 354 50.49 39.73 45.53
C VAL C 354 49.29 40.09 44.65
N ALA C 355 49.19 41.32 44.16
CA ALA C 355 48.13 41.71 43.23
C ALA C 355 48.29 41.02 41.86
N MET C 356 47.34 40.16 41.49
CA MET C 356 47.17 39.68 40.11
C MET C 356 46.19 40.61 39.40
N LEU C 357 46.68 41.68 38.79
CA LEU C 357 45.84 42.68 38.14
C LEU C 357 45.11 42.09 36.92
N ILE C 358 43.85 42.49 36.72
CA ILE C 358 43.13 42.26 35.46
C ILE C 358 43.34 43.46 34.52
N THR C 359 43.26 44.69 35.01
CA THR C 359 43.61 45.90 34.24
C THR C 359 45.14 46.03 34.14
N PRO C 360 45.76 45.87 32.96
CA PRO C 360 47.22 45.90 32.86
C PRO C 360 47.72 47.35 32.72
N ASN C 361 48.83 47.69 33.39
CA ASN C 361 49.45 49.01 33.34
C ASN C 361 48.44 50.18 33.47
N PRO C 362 47.65 50.28 34.56
CA PRO C 362 46.60 51.28 34.69
C PRO C 362 47.13 52.72 34.69
N THR C 363 46.41 53.62 34.04
CA THR C 363 46.80 55.02 33.79
C THR C 363 45.71 55.99 34.14
N ILE C 364 46.09 57.26 34.28
CA ILE C 364 45.20 58.42 34.23
C ILE C 364 45.41 59.12 32.89
N GLU C 365 44.34 59.39 32.17
CA GLU C 365 44.33 60.13 30.90
C GLU C 365 43.96 61.59 31.16
N ASN C 366 44.08 62.47 30.16
CA ASN C 366 43.68 63.88 30.35
C ASN C 366 42.18 64.07 30.63
N ASN C 367 41.34 63.08 30.27
CA ASN C 367 39.89 63.13 30.35
C ASN C 367 39.25 61.77 30.76
N GLY C 368 39.97 60.90 31.46
CA GLY C 368 39.47 59.58 31.87
C GLY C 368 40.49 58.76 32.65
N GLY C 369 40.20 57.46 32.82
CA GLY C 369 41.03 56.54 33.60
C GLY C 369 40.70 56.52 35.09
N GLY C 370 41.37 55.69 35.86
CA GLY C 370 41.29 55.65 37.33
C GLY C 370 40.58 54.44 37.93
N PHE C 371 40.14 53.47 37.14
CA PHE C 371 39.47 52.25 37.61
C PHE C 371 40.44 51.06 37.56
N ILE C 372 40.48 50.23 38.60
CA ILE C 372 41.32 49.03 38.66
C ILE C 372 40.50 47.83 39.13
N GLU C 373 40.68 46.66 38.50
CA GLU C 373 40.20 45.36 38.98
C GLU C 373 41.39 44.43 39.21
N MET C 374 41.39 43.69 40.33
CA MET C 374 42.48 42.79 40.69
C MET C 374 41.98 41.56 41.47
N GLN C 375 42.74 40.47 41.43
CA GLN C 375 42.53 39.30 42.27
C GLN C 375 43.62 39.23 43.34
N LEU C 376 43.20 38.95 44.58
CA LEU C 376 44.05 38.82 45.77
C LEU C 376 43.92 37.40 46.34
N PRO C 377 44.95 36.86 47.02
CA PRO C 377 44.88 35.54 47.61
C PRO C 377 43.92 35.51 48.82
N PRO C 378 43.55 34.33 49.36
CA PRO C 378 42.78 34.25 50.60
C PRO C 378 43.47 34.95 51.77
N GLY C 379 42.69 35.37 52.77
CA GLY C 379 43.23 35.92 54.02
C GLY C 379 43.18 37.43 54.09
N ASP C 380 44.09 38.02 54.88
CA ASP C 380 44.07 39.42 55.29
C ASP C 380 45.16 40.22 54.58
N ASN C 381 44.81 41.35 53.98
CA ASN C 381 45.62 42.08 53.00
C ASN C 381 45.54 43.58 53.15
N ILE C 382 46.49 44.30 52.55
CA ILE C 382 46.45 45.75 52.39
C ILE C 382 46.65 46.08 50.91
N ILE C 383 45.85 46.99 50.38
CA ILE C 383 45.91 47.51 49.00
C ILE C 383 46.50 48.91 49.04
N TYR C 384 47.54 49.18 48.27
CA TYR C 384 48.18 50.49 48.17
C TYR C 384 48.01 51.10 46.79
N VAL C 385 47.66 52.39 46.74
CA VAL C 385 47.79 53.26 45.56
C VAL C 385 48.54 54.52 46.00
N GLY C 386 49.86 54.50 45.86
CA GLY C 386 50.72 55.53 46.45
C GLY C 386 50.58 55.58 47.97
N GLU C 387 50.19 56.72 48.53
CA GLU C 387 49.91 56.89 49.95
C GLU C 387 48.49 56.48 50.38
N LEU C 388 47.55 56.22 49.47
CA LEU C 388 46.28 55.59 49.86
C LEU C 388 46.52 54.14 50.28
N SER C 389 45.96 53.75 51.43
CA SER C 389 46.06 52.40 51.97
C SER C 389 44.69 51.94 52.44
N HIS C 390 44.31 50.70 52.15
CA HIS C 390 43.01 50.15 52.53
C HIS C 390 43.13 48.67 52.86
N GLN C 391 42.63 48.27 54.03
CA GLN C 391 42.67 46.88 54.45
C GLN C 391 41.63 46.06 53.68
N TRP C 392 41.84 44.77 53.57
CA TRP C 392 40.94 43.86 52.88
C TRP C 392 40.98 42.49 53.53
N PHE C 393 39.87 41.75 53.45
CA PHE C 393 39.79 40.36 53.88
C PHE C 393 39.12 39.55 52.79
N GLN C 394 39.91 38.79 52.04
CA GLN C 394 39.42 38.01 50.93
C GLN C 394 38.77 36.71 51.40
N LYS C 395 37.49 36.54 51.08
CA LYS C 395 36.69 35.35 51.40
C LYS C 395 37.20 34.11 50.66
N GLY C 396 36.72 32.94 51.05
CA GLY C 396 37.03 31.67 50.36
C GLY C 396 38.43 31.14 50.63
N SER C 397 38.83 30.12 49.88
CA SER C 397 40.07 29.36 50.08
C SER C 397 40.55 28.74 48.77
N SER C 398 41.79 28.25 48.73
CA SER C 398 42.34 27.57 47.56
C SER C 398 41.52 26.34 47.15
N ILE C 399 41.03 25.53 48.09
CA ILE C 399 40.14 24.40 47.79
C ILE C 399 38.76 24.89 47.32
N GLY C 400 38.24 25.98 47.89
CA GLY C 400 36.99 26.60 47.45
C GLY C 400 37.05 27.10 46.00
N ARG C 401 38.17 27.72 45.60
CA ARG C 401 38.42 28.13 44.20
C ARG C 401 38.41 26.95 43.24
N VAL C 402 39.14 25.87 43.55
CA VAL C 402 39.15 24.64 42.75
C VAL C 402 37.74 24.08 42.58
N PHE C 403 36.91 24.12 43.62
CA PHE C 403 35.51 23.69 43.51
C PHE C 403 34.71 24.58 42.56
N GLN C 404 34.69 25.91 42.72
CA GLN C 404 33.84 26.78 41.89
C GLN C 404 34.23 26.71 40.40
N LYS C 405 35.53 26.66 40.09
CA LYS C 405 36.02 26.48 38.72
C LYS C 405 35.66 25.11 38.15
N THR C 406 35.61 24.06 38.97
CA THR C 406 35.12 22.75 38.51
C THR C 406 33.61 22.76 38.30
N LYS C 407 32.83 23.32 39.23
CA LYS C 407 31.37 23.43 39.16
C LYS C 407 30.93 24.14 37.87
N LYS C 408 31.51 25.30 37.57
CA LYS C 408 31.22 26.05 36.34
C LYS C 408 31.53 25.27 35.06
N GLY C 409 32.52 24.39 35.08
CA GLY C 409 32.80 23.46 33.98
C GLY C 409 31.68 22.46 33.73
N ILE C 410 31.11 21.88 34.78
CA ILE C 410 29.96 20.97 34.65
C ILE C 410 28.74 21.69 34.06
N GLU C 411 28.53 22.97 34.37
CA GLU C 411 27.45 23.75 33.77
C GLU C 411 27.66 23.92 32.26
N ARG C 412 28.89 24.18 31.78
CA ARG C 412 29.17 24.18 30.34
C ARG C 412 28.87 22.80 29.74
N LEU C 413 29.35 21.72 30.35
CA LEU C 413 29.14 20.37 29.83
C LEU C 413 27.66 20.02 29.70
N THR C 414 26.81 20.32 30.70
CA THR C 414 25.38 19.99 30.60
C THR C 414 24.61 20.92 29.66
N VAL C 415 24.91 22.22 29.62
CA VAL C 415 24.21 23.17 28.74
C VAL C 415 24.66 23.09 27.28
N ILE C 416 25.93 22.79 27.01
CA ILE C 416 26.53 22.92 25.67
C ILE C 416 26.88 21.60 25.00
N GLY C 417 26.99 20.49 25.72
CA GLY C 417 27.36 19.19 25.14
C GLY C 417 28.81 19.14 24.68
N GLU C 418 29.10 18.45 23.57
CA GLU C 418 30.48 18.12 23.17
C GLU C 418 31.36 19.34 22.88
N HIS C 419 30.78 20.48 22.53
CA HIS C 419 31.50 21.73 22.35
C HIS C 419 32.19 22.23 23.64
N ALA C 420 31.88 21.69 24.81
CA ALA C 420 32.56 22.03 26.06
C ALA C 420 34.07 21.78 26.04
N TRP C 421 34.54 20.85 25.22
CA TRP C 421 35.97 20.52 25.11
C TRP C 421 36.78 21.52 24.29
N ASP C 422 36.15 22.39 23.50
CA ASP C 422 36.85 23.40 22.68
C ASP C 422 37.29 24.66 23.46
N PHE C 423 36.76 24.91 24.67
CA PHE C 423 37.02 26.13 25.41
C PHE C 423 38.41 26.11 26.07
N GLY C 424 39.38 26.89 25.55
CA GLY C 424 40.72 26.96 26.14
C GLY C 424 41.80 27.60 25.26
N SER C 425 42.85 28.14 25.89
CA SER C 425 44.00 28.79 25.21
C SER C 425 45.14 27.83 24.83
N ALA C 426 45.18 26.62 25.40
CA ALA C 426 46.23 25.63 25.16
C ALA C 426 45.67 24.19 25.22
N GLY C 427 46.35 23.27 24.53
CA GLY C 427 45.98 21.85 24.47
C GLY C 427 46.45 21.02 25.67
N GLY C 428 46.03 19.75 25.71
CA GLY C 428 46.42 18.76 26.70
C GLY C 428 45.76 17.40 26.40
N PHE C 429 46.48 16.30 26.61
CA PHE C 429 46.12 14.98 26.08
C PHE C 429 44.72 14.49 26.48
N MET C 430 44.32 14.69 27.75
CA MET C 430 43.02 14.22 28.26
C MET C 430 41.82 14.86 27.57
N THR C 431 41.97 16.05 26.95
CA THR C 431 40.90 16.66 26.15
C THR C 431 40.55 15.84 24.90
N SER C 432 41.52 15.11 24.33
CA SER C 432 41.25 14.20 23.20
C SER C 432 40.44 12.97 23.62
N ILE C 433 40.70 12.43 24.82
CA ILE C 433 39.94 11.31 25.40
C ILE C 433 38.53 11.77 25.77
N GLY C 434 38.42 12.89 26.48
CA GLY C 434 37.13 13.41 26.96
C GLY C 434 36.12 13.64 25.84
N ARG C 435 36.55 14.22 24.71
CA ARG C 435 35.68 14.40 23.55
C ARG C 435 35.25 13.07 22.93
N ALA C 436 36.17 12.12 22.83
CA ALA C 436 35.85 10.79 22.30
C ALA C 436 34.80 10.11 23.19
N MET C 437 35.04 10.05 24.50
CA MET C 437 34.12 9.41 25.44
C MET C 437 32.75 10.08 25.43
N HIS C 438 32.70 11.41 25.43
CA HIS C 438 31.44 12.17 25.43
C HIS C 438 30.63 11.92 24.15
N THR C 439 31.26 12.02 22.98
CA THR C 439 30.57 11.81 21.69
C THR C 439 30.14 10.35 21.49
N VAL C 440 30.90 9.36 21.96
CA VAL C 440 30.50 7.96 21.93
C VAL C 440 29.37 7.67 22.92
N LEU C 441 29.57 7.89 24.21
CA LEU C 441 28.62 7.47 25.25
C LEU C 441 27.35 8.31 25.24
N GLY C 442 27.48 9.62 25.04
CA GLY C 442 26.32 10.52 24.88
C GLY C 442 25.57 10.26 23.58
N GLY C 443 26.30 9.89 22.50
CA GLY C 443 25.71 9.47 21.23
C GLY C 443 24.88 8.20 21.37
N ALA C 444 25.38 7.20 22.10
CA ALA C 444 24.64 5.98 22.40
C ALA C 444 23.36 6.28 23.20
N PHE C 445 23.43 7.03 24.30
CA PHE C 445 22.25 7.40 25.09
C PHE C 445 21.21 8.16 24.26
N ASN C 446 21.63 9.15 23.48
CA ASN C 446 20.72 9.91 22.62
C ASN C 446 20.12 9.05 21.48
N THR C 447 20.87 8.06 20.96
CA THR C 447 20.37 7.12 19.95
C THR C 447 19.30 6.18 20.53
N LEU C 448 19.57 5.57 21.68
CA LEU C 448 18.74 4.50 22.23
C LEU C 448 17.52 5.00 23.02
N LEU C 449 17.65 6.12 23.74
CA LEU C 449 16.62 6.60 24.70
C LEU C 449 16.22 8.07 24.51
N GLY C 450 16.75 8.77 23.51
CA GLY C 450 16.80 10.24 23.46
C GLY C 450 15.50 10.97 23.81
N GLY C 451 14.42 10.70 23.07
CA GLY C 451 13.13 11.39 23.24
C GLY C 451 12.23 10.90 24.37
N VAL C 452 12.58 9.80 25.04
CA VAL C 452 11.74 9.17 26.08
C VAL C 452 11.53 10.11 27.28
N GLY C 453 10.34 10.13 27.87
CA GLY C 453 10.02 10.99 29.00
C GLY C 453 10.86 10.74 30.26
N PHE C 454 10.98 11.76 31.12
CA PHE C 454 11.89 11.74 32.28
C PHE C 454 11.56 10.64 33.30
N LEU C 455 10.31 10.53 33.76
CA LEU C 455 9.92 9.45 34.67
C LEU C 455 10.06 8.05 34.03
N PRO C 456 9.60 7.78 32.79
CA PRO C 456 9.91 6.54 32.09
C PRO C 456 11.41 6.20 32.00
N LYS C 457 12.29 7.18 31.74
CA LYS C 457 13.75 6.97 31.77
C LYS C 457 14.23 6.53 33.17
N ILE C 458 13.77 7.17 34.24
CA ILE C 458 14.07 6.73 35.61
C ILE C 458 13.54 5.32 35.86
N LEU C 459 12.29 5.03 35.51
CA LEU C 459 11.71 3.70 35.70
C LEU C 459 12.49 2.63 34.93
N LEU C 460 12.94 2.90 33.71
CA LEU C 460 13.78 1.99 32.92
C LEU C 460 15.16 1.81 33.55
N GLY C 461 15.79 2.88 34.04
CA GLY C 461 17.07 2.80 34.75
C GLY C 461 16.97 1.99 36.05
N VAL C 462 15.95 2.23 36.86
CA VAL C 462 15.65 1.47 38.08
C VAL C 462 15.31 0.01 37.76
N ALA C 463 14.56 -0.27 36.69
CA ALA C 463 14.32 -1.62 36.22
C ALA C 463 15.61 -2.32 35.76
N MET C 464 16.51 -1.62 35.08
CA MET C 464 17.82 -2.16 34.71
C MET C 464 18.66 -2.52 35.94
N ALA C 465 18.68 -1.66 36.97
CA ALA C 465 19.33 -1.98 38.24
C ALA C 465 18.67 -3.19 38.95
N TRP C 466 17.34 -3.29 38.95
CA TRP C 466 16.61 -4.44 39.49
C TRP C 466 16.96 -5.74 38.74
N LEU C 467 17.03 -5.72 37.41
CA LEU C 467 17.52 -6.85 36.60
C LEU C 467 18.96 -7.20 36.96
N GLY C 468 19.83 -6.20 37.15
CA GLY C 468 21.21 -6.39 37.60
C GLY C 468 21.32 -7.13 38.93
N LEU C 469 20.45 -6.82 39.90
CA LEU C 469 20.40 -7.52 41.18
C LEU C 469 19.77 -8.93 41.09
N ASN C 470 18.73 -9.11 40.25
CA ASN C 470 17.92 -10.34 40.24
C ASN C 470 18.38 -11.43 39.25
N MET C 471 18.94 -11.07 38.08
CA MET C 471 19.38 -12.06 37.10
C MET C 471 20.66 -12.80 37.55
N ARG C 472 20.69 -14.13 37.35
CA ARG C 472 21.69 -15.02 37.97
C ARG C 472 23.09 -14.96 37.35
N ASN C 473 23.23 -14.58 36.08
CA ASN C 473 24.52 -14.48 35.40
C ASN C 473 25.35 -13.28 35.95
N PRO C 474 26.58 -13.47 36.45
CA PRO C 474 27.34 -12.40 37.10
C PRO C 474 27.89 -11.35 36.12
N THR C 475 28.21 -11.73 34.88
CA THR C 475 28.67 -10.79 33.84
C THR C 475 27.54 -9.86 33.39
N LEU C 476 26.35 -10.41 33.10
CA LEU C 476 25.17 -9.62 32.79
C LEU C 476 24.73 -8.77 33.98
N SER C 477 24.75 -9.33 35.20
CA SER C 477 24.44 -8.61 36.46
C SER C 477 25.25 -7.32 36.60
N MET C 478 26.59 -7.41 36.54
CA MET C 478 27.45 -6.22 36.66
C MET C 478 27.25 -5.23 35.51
N GLY C 479 27.09 -5.70 34.27
CA GLY C 479 26.80 -4.85 33.12
C GLY C 479 25.49 -4.07 33.24
N PHE C 480 24.43 -4.69 33.76
CA PHE C 480 23.17 -4.00 34.05
C PHE C 480 23.32 -2.96 35.16
N LEU C 481 24.06 -3.26 36.23
CA LEU C 481 24.32 -2.29 37.31
C LEU C 481 25.10 -1.07 36.80
N LEU C 482 26.17 -1.28 36.03
CA LEU C 482 26.99 -0.20 35.45
C LEU C 482 26.19 0.65 34.44
N SER C 483 25.49 0.01 33.50
CA SER C 483 24.72 0.73 32.46
C SER C 483 23.48 1.43 33.02
N GLY C 484 22.80 0.84 34.00
CA GLY C 484 21.68 1.49 34.70
C GLY C 484 22.12 2.76 35.42
N GLY C 485 23.27 2.73 36.09
CA GLY C 485 23.87 3.91 36.71
C GLY C 485 24.17 5.03 35.71
N LEU C 486 24.77 4.69 34.56
CA LEU C 486 25.06 5.67 33.50
C LEU C 486 23.77 6.30 32.92
N VAL C 487 22.74 5.48 32.64
CA VAL C 487 21.41 5.96 32.20
C VAL C 487 20.79 6.90 33.23
N LEU C 488 20.80 6.53 34.51
CA LEU C 488 20.24 7.38 35.57
C LEU C 488 21.02 8.69 35.74
N ALA C 489 22.34 8.67 35.72
CA ALA C 489 23.15 9.89 35.83
C ALA C 489 22.86 10.91 34.71
N MET C 490 22.84 10.47 33.45
CA MET C 490 22.53 11.36 32.33
C MET C 490 21.08 11.85 32.35
N THR C 491 20.13 11.01 32.81
CA THR C 491 18.72 11.39 32.97
C THR C 491 18.54 12.46 34.03
N LEU C 492 19.09 12.25 35.23
CA LEU C 492 19.01 13.20 36.34
C LEU C 492 19.74 14.52 36.02
N GLY C 493 20.75 14.47 35.14
CA GLY C 493 21.46 15.65 34.61
C GLY C 493 20.67 16.55 33.67
N VAL C 494 19.45 16.18 33.25
CA VAL C 494 18.57 17.04 32.41
C VAL C 494 17.22 17.39 33.06
N GLY C 495 16.66 16.53 33.91
CA GLY C 495 15.52 16.87 34.79
C GLY C 495 14.15 17.08 34.11
N ALA C 496 13.17 17.53 34.89
CA ALA C 496 11.78 17.86 34.49
C ALA C 496 11.10 18.87 35.45
N SER D 1 -5.76 -1.78 -7.60
CA SER D 1 -6.32 -2.46 -8.80
C SER D 1 -7.62 -3.20 -8.47
N VAL D 2 -8.52 -3.39 -9.43
CA VAL D 2 -9.80 -4.10 -9.26
C VAL D 2 -9.60 -5.60 -9.01
N LEU D 3 -10.26 -6.12 -7.98
CA LEU D 3 -10.35 -7.54 -7.67
C LEU D 3 -11.81 -7.91 -7.35
N ILE D 4 -12.27 -9.01 -7.94
CA ILE D 4 -13.65 -9.50 -7.85
C ILE D 4 -13.54 -10.99 -7.57
N PRO D 5 -13.50 -11.43 -6.30
CA PRO D 5 -13.33 -12.83 -5.98
C PRO D 5 -14.54 -13.63 -6.45
N SER D 6 -14.34 -14.89 -6.83
CA SER D 6 -15.41 -15.71 -7.39
C SER D 6 -16.55 -15.94 -6.39
N HIS D 7 -17.79 -15.99 -6.89
CA HIS D 7 -18.96 -16.27 -6.07
C HIS D 7 -18.87 -17.67 -5.45
N ALA D 8 -19.26 -17.83 -4.19
CA ALA D 8 -19.32 -19.14 -3.54
C ALA D 8 -20.28 -20.05 -4.31
N GLN D 9 -19.88 -21.29 -4.58
CA GLN D 9 -20.53 -22.09 -5.62
C GLN D 9 -21.83 -22.79 -5.16
N GLY D 10 -21.88 -23.29 -3.92
CA GLY D 10 -23.00 -24.11 -3.41
C GLY D 10 -24.12 -23.34 -2.70
N GLU D 11 -24.02 -22.02 -2.59
CA GLU D 11 -24.88 -21.22 -1.71
C GLU D 11 -26.29 -20.97 -2.27
N LEU D 12 -26.49 -21.08 -3.58
CA LEU D 12 -27.76 -20.75 -4.26
C LEU D 12 -28.54 -21.98 -4.75
N THR D 13 -29.86 -21.96 -4.54
CA THR D 13 -30.79 -23.04 -4.92
C THR D 13 -30.83 -23.25 -6.44
N GLY D 14 -30.70 -24.50 -6.87
CA GLY D 14 -30.53 -24.87 -8.27
C GLY D 14 -31.82 -25.12 -9.05
N ARG D 15 -31.73 -26.01 -10.06
CA ARG D 15 -32.79 -26.44 -10.98
C ARG D 15 -33.27 -25.39 -11.98
N GLY D 16 -32.33 -24.66 -12.54
CA GLY D 16 -32.49 -23.74 -13.66
C GLY D 16 -31.13 -23.48 -14.28
N HIS D 17 -31.06 -22.66 -15.31
CA HIS D 17 -29.81 -22.42 -16.02
C HIS D 17 -28.80 -21.68 -15.14
N LYS D 18 -27.63 -22.26 -14.90
CA LYS D 18 -26.46 -21.58 -14.32
C LYS D 18 -25.57 -21.00 -15.41
N TRP D 19 -24.84 -19.90 -15.15
CA TRP D 19 -24.15 -19.18 -16.24
C TRP D 19 -23.08 -20.02 -16.94
N LEU D 20 -22.25 -20.70 -16.15
CA LEU D 20 -21.25 -21.69 -16.55
C LEU D 20 -21.11 -22.73 -15.45
N GLU D 21 -20.64 -23.93 -15.75
CA GLU D 21 -20.22 -24.86 -14.71
C GLU D 21 -18.99 -24.32 -13.98
N GLY D 22 -18.97 -24.45 -12.66
CA GLY D 22 -17.93 -23.85 -11.80
C GLY D 22 -16.52 -24.41 -12.03
N ASP D 23 -15.51 -23.72 -11.49
CA ASP D 23 -14.10 -24.13 -11.64
C ASP D 23 -13.81 -25.55 -11.12
N SER D 24 -14.48 -25.97 -10.03
CA SER D 24 -14.64 -27.37 -9.65
C SER D 24 -13.32 -28.16 -9.60
N LEU D 25 -13.33 -29.45 -9.96
CA LEU D 25 -12.13 -30.23 -10.26
C LEU D 25 -11.50 -29.83 -11.62
N ARG D 26 -12.32 -29.45 -12.61
CA ARG D 26 -11.91 -29.19 -14.01
C ARG D 26 -10.78 -28.16 -14.13
N THR D 27 -10.97 -26.96 -13.60
CA THR D 27 -9.95 -25.89 -13.72
C THR D 27 -8.73 -26.22 -12.86
N HIS D 28 -8.91 -26.78 -11.67
CA HIS D 28 -7.80 -27.13 -10.78
C HIS D 28 -6.92 -28.24 -11.35
N LEU D 29 -7.51 -29.35 -11.80
CA LEU D 29 -6.78 -30.50 -12.33
C LEU D 29 -5.99 -30.15 -13.60
N THR D 30 -6.59 -29.40 -14.52
CA THR D 30 -5.89 -28.92 -15.72
C THR D 30 -4.80 -27.88 -15.42
N ARG D 31 -5.00 -27.00 -14.43
CA ARG D 31 -3.98 -26.07 -13.94
C ARG D 31 -2.77 -26.79 -13.34
N VAL D 32 -2.99 -27.79 -12.48
CA VAL D 32 -1.92 -28.60 -11.87
C VAL D 32 -1.17 -29.42 -12.92
N GLU D 33 -1.88 -30.14 -13.80
CA GLU D 33 -1.23 -30.92 -14.86
C GLU D 33 -0.40 -30.04 -15.80
N GLY D 34 -0.94 -28.89 -16.22
CA GLY D 34 -0.24 -27.96 -17.10
C GLY D 34 1.05 -27.40 -16.49
N TRP D 35 1.11 -27.18 -15.17
CA TRP D 35 2.33 -26.72 -14.51
C TRP D 35 3.43 -27.79 -14.51
N VAL D 36 3.08 -29.06 -14.26
CA VAL D 36 4.03 -30.18 -14.31
C VAL D 36 4.61 -30.35 -15.72
N TRP D 37 3.84 -30.10 -16.77
CA TRP D 37 4.32 -30.13 -18.16
C TRP D 37 5.28 -28.98 -18.52
N LYS D 38 5.31 -27.90 -17.74
CA LYS D 38 6.17 -26.72 -18.01
C LYS D 38 7.42 -26.68 -17.15
N ASN D 39 7.29 -26.78 -15.84
CA ASN D 39 8.40 -26.79 -14.89
C ASN D 39 8.94 -28.22 -14.66
N LYS D 40 9.13 -28.99 -15.73
CA LYS D 40 9.47 -30.44 -15.71
C LYS D 40 10.66 -30.77 -14.83
N LEU D 41 11.75 -30.01 -14.95
CA LEU D 41 12.99 -30.27 -14.18
C LEU D 41 12.76 -30.12 -12.67
N LEU D 42 12.05 -29.08 -12.26
CA LEU D 42 11.74 -28.85 -10.85
C LEU D 42 10.73 -29.88 -10.33
N ALA D 43 9.68 -30.18 -11.10
CA ALA D 43 8.67 -31.17 -10.71
C ALA D 43 9.30 -32.56 -10.49
N LEU D 44 10.16 -33.00 -11.41
CA LEU D 44 10.91 -34.25 -11.27
C LEU D 44 11.87 -34.21 -10.06
N ALA D 45 12.56 -33.09 -9.84
CA ALA D 45 13.43 -32.94 -8.68
C ALA D 45 12.62 -33.02 -7.37
N MET D 46 11.50 -32.30 -7.28
CA MET D 46 10.64 -32.30 -6.09
C MET D 46 10.12 -33.70 -5.77
N VAL D 47 9.54 -34.43 -6.73
CA VAL D 47 9.03 -35.78 -6.47
C VAL D 47 10.14 -36.76 -6.11
N THR D 48 11.27 -36.75 -6.81
CA THR D 48 12.38 -37.66 -6.50
C THR D 48 13.04 -37.33 -5.16
N VAL D 49 13.30 -36.06 -4.85
CA VAL D 49 13.87 -35.65 -3.55
C VAL D 49 12.95 -36.02 -2.40
N VAL D 50 11.65 -35.73 -2.49
CA VAL D 50 10.67 -36.09 -1.45
C VAL D 50 10.64 -37.60 -1.27
N TRP D 51 10.59 -38.37 -2.37
CA TRP D 51 10.57 -39.83 -2.32
C TRP D 51 11.84 -40.43 -1.69
N LEU D 52 13.01 -39.84 -1.95
CA LEU D 52 14.28 -40.27 -1.37
C LEU D 52 14.51 -39.78 0.07
N THR D 53 13.73 -38.82 0.57
CA THR D 53 14.01 -38.15 1.86
C THR D 53 13.01 -38.47 2.97
N LEU D 54 11.70 -38.40 2.69
CA LEU D 54 10.68 -38.59 3.74
C LEU D 54 10.50 -40.08 4.12
N GLU D 55 10.16 -40.34 5.39
CA GLU D 55 10.33 -41.67 5.99
C GLU D 55 9.08 -42.59 5.95
N SER D 56 8.00 -42.20 5.27
CA SER D 56 6.85 -43.10 5.03
C SER D 56 6.12 -42.79 3.72
N VAL D 57 5.46 -43.79 3.14
CA VAL D 57 4.65 -43.59 1.92
C VAL D 57 3.49 -42.62 2.15
N VAL D 58 2.80 -42.69 3.30
CA VAL D 58 1.67 -41.79 3.59
C VAL D 58 2.10 -40.33 3.76
N THR D 59 3.23 -40.05 4.42
CA THR D 59 3.73 -38.66 4.52
C THR D 59 4.29 -38.16 3.19
N ARG D 60 4.92 -39.03 2.37
CA ARG D 60 5.27 -38.69 0.97
C ARG D 60 4.04 -38.28 0.17
N VAL D 61 2.99 -39.11 0.13
CA VAL D 61 1.76 -38.82 -0.62
C VAL D 61 1.15 -37.49 -0.18
N ALA D 62 1.07 -37.23 1.12
CA ALA D 62 0.57 -35.96 1.63
C ALA D 62 1.39 -34.77 1.12
N VAL D 63 2.72 -34.81 1.29
CA VAL D 63 3.60 -33.69 0.87
C VAL D 63 3.58 -33.49 -0.64
N LEU D 64 3.61 -34.56 -1.44
CA LEU D 64 3.56 -34.46 -2.91
C LEU D 64 2.30 -33.74 -3.39
N VAL D 65 1.11 -34.13 -2.90
CA VAL D 65 -0.14 -33.47 -3.29
C VAL D 65 -0.18 -32.02 -2.82
N VAL D 66 0.27 -31.71 -1.60
CA VAL D 66 0.36 -30.33 -1.11
C VAL D 66 1.28 -29.46 -1.97
N LEU D 67 2.51 -29.92 -2.25
CA LEU D 67 3.47 -29.16 -3.06
C LEU D 67 2.98 -28.96 -4.51
N LEU D 68 2.30 -29.93 -5.10
CA LEU D 68 1.68 -29.76 -6.42
C LEU D 68 0.53 -28.75 -6.40
N CYS D 69 -0.45 -28.90 -5.49
CA CYS D 69 -1.68 -28.11 -5.56
C CYS D 69 -1.49 -26.63 -5.17
N LEU D 70 -0.45 -26.28 -4.42
CA LEU D 70 -0.13 -24.89 -4.03
C LEU D 70 0.96 -24.20 -4.89
N ALA D 71 1.56 -24.89 -5.86
CA ALA D 71 2.59 -24.30 -6.72
C ALA D 71 2.05 -23.32 -7.80
N PRO D 72 1.00 -23.63 -8.57
CA PRO D 72 0.58 -22.76 -9.69
C PRO D 72 -0.39 -21.63 -9.32
N VAL D 73 -0.74 -21.45 -8.04
CA VAL D 73 -1.97 -20.74 -7.61
C VAL D 73 -1.94 -19.21 -7.71
N TYR D 74 -0.79 -18.59 -7.98
CA TYR D 74 -0.56 -17.15 -7.82
C TYR D 74 -1.06 -16.27 -9.00
N ALA D 75 -2.22 -16.61 -9.57
CA ALA D 75 -2.87 -15.92 -10.71
C ALA D 75 -4.38 -16.18 -10.79
N SER E 1 -11.06 -18.08 -22.15
CA SER E 1 -9.95 -17.12 -21.88
C SER E 1 -9.87 -16.89 -20.39
N VAL E 2 -9.22 -17.82 -19.71
CA VAL E 2 -9.09 -17.95 -18.25
C VAL E 2 -7.68 -18.51 -18.01
N LEU E 3 -7.12 -18.34 -16.81
CA LEU E 3 -5.79 -18.88 -16.47
C LEU E 3 -4.70 -18.34 -17.42
N ILE E 4 -4.78 -17.04 -17.75
CA ILE E 4 -3.60 -16.28 -18.14
C ILE E 4 -2.72 -16.19 -16.89
N PRO E 5 -1.53 -16.80 -16.86
CA PRO E 5 -0.70 -16.76 -15.68
C PRO E 5 -0.19 -15.33 -15.45
N SER E 6 0.00 -14.95 -14.19
CA SER E 6 0.70 -13.72 -13.84
C SER E 6 2.16 -13.80 -14.30
N HIS E 7 2.70 -12.73 -14.86
CA HIS E 7 4.06 -12.74 -15.39
C HIS E 7 5.08 -13.00 -14.27
N ALA E 8 6.11 -13.80 -14.54
CA ALA E 8 7.17 -14.05 -13.57
C ALA E 8 7.93 -12.76 -13.24
N GLN E 9 8.32 -12.59 -11.97
CA GLN E 9 9.00 -11.39 -11.46
C GLN E 9 10.49 -11.30 -11.80
N GLY E 10 11.09 -12.35 -12.35
CA GLY E 10 12.52 -12.45 -12.63
C GLY E 10 12.90 -12.38 -14.11
N GLU E 11 14.20 -12.46 -14.36
CA GLU E 11 14.87 -12.51 -15.66
C GLU E 11 14.72 -11.28 -16.58
N LEU E 12 13.63 -10.50 -16.48
CA LEU E 12 13.51 -9.21 -17.17
C LEU E 12 14.33 -8.11 -16.47
N THR E 13 15.12 -7.37 -17.25
CA THR E 13 16.00 -6.30 -16.74
C THR E 13 15.19 -5.10 -16.26
N GLY E 14 15.60 -4.51 -15.13
CA GLY E 14 14.97 -3.32 -14.55
C GLY E 14 15.59 -2.00 -15.01
N ARG E 15 15.65 -1.04 -14.08
CA ARG E 15 16.27 0.30 -14.22
C ARG E 15 15.60 1.24 -15.21
N GLY E 16 14.34 1.00 -15.53
CA GLY E 16 13.43 1.91 -16.25
C GLY E 16 11.98 1.71 -15.78
N HIS E 17 11.05 2.52 -16.25
CA HIS E 17 9.68 2.49 -15.73
C HIS E 17 8.97 1.15 -15.98
N LYS E 18 8.38 0.58 -14.92
CA LYS E 18 7.54 -0.62 -14.99
C LYS E 18 6.06 -0.26 -15.10
N TRP E 19 5.25 -1.20 -15.57
CA TRP E 19 3.79 -1.18 -15.44
C TRP E 19 3.38 -1.80 -14.10
N LEU E 20 2.85 -0.98 -13.18
CA LEU E 20 2.43 -1.38 -11.83
C LEU E 20 3.57 -2.01 -10.99
N GLU E 21 3.22 -2.62 -9.87
CA GLU E 21 4.11 -3.32 -8.94
C GLU E 21 3.31 -4.43 -8.23
N GLY E 22 3.92 -5.53 -7.79
CA GLY E 22 3.23 -6.51 -6.95
C GLY E 22 3.86 -7.91 -6.87
N ASP E 23 3.07 -8.87 -6.35
CA ASP E 23 3.28 -10.33 -6.34
C ASP E 23 4.54 -10.89 -5.63
N SER E 24 5.45 -10.06 -5.13
CA SER E 24 6.45 -10.46 -4.13
C SER E 24 5.80 -10.70 -2.76
N LEU E 25 6.47 -11.44 -1.85
CA LEU E 25 5.92 -11.78 -0.53
C LEU E 25 5.60 -10.53 0.32
N ARG E 26 6.40 -9.47 0.16
CA ARG E 26 6.19 -8.13 0.74
C ARG E 26 4.78 -7.60 0.49
N THR E 27 4.24 -7.83 -0.70
CA THR E 27 2.84 -7.52 -1.05
C THR E 27 1.90 -8.67 -0.71
N HIS E 28 2.19 -9.89 -1.15
CA HIS E 28 1.22 -11.00 -1.16
C HIS E 28 0.76 -11.44 0.24
N LEU E 29 1.65 -11.42 1.24
CA LEU E 29 1.31 -11.75 2.63
C LEU E 29 0.20 -10.84 3.21
N THR E 30 0.09 -9.60 2.71
CA THR E 30 -0.93 -8.64 3.16
C THR E 30 -2.32 -8.87 2.53
N ARG E 31 -2.43 -9.60 1.42
CA ARG E 31 -3.68 -9.79 0.67
C ARG E 31 -4.71 -10.64 1.42
N VAL E 32 -4.26 -11.68 2.12
CA VAL E 32 -5.13 -12.68 2.75
C VAL E 32 -5.73 -12.23 4.10
N GLU E 33 -5.21 -11.17 4.72
CA GLU E 33 -5.78 -10.60 5.95
C GLU E 33 -7.25 -10.21 5.77
N GLY E 34 -7.62 -9.72 4.58
CA GLY E 34 -9.00 -9.38 4.22
C GLY E 34 -9.98 -10.56 4.18
N TRP E 35 -9.49 -11.80 4.13
CA TRP E 35 -10.30 -13.02 4.37
C TRP E 35 -10.25 -13.44 5.85
N VAL E 36 -9.05 -13.49 6.44
CA VAL E 36 -8.85 -13.95 7.82
C VAL E 36 -9.61 -13.11 8.85
N TRP E 37 -9.64 -11.78 8.71
CA TRP E 37 -10.29 -10.88 9.67
C TRP E 37 -11.84 -10.86 9.58
N LYS E 38 -12.47 -11.44 8.55
CA LYS E 38 -13.94 -11.41 8.37
C LYS E 38 -14.62 -12.76 8.11
N ASN E 39 -13.99 -13.68 7.38
CA ASN E 39 -14.58 -14.98 7.02
C ASN E 39 -14.09 -16.15 7.88
N LYS E 40 -12.83 -16.17 8.33
CA LYS E 40 -12.23 -17.34 9.00
C LYS E 40 -12.85 -17.63 10.37
N LEU E 41 -13.17 -16.58 11.14
CA LEU E 41 -13.92 -16.61 12.40
C LEU E 41 -13.53 -17.78 13.32
N LEU E 42 -14.40 -18.77 13.52
CA LEU E 42 -14.16 -19.92 14.40
C LEU E 42 -12.89 -20.72 14.02
N ALA E 43 -12.58 -20.83 12.72
CA ALA E 43 -11.41 -21.54 12.23
C ALA E 43 -10.08 -20.84 12.57
N LEU E 44 -10.08 -19.60 13.06
CA LEU E 44 -8.87 -18.95 13.59
C LEU E 44 -8.28 -19.74 14.78
N ALA E 45 -9.12 -20.47 15.53
CA ALA E 45 -8.71 -21.37 16.61
C ALA E 45 -7.90 -22.60 16.15
N MET E 46 -7.80 -22.88 14.84
CA MET E 46 -7.03 -24.03 14.32
C MET E 46 -5.52 -23.96 14.63
N VAL E 47 -5.00 -22.79 15.03
CA VAL E 47 -3.66 -22.68 15.64
C VAL E 47 -3.49 -23.64 16.82
N THR E 48 -4.57 -23.88 17.60
CA THR E 48 -4.55 -24.82 18.73
C THR E 48 -4.43 -26.27 18.27
N VAL E 49 -5.15 -26.71 17.25
CA VAL E 49 -5.07 -28.12 16.80
C VAL E 49 -3.73 -28.42 16.13
N VAL E 50 -3.15 -27.46 15.38
CA VAL E 50 -1.78 -27.60 14.85
C VAL E 50 -0.76 -27.66 16.00
N TRP E 51 -0.87 -26.76 16.98
CA TRP E 51 0.03 -26.75 18.15
C TRP E 51 -0.04 -28.04 18.98
N LEU E 52 -1.23 -28.56 19.26
CA LEU E 52 -1.44 -29.81 20.00
C LEU E 52 -1.10 -31.08 19.21
N THR E 53 -1.05 -31.01 17.87
CA THR E 53 -0.70 -32.16 17.02
C THR E 53 0.80 -32.41 16.95
N LEU E 54 1.61 -31.38 16.68
CA LEU E 54 3.03 -31.56 16.37
C LEU E 54 3.94 -31.68 17.63
N GLU E 55 5.12 -32.26 17.49
CA GLU E 55 5.88 -32.86 18.59
C GLU E 55 6.57 -31.89 19.57
N SER E 56 7.03 -30.71 19.15
CA SER E 56 7.92 -29.86 19.96
C SER E 56 7.79 -28.37 19.61
N VAL E 57 8.23 -27.48 20.50
CA VAL E 57 8.10 -26.01 20.28
C VAL E 57 8.74 -25.55 18.97
N VAL E 58 9.99 -25.94 18.70
CA VAL E 58 10.71 -25.54 17.48
C VAL E 58 10.04 -26.04 16.20
N THR E 59 9.47 -27.24 16.21
CA THR E 59 8.72 -27.78 15.05
C THR E 59 7.33 -27.14 14.92
N ARG E 60 6.60 -26.91 16.03
CA ARG E 60 5.32 -26.20 16.05
C ARG E 60 5.46 -24.78 15.51
N VAL E 61 6.45 -24.03 15.97
CA VAL E 61 6.73 -22.68 15.46
C VAL E 61 7.11 -22.71 13.99
N ALA E 62 8.03 -23.60 13.57
CA ALA E 62 8.42 -23.69 12.17
C ALA E 62 7.23 -24.00 11.23
N VAL E 63 6.39 -24.99 11.56
CA VAL E 63 5.21 -25.31 10.74
C VAL E 63 4.19 -24.18 10.72
N LEU E 64 3.92 -23.51 11.86
CA LEU E 64 3.00 -22.38 11.90
C LEU E 64 3.52 -21.17 11.11
N VAL E 65 4.80 -20.81 11.25
CA VAL E 65 5.41 -19.67 10.54
C VAL E 65 5.36 -19.85 9.03
N VAL E 66 5.52 -21.08 8.50
CA VAL E 66 5.36 -21.34 7.06
C VAL E 66 3.88 -21.46 6.66
N LEU E 67 3.03 -22.15 7.43
CA LEU E 67 1.59 -22.29 7.14
C LEU E 67 0.93 -20.93 6.93
N LEU E 68 1.23 -19.94 7.78
CA LEU E 68 0.61 -18.61 7.72
C LEU E 68 0.78 -17.90 6.36
N CYS E 69 1.78 -18.25 5.55
CA CYS E 69 1.98 -17.67 4.22
C CYS E 69 1.45 -18.52 3.05
N LEU E 70 0.89 -19.72 3.28
CA LEU E 70 0.45 -20.62 2.21
C LEU E 70 -0.90 -21.32 2.49
N ALA E 71 -1.17 -21.73 3.72
CA ALA E 71 -2.37 -22.49 4.07
C ALA E 71 -3.70 -21.75 3.77
N PRO E 72 -3.84 -20.44 4.04
CA PRO E 72 -5.05 -19.70 3.68
C PRO E 72 -5.10 -19.26 2.20
N VAL E 73 -4.05 -19.55 1.41
CA VAL E 73 -3.90 -19.07 0.02
C VAL E 73 -4.54 -20.04 -0.97
N TYR E 74 -5.86 -20.26 -0.86
CA TYR E 74 -6.63 -21.16 -1.73
C TYR E 74 -7.06 -20.54 -3.06
N ALA E 75 -6.97 -19.20 -3.20
CA ALA E 75 -7.32 -18.43 -4.40
C ALA E 75 -6.60 -17.07 -4.42
N SER F 1 -0.50 27.78 33.99
CA SER F 1 -0.77 27.92 35.43
C SER F 1 -1.93 27.02 35.86
N VAL F 2 -3.19 27.36 35.53
CA VAL F 2 -4.40 26.63 35.97
C VAL F 2 -4.47 25.21 35.38
N LEU F 3 -4.83 24.24 36.21
CA LEU F 3 -4.99 22.84 35.86
C LEU F 3 -6.37 22.35 36.33
N ILE F 4 -7.09 21.62 35.49
CA ILE F 4 -8.49 21.24 35.69
C ILE F 4 -8.67 19.75 35.38
N PRO F 5 -8.62 18.85 36.37
CA PRO F 5 -8.75 17.41 36.13
C PRO F 5 -10.18 17.00 35.81
N SER F 6 -10.39 16.29 34.70
CA SER F 6 -11.73 15.86 34.27
C SER F 6 -12.25 14.70 35.12
N HIS F 7 -13.50 14.75 35.56
CA HIS F 7 -14.02 13.85 36.59
C HIS F 7 -14.43 12.49 36.07
N ALA F 8 -14.48 11.50 36.97
CA ALA F 8 -14.83 10.12 36.65
C ALA F 8 -16.29 9.96 36.17
N GLN F 9 -16.63 8.77 35.68
CA GLN F 9 -17.97 8.37 35.25
C GLN F 9 -18.93 8.07 36.43
N GLY F 10 -19.02 8.97 37.41
CA GLY F 10 -19.88 8.85 38.60
C GLY F 10 -21.33 9.30 38.35
N GLU F 11 -21.52 10.57 38.01
CA GLU F 11 -22.80 11.10 37.53
C GLU F 11 -23.13 10.54 36.14
N LEU F 12 -24.28 9.88 35.98
CA LEU F 12 -24.71 9.22 34.75
C LEU F 12 -26.23 9.37 34.54
N THR F 13 -26.69 10.50 34.00
CA THR F 13 -28.08 10.63 33.52
C THR F 13 -28.30 9.61 32.40
N GLY F 14 -29.24 8.69 32.59
CA GLY F 14 -29.21 7.40 31.91
C GLY F 14 -29.64 7.41 30.45
N ARG F 15 -30.33 8.47 30.01
CA ARG F 15 -31.06 8.51 28.74
C ARG F 15 -30.87 9.82 27.97
N GLY F 16 -29.99 10.70 28.44
CA GLY F 16 -29.72 12.01 27.85
C GLY F 16 -28.34 12.07 27.20
N HIS F 17 -28.12 13.06 26.36
CA HIS F 17 -26.88 13.22 25.61
C HIS F 17 -25.67 13.44 26.53
N LYS F 18 -24.54 12.81 26.20
CA LYS F 18 -23.22 13.18 26.71
C LYS F 18 -22.63 14.34 25.87
N TRP F 19 -21.54 14.96 26.33
CA TRP F 19 -20.85 16.03 25.60
C TRP F 19 -19.92 15.50 24.49
N LEU F 20 -18.92 14.68 24.82
CA LEU F 20 -17.91 14.14 23.89
C LEU F 20 -17.63 12.64 24.07
N GLU F 21 -18.33 11.97 24.99
CA GLU F 21 -18.34 10.51 25.15
C GLU F 21 -16.94 9.87 25.30
N GLY F 22 -16.10 10.43 26.17
CA GLY F 22 -14.77 9.92 26.51
C GLY F 22 -14.75 8.64 27.34
N ASP F 23 -15.65 7.70 27.07
CA ASP F 23 -15.87 6.46 27.84
C ASP F 23 -14.61 5.58 27.87
N SER F 24 -13.96 5.51 29.04
CA SER F 24 -12.55 5.16 29.13
C SER F 24 -12.20 3.73 28.72
N LEU F 25 -13.05 2.73 28.96
CA LEU F 25 -12.69 1.32 28.72
C LEU F 25 -12.46 1.02 27.24
N ARG F 26 -13.51 1.12 26.41
CA ARG F 26 -13.43 0.96 24.95
C ARG F 26 -12.49 1.94 24.27
N THR F 27 -12.36 3.17 24.81
CA THR F 27 -11.40 4.15 24.30
C THR F 27 -9.96 3.73 24.57
N HIS F 28 -9.61 3.29 25.78
CA HIS F 28 -8.25 2.86 26.12
C HIS F 28 -7.89 1.54 25.45
N LEU F 29 -8.83 0.60 25.31
CA LEU F 29 -8.63 -0.59 24.48
C LEU F 29 -8.32 -0.22 23.02
N THR F 30 -9.02 0.77 22.45
CA THR F 30 -8.71 1.28 21.10
C THR F 30 -7.32 1.94 21.04
N ARG F 31 -6.93 2.69 22.08
CA ARG F 31 -5.59 3.29 22.21
C ARG F 31 -4.48 2.23 22.29
N VAL F 32 -4.67 1.18 23.08
CA VAL F 32 -3.76 0.02 23.16
C VAL F 32 -3.65 -0.69 21.81
N GLU F 33 -4.77 -1.00 21.15
CA GLU F 33 -4.77 -1.65 19.83
C GLU F 33 -4.13 -0.79 18.72
N GLY F 34 -4.16 0.55 18.84
CA GLY F 34 -3.37 1.44 18.00
C GLY F 34 -1.88 1.40 18.31
N TRP F 35 -1.50 1.51 19.59
CA TRP F 35 -0.11 1.52 20.04
C TRP F 35 0.66 0.26 19.63
N VAL F 36 0.06 -0.93 19.78
CA VAL F 36 0.72 -2.21 19.43
C VAL F 36 0.94 -2.42 17.93
N TRP F 37 0.27 -1.66 17.04
CA TRP F 37 0.55 -1.68 15.59
C TRP F 37 1.46 -0.51 15.14
N LYS F 38 1.43 0.64 15.81
CA LYS F 38 2.32 1.78 15.49
C LYS F 38 3.74 1.58 16.02
N ASN F 39 3.88 1.16 17.29
CA ASN F 39 5.16 0.92 17.98
C ASN F 39 5.53 -0.59 18.04
N LYS F 40 5.15 -1.36 17.01
CA LYS F 40 5.02 -2.83 17.03
C LYS F 40 6.26 -3.62 17.49
N LEU F 41 7.47 -3.15 17.17
CA LEU F 41 8.72 -3.84 17.50
C LEU F 41 9.01 -3.92 19.01
N LEU F 42 8.61 -2.91 19.80
CA LEU F 42 8.96 -2.84 21.22
C LEU F 42 8.31 -3.95 22.06
N ALA F 43 7.17 -4.48 21.63
CA ALA F 43 6.50 -5.60 22.30
C ALA F 43 7.38 -6.86 22.38
N LEU F 44 8.28 -7.06 21.40
CA LEU F 44 9.21 -8.18 21.39
C LEU F 44 10.21 -8.11 22.56
N ALA F 45 10.74 -6.92 22.86
CA ALA F 45 11.63 -6.71 24.01
C ALA F 45 10.90 -6.95 25.34
N MET F 46 9.68 -6.39 25.48
CA MET F 46 8.86 -6.53 26.68
C MET F 46 8.45 -7.99 26.97
N VAL F 47 7.99 -8.73 25.96
CA VAL F 47 7.62 -10.13 26.15
C VAL F 47 8.83 -11.01 26.42
N THR F 48 9.96 -10.80 25.73
CA THR F 48 11.16 -11.63 25.95
C THR F 48 11.79 -11.41 27.32
N VAL F 49 11.93 -10.17 27.82
CA VAL F 49 12.51 -9.98 29.16
C VAL F 49 11.63 -10.60 30.26
N VAL F 50 10.30 -10.52 30.12
CA VAL F 50 9.36 -11.20 31.02
C VAL F 50 9.48 -12.72 30.90
N TRP F 51 9.46 -13.26 29.68
CA TRP F 51 9.59 -14.70 29.41
C TRP F 51 10.89 -15.29 29.95
N LEU F 52 12.00 -14.56 29.85
CA LEU F 52 13.30 -14.96 30.37
C LEU F 52 13.40 -14.86 31.90
N THR F 53 12.88 -13.79 32.52
CA THR F 53 13.13 -13.51 33.95
C THR F 53 12.10 -14.09 34.92
N LEU F 54 10.84 -14.30 34.52
CA LEU F 54 9.81 -14.84 35.41
C LEU F 54 9.64 -16.36 35.25
N GLU F 55 9.57 -17.08 36.36
CA GLU F 55 9.76 -18.53 36.42
C GLU F 55 8.50 -19.39 36.14
N SER F 56 7.37 -18.78 35.76
CA SER F 56 6.14 -19.52 35.39
C SER F 56 5.30 -18.81 34.35
N VAL F 57 4.52 -19.56 33.56
CA VAL F 57 3.53 -18.98 32.62
C VAL F 57 2.47 -18.14 33.34
N VAL F 58 2.08 -18.54 34.55
CA VAL F 58 1.13 -17.79 35.39
C VAL F 58 1.64 -16.39 35.72
N THR F 59 2.86 -16.26 36.24
CA THR F 59 3.44 -14.94 36.58
C THR F 59 3.80 -14.12 35.34
N ARG F 60 4.21 -14.76 34.24
CA ARG F 60 4.39 -14.09 32.93
C ARG F 60 3.07 -13.45 32.46
N VAL F 61 1.99 -14.23 32.38
CA VAL F 61 0.67 -13.71 31.92
C VAL F 61 0.15 -12.63 32.85
N ALA F 62 0.32 -12.78 34.17
CA ALA F 62 -0.12 -11.79 35.16
C ALA F 62 0.50 -10.41 34.95
N VAL F 63 1.79 -10.31 34.62
CA VAL F 63 2.41 -9.01 34.31
C VAL F 63 2.11 -8.53 32.90
N LEU F 64 2.06 -9.39 31.88
CA LEU F 64 1.94 -8.96 30.48
C LEU F 64 0.65 -8.19 30.20
N VAL F 65 -0.49 -8.62 30.75
CA VAL F 65 -1.77 -7.90 30.61
C VAL F 65 -1.68 -6.49 31.23
N VAL F 66 -1.06 -6.36 32.41
CA VAL F 66 -0.86 -5.07 33.09
C VAL F 66 0.12 -4.18 32.31
N LEU F 67 1.26 -4.72 31.89
CA LEU F 67 2.27 -3.99 31.12
C LEU F 67 1.69 -3.45 29.79
N LEU F 68 0.95 -4.27 29.05
CA LEU F 68 0.31 -3.83 27.81
C LEU F 68 -0.84 -2.84 28.04
N CYS F 69 -1.56 -2.94 29.17
CA CYS F 69 -2.53 -1.93 29.58
C CYS F 69 -1.85 -0.58 29.94
N LEU F 70 -0.65 -0.62 30.52
CA LEU F 70 0.11 0.59 30.86
C LEU F 70 0.84 1.22 29.67
N ALA F 71 1.22 0.45 28.65
CA ALA F 71 2.12 0.91 27.57
C ALA F 71 1.82 2.31 26.97
N PRO F 72 0.58 2.66 26.55
CA PRO F 72 0.31 3.97 25.95
C PRO F 72 0.21 5.14 26.95
N VAL F 73 0.37 4.93 28.26
CA VAL F 73 0.39 6.00 29.27
C VAL F 73 1.68 6.84 29.25
N TYR F 74 2.71 6.36 28.55
CA TYR F 74 4.04 6.97 28.43
C TYR F 74 4.52 7.04 26.97
N ALA F 75 5.56 7.84 26.72
CA ALA F 75 6.18 8.05 25.40
C ALA F 75 7.70 8.25 25.51
C1 NAG G . -46.84 -25.26 -32.69
C2 NAG G . -47.44 -24.30 -33.73
C3 NAG G . -47.88 -25.09 -34.97
C4 NAG G . -46.72 -25.92 -35.53
C5 NAG G . -46.03 -26.75 -34.44
C6 NAG G . -44.78 -27.52 -34.91
C7 NAG G . -49.67 -23.92 -32.71
C8 NAG G . -50.70 -22.86 -32.28
N2 NAG G . -48.51 -23.46 -33.19
O3 NAG G . -48.35 -24.16 -35.98
O4 NAG G . -47.25 -26.88 -36.51
O5 NAG G . -45.67 -25.89 -33.30
O6 NAG G . -43.95 -26.70 -35.73
O7 NAG G . -49.89 -25.13 -32.61
H1 NAG G . -47.55 -26.03 -32.39
H2 NAG G . -46.65 -23.62 -34.04
H3 NAG G . -48.69 -25.77 -34.72
H4 NAG G . -46.00 -25.26 -36.00
H5 NAG G . -46.75 -27.49 -34.08
H61 NAG G . -44.21 -27.86 -34.05
H62 NAG G . -45.09 -28.40 -35.48
H81 NAG G . -50.22 -22.08 -31.72
H82 NAG G . -51.47 -23.31 -31.68
H83 NAG G . -51.15 -22.44 -33.16
HN2 NAG G . -48.42 -22.46 -33.31
HO3 NAG G . -48.38 -24.61 -36.84
HO6 NAG G . -44.00 -27.03 -36.63
C1 NAG G . -47.02 -26.54 -37.92
C2 NAG G . -47.24 -27.77 -38.82
C3 NAG G . -47.02 -27.40 -40.29
C4 NAG G . -47.94 -26.23 -40.69
C5 NAG G . -47.77 -25.03 -39.75
C6 NAG G . -48.74 -23.88 -40.02
C7 NAG G . -45.16 -28.98 -38.17
C8 NAG G . -44.55 -30.36 -37.84
N2 NAG G . -46.46 -28.95 -38.42
O3 NAG G . -47.29 -28.53 -41.17
O4 NAG G . -47.60 -25.85 -42.05
O5 NAG G . -47.96 -25.49 -38.35
O6 NAG G . -48.47 -22.79 -39.13
O7 NAG G . -44.47 -27.95 -38.17
H1 NAG G . -46.00 -26.16 -38.03
H2 NAG G . -48.29 -28.07 -38.71
H3 NAG G . -45.98 -27.10 -40.43
H4 NAG G . -48.98 -26.57 -40.66
H5 NAG G . -46.74 -24.66 -39.84
H61 NAG G . -48.64 -23.54 -41.05
H62 NAG G . -49.77 -24.22 -39.87
H81 NAG G . -44.99 -30.73 -36.91
H82 NAG G . -44.76 -31.05 -38.64
H83 NAG G . -43.49 -30.26 -37.70
HN2 NAG G . -46.96 -29.83 -38.45
HO3 NAG G . -47.19 -28.24 -42.07
HO4 NAG G . -48.34 -25.54 -42.50
HO6 NAG G . -49.11 -22.10 -39.28
C1 NAG H . 13.29 25.38 -20.69
C2 NAG H . 12.85 26.46 -21.68
C3 NAG H . 12.65 27.82 -20.97
C4 NAG H . 11.70 27.68 -19.76
C5 NAG H . 12.15 26.55 -18.83
C6 NAG H . 11.19 26.32 -17.66
C7 NAG H . 15.03 26.92 -22.76
C8 NAG H . 15.78 27.01 -24.10
N2 NAG H . 13.74 26.58 -22.84
O3 NAG H . 12.10 28.81 -21.89
O4 NAG H . 11.75 28.94 -18.99
O5 NAG H . 12.30 25.30 -19.61
O6 NAG H . 9.86 26.09 -18.14
O7 NAG H . 15.58 27.16 -21.68
H1 NAG H . 14.27 25.60 -20.26
H2 NAG H . 11.88 26.16 -22.08
H3 NAG H . 13.61 28.19 -20.61
H4 NAG H . 10.69 27.49 -20.12
H5 NAG H . 13.13 26.81 -18.42
H61 NAG H . 11.52 25.46 -17.08
H62 NAG H . 11.18 27.19 -17.00
H81 NAG H . 15.18 27.52 -24.83
H82 NAG H . 16.02 26.02 -24.45
H83 NAG H . 16.71 27.56 -23.95
HN2 NAG H . 13.33 26.48 -23.75
HO3 NAG H . 11.75 29.55 -21.38
HO6 NAG H . 9.31 25.81 -17.41
C1 NAG H . 10.55 29.78 -19.07
C2 NAG H . 10.55 30.79 -17.91
C3 NAG H . 9.31 31.71 -18.05
C4 NAG H . 9.34 32.43 -19.40
C5 NAG H . 9.39 31.41 -20.56
C6 NAG H . 9.51 32.04 -21.96
C7 NAG H . 11.58 30.09 -15.79
C8 NAG H . 11.38 29.36 -14.46
N2 NAG H . 10.53 30.11 -16.61
O3 NAG H . 9.28 32.71 -16.99
O4 NAG H . 8.10 33.20 -19.50
O5 NAG H . 10.55 30.51 -20.35
O6 NAG H . 10.69 32.84 -22.03
O7 NAG H . 12.64 30.63 -16.08
H1 NAG H . 9.67 29.15 -19.00
H2 NAG H . 11.43 31.41 -17.98
H3 NAG H . 8.41 31.11 -17.98
H4 NAG H . 10.19 33.11 -19.45
H5 NAG H . 8.48 30.80 -20.53
H61 NAG H . 9.55 31.25 -22.70
H62 NAG H . 8.64 32.66 -22.16
H81 NAG H . 12.32 29.30 -13.92
H82 NAG H . 10.65 29.89 -13.86
H83 NAG H . 11.02 28.35 -14.64
HN2 NAG H . 9.67 29.67 -16.33
HO3 NAG H . 8.58 33.32 -17.19
HO4 NAG H . 8.22 33.89 -20.15
HO6 NAG H . 10.80 33.15 -22.94
C1 NAG I . 21.25 54.11 33.51
C2 NAG I . 21.90 54.38 34.90
C3 NAG I . 21.07 55.57 35.45
C4 NAG I . 21.19 56.80 34.53
C5 NAG I . 20.87 56.48 33.06
C6 NAG I . 21.31 57.59 32.11
C7 NAG I . 22.81 53.07 36.79
C8 NAG I . 22.69 51.81 37.67
N2 NAG I . 21.91 53.22 35.80
O3 NAG I . 21.47 55.93 36.79
O4 NAG I . 20.17 57.77 34.98
O5 NAG I . 21.57 55.24 32.65
O6 NAG I . 21.31 57.08 30.77
O7 NAG I . 23.72 53.88 36.98
H1 NAG I . 20.17 54.05 33.64
H2 NAG I . 22.94 54.70 34.73
H3 NAG I . 20.03 55.26 35.49
H4 NAG I . 22.19 57.22 34.61
H5 NAG I . 19.79 56.32 32.95
H61 NAG I . 20.64 58.45 32.18
H62 NAG I . 22.32 57.92 32.35
H81 NAG I . 23.06 52.03 38.67
H82 NAG I . 23.27 51.00 37.24
H83 NAG I . 21.66 51.49 37.73
HN2 NAG I . 21.17 52.53 35.72
HO3 NAG I . 21.16 56.81 36.99
HO6 NAG I . 21.60 56.17 30.83
C1 NAG I . 20.66 58.97 35.67
C2 NAG I . 19.51 60.00 35.82
C3 NAG I . 19.98 61.22 36.63
C4 NAG I . 20.53 60.80 37.99
C5 NAG I . 21.66 59.74 37.83
C6 NAG I . 22.19 59.20 39.15
C7 NAG I . 17.85 60.04 34.00
C8 NAG I . 17.54 60.51 32.57
N2 NAG I . 19.03 60.40 34.49
O3 NAG I . 18.88 62.14 36.85
O4 NAG I . 21.06 61.98 38.63
O5 NAG I . 21.14 58.61 37.02
O6 NAG I . 21.13 58.61 39.92
O7 NAG I . 17.05 59.36 34.64
H1 NAG I . 21.48 59.41 35.10
H2 NAG I . 18.71 59.52 36.37
H3 NAG I . 20.76 61.74 36.06
H4 NAG I . 19.73 60.39 38.60
H5 NAG I . 22.48 60.20 37.29
H61 NAG I . 22.66 59.99 39.73
H62 NAG I . 22.94 58.43 38.95
H81 NAG I . 17.49 61.60 32.56
H82 NAG I . 18.30 60.17 31.89
H83 NAG I . 16.58 60.13 32.26
HN2 NAG I . 19.63 60.97 33.92
HO3 NAG I . 19.19 62.83 37.44
HO4 NAG I . 21.14 61.82 39.57
HO6 NAG I . 21.49 58.17 40.67
C1 CPL J . -29.22 -30.74 2.50
C2 CPL J . -28.40 -32.06 2.60
C3 CPL J . -27.02 -31.97 1.90
C4 CPL J . -29.24 -27.67 0.65
C5 CPL J . -28.35 -26.59 0.01
C6 CPL J . -29.09 -24.74 1.59
C7 CPL J . -27.78 -24.21 -0.45
C8 CPL J . -30.14 -24.94 -0.66
C11 CPL J . -25.48 -33.51 0.86
C12 CPL J . -25.19 -34.98 0.62
C13 CPL J . -26.13 -35.57 -0.46
C14 CPL J . -25.79 -37.04 -0.83
C15 CPL J . -26.16 -38.04 0.28
C31 CPL J . -29.18 -33.06 4.66
C32 CPL J . -28.90 -33.11 6.17
C33 CPL J . -27.76 -34.08 6.51
C34 CPL J . -27.42 -34.08 8.02
C35 CPL J . -26.30 -35.08 8.34
N CPL J . -28.85 -25.14 0.13
O2 CPL J . -28.19 -32.40 3.99
O3 CPL J . -26.60 -33.33 1.61
O11 CPL J . -24.79 -32.59 0.44
O31 CPL J . -30.16 -33.56 4.14
O1P CPL J . -27.21 -27.66 3.81
O2P CPL J . -26.84 -28.90 1.75
O3P CPL J . -28.67 -29.71 3.34
O4P CPL J . -29.07 -27.68 2.07
P CPL J . -27.85 -28.47 2.75
HC11 CPL J . -29.27 -30.41 1.45
HC12 CPL J . -30.25 -30.96 2.81
HC2 CPL J . -28.97 -32.85 2.08
HC31 CPL J . -27.11 -31.40 0.98
HC32 CPL J . -26.30 -31.48 2.55
HC41 CPL J . -30.28 -27.48 0.38
HC42 CPL J . -28.97 -28.65 0.23
HC51 CPL J . -27.34 -26.64 0.45
HC52 CPL J . -28.25 -26.80 -1.05
HC61 CPL J . -28.16 -24.85 2.14
HC62 CPL J . -29.85 -25.38 2.01
HC63 CPL J . -29.42 -23.70 1.62
HC71 CPL J . -28.13 -23.18 -0.39
HC72 CPL J . -26.86 -24.33 0.12
HC73 CPL J . -27.60 -24.49 -1.50
HC81 CPL J . -30.43 -23.90 -0.61
HC82 CPL J . -29.98 -25.23 -1.69
HC83 CPL J . -30.93 -25.56 -0.22
H121 CPL J . -24.14 -35.09 0.33
H122 CPL J . -25.33 -35.51 1.57
H131 CPL J . -26.04 -34.96 -1.37
H132 CPL J . -27.17 -35.51 -0.14
H141 CPL J . -26.31 -37.31 -1.74
H142 CPL J . -24.71 -37.12 -1.04
H151 CPL J . -25.99 -39.06 -0.06
H152 CPL J . -25.58 -37.87 1.19
H321 CPL J . -28.65 -32.10 6.49
H322 CPL J . -29.83 -33.40 6.68
H331 CPL J . -26.87 -33.82 5.94
H332 CPL J . -28.05 -35.10 6.21
H341 CPL J . -27.11 -33.07 8.30
H342 CPL J . -28.31 -34.31 8.61
H351 CPL J . -25.41 -34.86 7.74
H352 CPL J . -26.02 -35.03 9.40
C1 CPL K . -38.12 -40.23 -1.95
C2 CPL K . -37.24 -40.94 -0.88
C3 CPL K . -36.99 -40.05 0.37
C4 CPL K . -39.52 -36.37 -0.50
C5 CPL K . -39.54 -37.37 0.70
C6 CPL K . -38.16 -36.08 2.39
C7 CPL K . -40.67 -35.81 2.32
C8 CPL K . -39.67 -37.95 3.09
C11 CPL K . -34.60 -40.25 0.69
C12 CPL K . -33.54 -40.87 1.58
C13 CPL K . -33.02 -42.20 1.00
C14 CPL K . -31.96 -42.86 1.90
C15 CPL K . -31.44 -44.18 1.31
C31 CPL K . -37.85 -43.27 -1.21
C32 CPL K . -38.44 -44.48 -0.51
C33 CPL K . -37.48 -45.05 0.57
C34 CPL K . -36.17 -45.60 -0.03
C35 CPL K . -35.25 -46.20 1.04
N CPL K . -39.50 -36.78 2.11
O2 CPL K . -37.86 -42.16 -0.43
O3 CPL K . -35.85 -40.57 1.11
O11 CPL K . -34.36 -39.53 -0.26
O31 CPL K . -37.41 -43.31 -2.35
O1P CPL K . -39.84 -38.65 -3.61
O2P CPL K . -41.40 -38.36 -1.79
O3P CPL K . -39.14 -39.47 -1.31
O4P CPL K . -39.21 -37.05 -1.74
P CPL K . -39.97 -38.40 -2.17
HC11 CPL K . -37.48 -39.57 -2.55
HC12 CPL K . -38.56 -40.97 -2.62
HC2 CPL K . -36.27 -41.18 -1.34
HC31 CPL K . -37.89 -40.08 0.98
HC32 CPL K . -36.82 -39.01 0.07
HC41 CPL K . -40.50 -35.88 -0.57
HC42 CPL K . -38.77 -35.59 -0.31
HC51 CPL K . -40.43 -37.99 0.62
HC52 CPL K . -38.67 -38.01 0.60
HC61 CPL K . -38.09 -35.20 1.74
HC62 CPL K . -38.12 -35.78 3.43
HC63 CPL K . -37.35 -36.77 2.17
HC71 CPL K . -40.70 -35.49 3.37
HC72 CPL K . -40.55 -34.94 1.68
HC73 CPL K . -41.60 -36.32 2.07
HC81 CPL K . -38.85 -38.65 2.96
HC82 CPL K . -39.66 -37.56 4.11
HC83 CPL K . -40.62 -38.45 2.89
H121 CPL K . -32.71 -40.16 1.69
H122 CPL K . -33.96 -41.04 2.58
H131 CPL K . -33.86 -42.89 0.85
H132 CPL K . -32.58 -42.02 0.01
H141 CPL K . -31.11 -42.18 2.04
H142 CPL K . -32.39 -43.05 2.89
H151 CPL K . -30.70 -44.63 1.97
H152 CPL K . -32.26 -44.89 1.18
H321 CPL K . -38.68 -45.25 -1.25
H322 CPL K . -39.39 -44.18 -0.04
H331 CPL K . -37.25 -44.28 1.31
H332 CPL K . -38.00 -45.85 1.11
H341 CPL K . -36.41 -46.38 -0.78
H342 CPL K . -35.65 -44.81 -0.56
H351 CPL K . -34.32 -46.57 0.59
H352 CPL K . -35.74 -47.03 1.55
C1 CPL L . 31.01 -2.42 -6.16
C2 CPL L . 31.71 -3.03 -4.92
C3 CPL L . 32.86 -4.01 -5.29
C4 CPL L . 31.77 -2.92 -10.12
C5 CPL L . 32.60 -3.92 -9.28
C6 CPL L . 34.87 -3.59 -10.29
C7 CPL L . 34.32 -5.70 -9.09
C8 CPL L . 33.31 -5.23 -11.31
C11 CPL L . 32.70 -5.76 -3.50
C12 CPL L . 31.62 -6.47 -4.35
C13 CPL L . 30.94 -7.67 -3.62
C14 CPL L . 29.89 -8.39 -4.49
C15 CPL L . 30.52 -9.27 -5.60
C31 CPL L . 32.19 -1.94 -2.78
C32 CPL L . 32.84 -0.70 -2.16
C33 CPL L . 34.36 -0.61 -2.45
C34 CPL L . 35.08 0.47 -1.59
C35 CPL L . 34.51 1.90 -1.79
N CPL L . 33.76 -4.60 -10.00
O2 CPL L . 32.27 -1.92 -4.14
O3 CPL L . 33.34 -4.70 -4.10
O11 CPL L . 33.01 -6.14 -2.38
O31 CPL L . 31.61 -2.79 -2.12
O1P CPL L . 30.37 -0.08 -7.95
O2P CPL L . 32.58 -0.26 -8.94
O3P CPL L . 31.98 -1.90 -7.08
O4P CPL L . 30.88 -2.15 -9.28
P CPL L . 31.47 -1.01 -8.32
HC11 CPL L . 30.41 -3.20 -6.66
HC12 CPL L . 30.34 -1.62 -5.83
HC2 CPL L . 30.94 -3.55 -4.33
HC31 CPL L . 33.68 -3.42 -5.71
HC32 CPL L . 32.53 -4.71 -6.06
HC41 CPL L . 32.45 -2.25 -10.68
HC42 CPL L . 31.18 -3.48 -10.86
HC51 CPL L . 31.92 -4.69 -8.91
HC52 CPL L . 33.02 -3.40 -8.42
HC61 CPL L . 34.50 -2.82 -10.96
HC62 CPL L . 35.71 -4.11 -10.76
HC63 CPL L . 35.21 -3.15 -9.35
HC71 CPL L . 35.17 -6.18 -9.59
HC72 CPL L . 34.66 -5.26 -8.16
HC73 CPL L . 33.54 -6.43 -8.90
HC81 CPL L . 32.99 -4.45 -12.00
HC82 CPL L . 32.49 -5.92 -11.12
HC83 CPL L . 34.15 -5.77 -11.76
H121 CPL L . 30.85 -5.75 -4.65
H122 CPL L . 32.11 -6.83 -5.26
H131 CPL L . 31.70 -8.38 -3.29
H132 CPL L . 30.45 -7.29 -2.71
H141 CPL L . 29.20 -7.67 -4.93
H142 CPL L . 29.28 -9.03 -3.84
H151 CPL L . 29.75 -9.85 -6.12
H152 CPL L . 31.23 -9.98 -5.17
H321 CPL L . 32.34 0.19 -2.56
H322 CPL L . 32.67 -0.71 -1.08
H331 CPL L . 34.82 -1.57 -2.23
H332 CPL L . 34.53 -0.41 -3.51
H341 CPL L . 35.03 0.20 -0.53
H342 CPL L . 36.14 0.48 -1.85
H351 CPL L . 35.16 2.63 -1.29
H352 CPL L . 34.46 2.15 -2.85
C1 CPL M . 24.08 -12.54 -8.11
C2 CPL M . 23.97 -12.43 -6.56
C3 CPL M . 23.77 -13.82 -5.85
C4 CPL M . 20.75 -13.76 -10.87
C5 CPL M . 20.23 -12.47 -11.58
C6 CPL M . 21.03 -13.19 -13.87
C7 CPL M . 18.67 -13.52 -13.23
C8 CPL M . 19.51 -11.24 -13.62
C11 CPL M . 25.60 -15.27 -6.58
C12 CPL M . 27.02 -15.70 -6.20
C13 CPL M . 28.02 -15.70 -7.39
C14 CPL M . 28.17 -14.34 -8.11
C15 CPL M . 28.50 -13.16 -7.18
C31 CPL M . 25.20 -11.29 -4.81
C32 CPL M . 26.58 -10.71 -4.45
C33 CPL M . 27.18 -11.33 -3.16
C34 CPL M . 27.60 -12.80 -3.34
C35 CPL M . 28.27 -13.38 -2.08
N CPL M . 19.88 -12.61 -13.06
O2 CPL M . 25.17 -11.78 -6.08
O3 CPL M . 25.06 -14.46 -5.63
O11 CPL M . 25.03 -15.61 -7.61
O31 CPL M . 24.25 -11.30 -4.04
O1P CPL M . 20.99 -12.53 -7.18
O2P CPL M . 21.35 -11.20 -9.17
O3P CPL M . 22.92 -13.18 -8.71
O4P CPL M . 20.65 -13.64 -9.44
P CPL M . 21.46 -12.55 -8.59
HC11 CPL M . 24.20 -11.54 -8.53
HC12 CPL M . 24.98 -13.11 -8.37
HC2 CPL M . 23.11 -11.79 -6.33
HC31 CPL M . 23.29 -13.63 -4.88
HC32 CPL M . 23.10 -14.45 -6.42
HC41 CPL M . 20.14 -14.60 -11.21
HC42 CPL M . 21.78 -13.96 -11.16
HC51 CPL M . 20.99 -11.69 -11.49
HC52 CPL M . 19.34 -12.13 -11.07
HC61 CPL M . 21.24 -14.20 -13.53
HC62 CPL M . 21.92 -12.56 -13.75
HC63 CPL M . 20.74 -13.22 -14.93
HC71 CPL M . 18.90 -14.52 -12.88
HC72 CPL M . 17.84 -13.13 -12.63
HC73 CPL M . 18.39 -13.55 -14.27
HC81 CPL M . 20.36 -10.57 -13.51
HC82 CPL M . 18.67 -10.84 -13.04
HC83 CPL M . 19.23 -11.33 -14.66
H121 CPL M . 27.39 -15.04 -5.40
H122 CPL M . 26.95 -16.70 -5.77
H131 CPL M . 29.00 -16.01 -7.02
H132 CPL M . 27.71 -16.45 -8.12
H141 CPL M . 27.25 -14.12 -8.68
H142 CPL M . 28.98 -14.43 -8.85
H151 CPL M . 28.71 -12.25 -7.75
H152 CPL M . 29.35 -13.37 -6.55
H321 CPL M . 27.26 -10.86 -5.29
H322 CPL M . 26.45 -9.63 -4.33
H331 CPL M . 26.46 -11.25 -2.34
H332 CPL M . 28.06 -10.73 -2.87
H341 CPL M . 26.72 -13.40 -3.61
H342 CPL M . 28.31 -12.88 -4.18
H351 CPL M . 28.52 -14.43 -2.23
H352 CPL M . 27.59 -13.32 -1.22
C1 CPL N . 19.41 19.39 25.56
C2 CPL N . 19.85 18.51 26.79
C3 CPL N . 21.41 18.48 27.03
C4 CPL N . 15.84 19.75 23.23
C5 CPL N . 16.90 20.86 23.03
C6 CPL N . 15.34 22.82 22.81
C7 CPL N . 16.29 22.26 25.04
C8 CPL N . 17.74 23.17 23.24
C11 CPL N . 23.30 17.20 26.01
C12 CPL N . 23.68 16.72 27.43
C13 CPL N . 24.94 15.82 27.49
C14 CPL N . 25.17 15.24 28.91
C15 CPL N . 26.42 14.34 28.99
C31 CPL N . 19.38 20.19 28.53
C32 CPL N . 18.64 20.34 29.87
C33 CPL N . 18.63 21.79 30.41
C34 CPL N . 17.98 21.90 31.81
C35 CPL N . 18.91 21.41 32.95
N CPL N . 16.55 22.27 23.54
O2 CPL N . 19.20 18.93 28.01
O3 CPL N . 22.08 17.83 25.91
O11 CPL N . 24.00 16.99 25.05
O31 CPL N . 20.04 21.07 28.01
O1P CPL N . 17.34 17.42 24.41
O2P CPL N . 16.38 17.91 26.59
O3P CPL N . 17.98 19.65 25.56
O4P CPL N . 15.74 19.36 24.61
P CPL N . 16.88 18.50 25.33
HC11 CPL N . 19.96 20.34 25.59
HC12 CPL N . 19.70 18.88 24.63
HC2 CPL N . 19.54 17.48 26.58
HC31 CPL N . 21.79 19.50 27.17
HC32 CPL N . 21.55 17.94 27.96
HC41 CPL N . 14.86 20.11 22.88
HC42 CPL N . 16.10 18.88 22.61
HC51 CPL N . 17.08 20.96 21.96
HC52 CPL N . 17.84 20.56 23.49
HC61 CPL N . 14.47 22.21 23.03
HC62 CPL N . 15.16 23.85 23.15
HC63 CPL N . 15.53 22.82 21.74
HC71 CPL N . 15.42 21.62 25.24
HC72 CPL N . 17.17 21.87 25.56
HC73 CPL N . 16.08 23.28 25.37
HC81 CPL N . 17.89 23.22 22.17
HC82 CPL N . 17.53 24.17 23.62
HC83 CPL N . 18.63 22.76 23.71
H121 CPL N . 23.82 17.59 28.07
H122 CPL N . 22.83 16.15 27.82
H131 CPL N . 24.84 15.00 26.77
H132 CPL N . 25.82 16.41 27.19
H141 CPL N . 25.28 16.07 29.62
H142 CPL N . 24.28 14.68 29.22
H151 CPL N . 26.47 13.87 29.97
H152 CPL N . 26.37 13.55 28.24
H321 CPL N . 17.63 19.97 29.74
H322 CPL N . 19.13 19.67 30.58
H331 CPL N . 19.65 22.19 30.44
H332 CPL N . 18.07 22.42 29.71
H341 CPL N . 17.73 22.95 32.01
H342 CPL N . 17.03 21.35 31.83
H351 CPL N . 18.42 21.54 33.92
H352 CPL N . 19.84 21.98 32.95
C1 CPL O . 17.90 31.35 29.74
C2 CPL O . 17.29 31.71 28.35
C3 CPL O . 17.81 30.79 27.20
C4 CPL O . 22.16 30.07 28.93
C5 CPL O . 23.37 30.72 29.65
C6 CPL O . 25.44 30.58 31.01
C7 CPL O . 23.75 28.78 31.23
C8 CPL O . 25.14 29.01 29.15
C11 CPL O . 18.72 28.52 27.26
C12 CPL O . 18.34 27.06 27.43
C13 CPL O . 19.26 26.09 26.61
C14 CPL O . 18.74 24.64 26.62
C15 CPL O . 19.73 23.69 25.93
C31 CPL O . 15.08 32.44 29.13
C32 CPL O . 13.68 31.88 29.33
C33 CPL O . 13.69 30.40 29.78
C34 CPL O . 12.29 29.83 30.01
C35 CPL O . 12.36 28.32 30.28
N CPL O . 24.40 29.76 30.25
O2 CPL O . 15.85 31.56 28.43
O3 CPL O . 17.68 29.38 27.54
O11 CPL O . 19.81 28.88 26.84
O31 CPL O . 15.46 33.51 29.56
O1P CPL O . 19.87 33.18 28.48
O2P CPL O . 21.12 32.57 30.46
O3P CPL O . 19.28 30.98 29.65
O4P CPL O . 21.32 31.10 28.36
P CPL O . 20.42 32.05 29.27
HC11 CPL O . 17.77 32.19 30.43
HC12 CPL O . 17.33 30.51 30.15
HC2 CPL O . 17.52 32.75 28.09
HC31 CPL O . 17.24 31.01 26.30
HC32 CPL O . 18.86 31.06 27.00
HC41 CPL O . 21.58 29.46 29.62
HC42 CPL O . 22.52 29.42 28.13
HC51 CPL O . 22.99 31.34 30.46
HC52 CPL O . 23.89 31.37 28.95
HC61 CPL O . 24.93 31.15 31.78
HC62 CPL O . 25.92 31.27 30.32
HC63 CPL O . 26.18 29.92 31.45
HC71 CPL O . 24.53 28.15 31.67
HC72 CPL O . 23.04 28.16 30.70
HC73 CPL O . 23.26 29.35 32.01
HC81 CPL O . 25.67 29.71 28.52
HC82 CPL O . 25.86 28.32 29.61
HC83 CPL O . 24.44 28.44 28.55
H121 CPL O . 18.40 26.81 28.50
H122 CPL O . 17.29 26.93 27.13
H131 CPL O . 20.27 26.12 27.01
H132 CPL O . 19.30 26.43 25.57
H141 CPL O . 18.59 24.31 27.66
H142 CPL O . 17.77 24.59 26.12
H151 CPL O . 19.30 22.68 25.86
H152 CPL O . 20.65 23.63 26.50
H321 CPL O . 13.17 32.50 30.09
H322 CPL O . 13.13 31.99 28.39
H331 CPL O . 14.28 30.31 30.70
H332 CPL O . 14.19 29.79 29.03
H341 CPL O . 11.82 30.34 30.86
H342 CPL O . 11.66 30.02 29.13
H351 CPL O . 11.36 27.92 30.48
H352 CPL O . 12.76 27.79 29.42
#